data_7XN3
#
_entry.id   7XN3
#
_cell.length_a   1.00
_cell.length_b   1.00
_cell.length_c   1.00
_cell.angle_alpha   90.00
_cell.angle_beta   90.00
_cell.angle_gamma   90.00
#
_symmetry.space_group_name_H-M   'P 1'
#
loop_
_entity.id
_entity.type
_entity.pdbx_description
1 polymer 'Ribose-phosphate pyrophosphokinase'
2 non-polymer 'PHOSPHATE ION'
3 water water
#
_entity_poly.entity_id   1
_entity_poly.type   'polypeptide(L)'
_entity_poly.pdbx_seq_one_letter_code
;MPDMKLFAGNATPELAQRIANRLYTSLGDAAVGRFSDGEVSVQINENVRGGDIFIIQSTCAPTNDNLMELVVMVDALRRA
SAGRITAVIPYFGYARQDRRVRSARVPITAKVVADFLSSVGVDRVLTVDLHAEQIQGFFDVPVDNVFGSPILLEDMLQLN
LDNPIVVSPDIGGVVRARAIAKLLNDTDMAIIDKRRPRANVSQVMHIIGDVAGRDCVLVDDMIDTGGTLCKAAEALKERG
AKRVFAYATHPIFSGNAANNLRNSVIDEVVVCDTIPLSDEIKSLPNVRTLTLSGMLAEAIRRISNEESISAMFEHHHHHH
H
;
_entity_poly.pdbx_strand_id   A,B,F,E,C,D
#
loop_
_chem_comp.id
_chem_comp.type
_chem_comp.name
_chem_comp.formula
PO4 non-polymer 'PHOSPHATE ION' 'O4 P -3'
#
# COMPACT_ATOMS: atom_id res chain seq x y z
N ASP A 3 5.24 -8.85 -29.66
CA ASP A 3 5.96 -8.00 -28.71
C ASP A 3 6.52 -8.82 -27.56
N MET A 4 6.64 -10.13 -27.77
CA MET A 4 7.16 -11.03 -26.76
C MET A 4 8.68 -11.07 -26.80
N LYS A 5 9.31 -10.87 -25.65
CA LYS A 5 10.76 -10.96 -25.52
C LYS A 5 11.11 -11.91 -24.39
N LEU A 6 12.20 -12.64 -24.56
CA LEU A 6 12.64 -13.64 -23.61
C LEU A 6 14.01 -13.25 -23.06
N PHE A 7 14.14 -13.28 -21.73
CA PHE A 7 15.41 -13.03 -21.07
C PHE A 7 15.70 -14.17 -20.12
N ALA A 8 16.98 -14.36 -19.83
CA ALA A 8 17.41 -15.45 -18.96
C ALA A 8 18.53 -14.96 -18.06
N GLY A 9 18.65 -15.61 -16.90
CA GLY A 9 19.72 -15.31 -15.98
C GLY A 9 20.86 -16.29 -16.10
N ASN A 10 21.34 -16.79 -14.96
CA ASN A 10 22.45 -17.72 -14.95
C ASN A 10 22.11 -19.05 -14.30
N ALA A 11 20.89 -19.22 -13.81
CA ALA A 11 20.51 -20.49 -13.18
C ALA A 11 20.30 -21.58 -14.23
N THR A 12 19.37 -21.35 -15.15
CA THR A 12 19.01 -22.33 -16.19
C THR A 12 19.20 -21.68 -17.55
N PRO A 13 20.43 -21.66 -18.07
CA PRO A 13 20.64 -21.09 -19.41
C PRO A 13 20.30 -22.06 -20.52
N GLU A 14 20.54 -23.35 -20.29
CA GLU A 14 20.20 -24.37 -21.30
C GLU A 14 18.71 -24.52 -21.50
N LEU A 15 17.94 -24.58 -20.41
CA LEU A 15 16.49 -24.66 -20.54
C LEU A 15 15.93 -23.42 -21.20
N ALA A 16 16.47 -22.25 -20.86
CA ALA A 16 16.03 -21.02 -21.50
C ALA A 16 16.33 -21.04 -22.99
N GLN A 17 17.50 -21.55 -23.38
CA GLN A 17 17.82 -21.66 -24.80
C GLN A 17 16.89 -22.62 -25.51
N ARG A 18 16.55 -23.74 -24.86
CA ARG A 18 15.62 -24.69 -25.47
C ARG A 18 14.25 -24.07 -25.66
N ILE A 19 13.76 -23.34 -24.66
CA ILE A 19 12.46 -22.68 -24.80
C ILE A 19 12.51 -21.64 -25.91
N ALA A 20 13.60 -20.88 -25.99
CA ALA A 20 13.72 -19.88 -27.05
C ALA A 20 13.77 -20.54 -28.43
N ASN A 21 14.42 -21.70 -28.54
CA ASN A 21 14.44 -22.41 -29.81
C ASN A 21 13.06 -22.89 -30.20
N ARG A 22 12.30 -23.43 -29.24
CA ARG A 22 10.96 -23.91 -29.56
C ARG A 22 9.97 -22.78 -29.84
N LEU A 23 10.30 -21.55 -29.47
CA LEU A 23 9.46 -20.40 -29.79
C LEU A 23 9.92 -19.69 -31.07
N TYR A 24 10.93 -20.23 -31.75
CA TYR A 24 11.46 -19.65 -32.98
C TYR A 24 11.92 -18.21 -32.75
N THR A 25 12.52 -17.96 -31.60
CA THR A 25 13.02 -16.64 -31.25
C THR A 25 14.41 -16.81 -30.65
N SER A 26 14.94 -15.73 -30.10
CA SER A 26 16.25 -15.75 -29.45
C SER A 26 16.17 -15.01 -28.12
N LEU A 27 17.05 -15.39 -27.20
CA LEU A 27 17.09 -14.73 -25.90
C LEU A 27 17.49 -13.28 -26.06
N GLY A 28 16.92 -12.42 -25.22
CA GLY A 28 17.24 -11.01 -25.28
C GLY A 28 18.68 -10.74 -24.90
N ASP A 29 19.12 -9.52 -25.21
CA ASP A 29 20.51 -9.11 -24.98
C ASP A 29 20.56 -8.38 -23.65
N ALA A 30 20.82 -9.12 -22.58
CA ALA A 30 21.01 -8.57 -21.26
C ALA A 30 22.26 -9.17 -20.65
N ALA A 31 23.14 -8.33 -20.13
CA ALA A 31 24.38 -8.78 -19.52
C ALA A 31 24.14 -8.94 -18.02
N VAL A 32 23.94 -10.18 -17.60
CA VAL A 32 23.70 -10.51 -16.19
C VAL A 32 24.97 -11.17 -15.67
N GLY A 33 25.66 -10.49 -14.75
CA GLY A 33 26.90 -11.00 -14.22
C GLY A 33 27.14 -10.56 -12.80
N ARG A 34 28.35 -10.78 -12.29
CA ARG A 34 28.72 -10.47 -10.92
C ARG A 34 29.78 -9.39 -10.91
N PHE A 35 29.70 -8.48 -9.94
CA PHE A 35 30.79 -7.56 -9.70
C PHE A 35 31.91 -8.26 -8.96
N SER A 36 32.97 -7.52 -8.65
CA SER A 36 34.13 -8.10 -7.98
C SER A 36 33.76 -8.57 -6.57
N ASP A 37 32.91 -7.83 -5.88
CA ASP A 37 32.55 -8.11 -4.50
C ASP A 37 31.37 -9.08 -4.37
N GLY A 38 30.82 -9.57 -5.48
CA GLY A 38 29.77 -10.56 -5.45
C GLY A 38 28.37 -10.04 -5.66
N GLU A 39 28.18 -8.73 -5.79
CA GLU A 39 26.87 -8.18 -6.04
C GLU A 39 26.43 -8.44 -7.47
N VAL A 40 25.13 -8.63 -7.65
CA VAL A 40 24.58 -8.93 -8.98
C VAL A 40 24.63 -7.69 -9.85
N SER A 41 25.16 -7.85 -11.06
CA SER A 41 25.22 -6.78 -12.05
C SER A 41 24.28 -7.14 -13.19
N VAL A 42 23.36 -6.23 -13.51
CA VAL A 42 22.38 -6.46 -14.57
C VAL A 42 22.28 -5.20 -15.40
N GLN A 43 22.26 -5.35 -16.72
CA GLN A 43 22.04 -4.23 -17.62
C GLN A 43 21.38 -4.76 -18.88
N ILE A 44 20.42 -4.00 -19.39
CA ILE A 44 19.63 -4.41 -20.54
C ILE A 44 20.14 -3.66 -21.76
N ASN A 45 20.56 -4.41 -22.78
CA ASN A 45 21.09 -3.81 -24.00
C ASN A 45 20.07 -3.75 -25.12
N GLU A 46 18.85 -4.22 -24.89
CA GLU A 46 17.77 -4.17 -25.86
C GLU A 46 16.78 -3.07 -25.49
N ASN A 47 15.84 -2.82 -26.40
CA ASN A 47 14.74 -1.91 -26.15
C ASN A 47 13.52 -2.74 -25.79
N VAL A 48 13.06 -2.63 -24.55
CA VAL A 48 11.96 -3.44 -24.05
C VAL A 48 10.73 -2.59 -23.73
N ARG A 49 10.64 -1.40 -24.30
CA ARG A 49 9.54 -0.50 -23.98
C ARG A 49 8.24 -1.04 -24.54
N GLY A 50 7.24 -1.18 -23.69
CA GLY A 50 5.95 -1.69 -24.09
C GLY A 50 5.92 -3.16 -24.43
N GLY A 51 7.04 -3.87 -24.29
CA GLY A 51 7.09 -5.26 -24.67
C GLY A 51 6.49 -6.17 -23.63
N ASP A 52 6.33 -7.44 -24.03
CA ASP A 52 5.78 -8.48 -23.17
C ASP A 52 6.95 -9.37 -22.75
N ILE A 53 7.50 -9.12 -21.57
CA ILE A 53 8.78 -9.70 -21.17
C ILE A 53 8.55 -10.95 -20.35
N PHE A 54 9.35 -11.98 -20.61
CA PHE A 54 9.37 -13.20 -19.81
C PHE A 54 10.78 -13.44 -19.33
N ILE A 55 10.93 -13.72 -18.03
CA ILE A 55 12.22 -13.99 -17.43
C ILE A 55 12.23 -15.45 -16.99
N ILE A 56 13.16 -16.21 -17.53
CA ILE A 56 13.29 -17.63 -17.24
C ILE A 56 14.43 -17.77 -16.25
N GLN A 57 14.11 -18.01 -14.99
CA GLN A 57 15.11 -18.00 -13.92
C GLN A 57 14.59 -18.88 -12.80
N SER A 58 15.12 -20.10 -12.72
CA SER A 58 14.81 -20.98 -11.60
C SER A 58 15.59 -20.53 -10.37
N THR A 59 14.95 -20.62 -9.21
CA THR A 59 15.60 -20.26 -7.95
C THR A 59 16.19 -21.51 -7.28
N CYS A 60 17.08 -22.17 -8.01
CA CYS A 60 17.77 -23.36 -7.54
C CYS A 60 19.12 -22.97 -6.95
N ALA A 61 19.83 -23.97 -6.45
CA ALA A 61 21.10 -23.72 -5.76
C ALA A 61 22.14 -23.16 -6.72
N PRO A 62 22.83 -22.06 -6.37
CA PRO A 62 22.69 -21.26 -5.14
C PRO A 62 21.44 -20.40 -5.12
N THR A 63 20.56 -20.62 -4.14
CA THR A 63 19.23 -20.04 -4.18
C THR A 63 19.27 -18.52 -4.08
N ASN A 64 20.10 -18.00 -3.16
CA ASN A 64 20.06 -16.56 -2.89
C ASN A 64 20.59 -15.76 -4.08
N ASP A 65 21.67 -16.21 -4.69
CA ASP A 65 22.21 -15.52 -5.85
C ASP A 65 21.21 -15.53 -7.01
N ASN A 66 20.57 -16.67 -7.26
CA ASN A 66 19.59 -16.76 -8.34
C ASN A 66 18.39 -15.86 -8.08
N LEU A 67 17.89 -15.84 -6.85
CA LEU A 67 16.75 -14.98 -6.53
C LEU A 67 17.12 -13.50 -6.66
N MET A 68 18.34 -13.14 -6.24
CA MET A 68 18.76 -11.75 -6.37
C MET A 68 18.91 -11.36 -7.84
N GLU A 69 19.44 -12.25 -8.67
CA GLU A 69 19.49 -12.02 -10.10
C GLU A 69 18.08 -11.77 -10.65
N LEU A 70 17.12 -12.61 -10.22
CA LEU A 70 15.76 -12.49 -10.71
C LEU A 70 15.16 -11.13 -10.36
N VAL A 71 15.27 -10.73 -9.08
CA VAL A 71 14.61 -9.48 -8.68
C VAL A 71 15.34 -8.27 -9.28
N VAL A 72 16.65 -8.35 -9.45
CA VAL A 72 17.38 -7.24 -10.05
C VAL A 72 17.04 -7.11 -11.53
N MET A 73 16.89 -8.23 -12.24
CA MET A 73 16.43 -8.15 -13.62
C MET A 73 15.02 -7.59 -13.71
N VAL A 74 14.15 -7.98 -12.79
CA VAL A 74 12.79 -7.45 -12.80
C VAL A 74 12.81 -5.95 -12.61
N ASP A 75 13.62 -5.46 -11.67
CA ASP A 75 13.69 -4.02 -11.44
C ASP A 75 14.27 -3.28 -12.65
N ALA A 76 15.32 -3.85 -13.26
CA ALA A 76 15.93 -3.22 -14.43
C ALA A 76 14.95 -3.16 -15.59
N LEU A 77 14.13 -4.19 -15.77
CA LEU A 77 13.15 -4.18 -16.85
C LEU A 77 11.97 -3.28 -16.53
N ARG A 78 11.59 -3.18 -15.26
CA ARG A 78 10.49 -2.31 -14.89
C ARG A 78 10.86 -0.85 -15.04
N ARG A 79 12.11 -0.48 -14.77
CA ARG A 79 12.53 0.89 -14.96
C ARG A 79 12.83 1.22 -16.42
N ALA A 80 12.81 0.23 -17.31
CA ALA A 80 13.00 0.43 -18.73
C ALA A 80 11.67 0.47 -19.48
N SER A 81 10.57 0.65 -18.75
CA SER A 81 9.24 0.83 -19.33
C SER A 81 8.74 -0.44 -20.03
N ALA A 82 9.09 -1.60 -19.49
CA ALA A 82 8.53 -2.84 -20.00
C ALA A 82 7.04 -2.89 -19.75
N GLY A 83 6.31 -3.44 -20.71
CA GLY A 83 4.86 -3.50 -20.60
C GLY A 83 4.37 -4.41 -19.50
N ARG A 84 4.60 -5.70 -19.66
CA ARG A 84 4.26 -6.69 -18.66
C ARG A 84 5.45 -7.59 -18.43
N ILE A 85 5.71 -7.93 -17.17
CA ILE A 85 6.81 -8.79 -16.79
C ILE A 85 6.24 -10.07 -16.21
N THR A 86 6.55 -11.20 -16.84
CA THR A 86 6.19 -12.51 -16.34
C THR A 86 7.45 -13.22 -15.91
N ALA A 87 7.46 -13.74 -14.68
CA ALA A 87 8.60 -14.46 -14.14
C ALA A 87 8.33 -15.95 -14.30
N VAL A 88 9.00 -16.56 -15.26
CA VAL A 88 8.90 -18.01 -15.46
C VAL A 88 9.91 -18.66 -14.53
N ILE A 89 9.41 -19.26 -13.44
CA ILE A 89 10.27 -19.88 -12.45
C ILE A 89 10.00 -21.38 -12.45
N PRO A 90 10.77 -22.16 -13.20
CA PRO A 90 10.49 -23.61 -13.27
C PRO A 90 10.52 -24.30 -11.92
N TYR A 91 11.37 -23.85 -11.00
CA TYR A 91 11.38 -24.39 -9.65
C TYR A 91 11.41 -23.24 -8.66
N PHE A 92 10.38 -23.16 -7.81
CA PHE A 92 10.30 -22.12 -6.80
C PHE A 92 11.11 -22.55 -5.58
N GLY A 93 12.05 -21.71 -5.16
CA GLY A 93 13.05 -22.11 -4.20
C GLY A 93 12.61 -22.23 -2.76
N TYR A 94 12.26 -21.11 -2.13
CA TYR A 94 11.99 -21.11 -0.70
C TYR A 94 10.57 -21.57 -0.40
N ALA A 95 10.16 -22.71 -0.93
CA ALA A 95 8.77 -23.14 -0.80
C ALA A 95 8.60 -24.56 -0.30
N ARG A 96 9.68 -25.23 0.09
CA ARG A 96 9.57 -26.61 0.53
C ARG A 96 8.84 -26.70 1.86
N GLN A 97 7.97 -27.69 1.98
CA GLN A 97 7.24 -27.93 3.22
C GLN A 97 7.80 -29.06 4.06
N ASP A 98 8.54 -29.98 3.45
CA ASP A 98 9.16 -31.07 4.19
C ASP A 98 10.51 -30.66 4.77
N ARG A 99 10.54 -29.52 5.47
CA ARG A 99 11.70 -29.15 6.27
C ARG A 99 11.16 -28.35 7.45
N ARG A 100 10.96 -29.05 8.58
CA ARG A 100 10.39 -28.40 9.77
C ARG A 100 11.22 -28.85 10.96
N VAL A 101 12.11 -27.97 11.42
CA VAL A 101 12.78 -28.14 12.69
C VAL A 101 11.94 -27.45 13.76
N ARG A 102 11.77 -28.11 14.91
CA ARG A 102 10.73 -27.72 15.86
C ARG A 102 11.26 -26.60 16.76
N SER A 103 10.86 -25.37 16.44
CA SER A 103 10.99 -24.24 17.36
C SER A 103 9.74 -23.38 17.42
N ALA A 104 8.87 -23.44 16.42
CA ALA A 104 7.58 -22.75 16.38
C ALA A 104 7.74 -21.26 16.22
N ARG A 105 8.98 -20.76 16.30
CA ARG A 105 9.30 -19.38 15.95
C ARG A 105 10.15 -19.43 14.69
N VAL A 106 9.47 -19.51 13.55
CA VAL A 106 10.14 -19.69 12.27
C VAL A 106 9.50 -18.75 11.26
N PRO A 107 10.20 -18.36 10.20
CA PRO A 107 9.57 -17.52 9.17
C PRO A 107 8.79 -18.37 8.17
N ILE A 108 8.01 -17.67 7.35
CA ILE A 108 7.41 -18.27 6.17
C ILE A 108 8.12 -17.69 4.96
N THR A 109 9.14 -18.40 4.49
CA THR A 109 10.02 -17.83 3.46
C THR A 109 9.34 -17.75 2.10
N ALA A 110 8.41 -18.65 1.81
CA ALA A 110 7.66 -18.54 0.55
C ALA A 110 6.86 -17.24 0.51
N LYS A 111 6.28 -16.85 1.65
CA LYS A 111 5.58 -15.59 1.73
C LYS A 111 6.53 -14.41 1.51
N VAL A 112 7.74 -14.50 2.07
CA VAL A 112 8.71 -13.42 1.91
C VAL A 112 9.09 -13.26 0.44
N VAL A 113 9.36 -14.38 -0.24
CA VAL A 113 9.73 -14.34 -1.64
C VAL A 113 8.58 -13.82 -2.49
N ALA A 114 7.35 -14.25 -2.20
CA ALA A 114 6.21 -13.77 -2.96
C ALA A 114 6.00 -12.27 -2.80
N ASP A 115 6.11 -11.77 -1.56
CA ASP A 115 5.97 -10.33 -1.35
C ASP A 115 7.07 -9.55 -2.02
N PHE A 116 8.30 -10.06 -2.00
CA PHE A 116 9.39 -9.32 -2.64
C PHE A 116 9.23 -9.32 -4.15
N LEU A 117 8.79 -10.43 -4.72
CA LEU A 117 8.51 -10.47 -6.15
C LEU A 117 7.42 -9.48 -6.53
N SER A 118 6.36 -9.42 -5.73
CA SER A 118 5.28 -8.47 -6.02
C SER A 118 5.74 -7.03 -5.85
N SER A 119 6.62 -6.77 -4.88
CA SER A 119 7.09 -5.41 -4.64
C SER A 119 8.02 -4.92 -5.74
N VAL A 120 8.91 -5.78 -6.22
CA VAL A 120 9.89 -5.34 -7.21
C VAL A 120 9.25 -5.07 -8.57
N GLY A 121 8.05 -5.62 -8.82
CA GLY A 121 7.32 -5.27 -10.02
C GLY A 121 6.94 -6.41 -10.94
N VAL A 122 6.83 -7.62 -10.41
CA VAL A 122 6.42 -8.77 -11.19
C VAL A 122 4.91 -8.73 -11.39
N ASP A 123 4.46 -9.04 -12.61
CA ASP A 123 3.04 -9.03 -12.95
C ASP A 123 2.39 -10.41 -12.94
N ARG A 124 3.13 -11.45 -13.32
CA ARG A 124 2.60 -12.81 -13.35
C ARG A 124 3.70 -13.78 -12.96
N VAL A 125 3.30 -14.99 -12.57
CA VAL A 125 4.24 -16.06 -12.24
C VAL A 125 3.80 -17.32 -12.97
N LEU A 126 4.78 -18.07 -13.46
CA LEU A 126 4.52 -19.34 -14.13
C LEU A 126 5.53 -20.35 -13.60
N THR A 127 5.08 -21.25 -12.73
CA THR A 127 5.93 -22.25 -12.10
C THR A 127 5.58 -23.64 -12.62
N VAL A 128 6.32 -24.63 -12.15
CA VAL A 128 6.10 -26.03 -12.52
C VAL A 128 5.97 -26.84 -11.24
N ASP A 129 4.85 -27.53 -11.08
CA ASP A 129 4.62 -28.45 -9.97
C ASP A 129 4.87 -27.79 -8.62
N LEU A 130 4.25 -26.65 -8.41
CA LEU A 130 4.23 -26.02 -7.10
C LEU A 130 3.32 -26.80 -6.16
N HIS A 131 3.50 -26.56 -4.86
CA HIS A 131 2.60 -27.15 -3.87
C HIS A 131 1.26 -26.43 -3.94
N ALA A 132 0.38 -26.89 -4.81
CA ALA A 132 -0.78 -26.09 -5.23
C ALA A 132 -1.91 -26.14 -4.23
N GLU A 133 -1.61 -25.87 -2.96
CA GLU A 133 -2.63 -25.66 -1.94
C GLU A 133 -2.36 -24.50 -1.02
N GLN A 134 -1.10 -24.07 -0.90
CA GLN A 134 -0.71 -23.04 0.06
C GLN A 134 -0.10 -21.82 -0.62
N ILE A 135 0.90 -22.03 -1.48
CA ILE A 135 1.74 -20.93 -1.94
C ILE A 135 0.98 -20.03 -2.91
N GLN A 136 -0.03 -20.55 -3.62
CA GLN A 136 -0.77 -19.70 -4.54
C GLN A 136 -1.55 -18.62 -3.81
N GLY A 137 -1.81 -18.77 -2.52
CA GLY A 137 -2.42 -17.70 -1.77
C GLY A 137 -1.45 -16.63 -1.32
N PHE A 138 -0.16 -16.90 -1.39
CA PHE A 138 0.86 -15.93 -1.00
C PHE A 138 1.13 -14.89 -2.09
N PHE A 139 0.60 -15.09 -3.28
CA PHE A 139 0.82 -14.18 -4.39
C PHE A 139 -0.41 -13.32 -4.61
N ASP A 140 -0.20 -12.01 -4.74
CA ASP A 140 -1.25 -11.10 -5.16
C ASP A 140 -1.26 -10.90 -6.66
N VAL A 141 -0.40 -11.59 -7.40
CA VAL A 141 -0.39 -11.60 -8.85
C VAL A 141 -0.85 -12.97 -9.31
N PRO A 142 -1.43 -13.10 -10.50
CA PRO A 142 -1.89 -14.43 -10.94
C PRO A 142 -0.72 -15.39 -11.08
N VAL A 143 -0.96 -16.65 -10.70
CA VAL A 143 0.04 -17.70 -10.77
C VAL A 143 -0.49 -18.80 -11.66
N ASP A 144 0.29 -19.17 -12.68
CA ASP A 144 -0.05 -20.25 -13.59
C ASP A 144 0.83 -21.45 -13.22
N ASN A 145 0.22 -22.45 -12.61
CA ASN A 145 0.93 -23.66 -12.19
C ASN A 145 0.71 -24.72 -13.27
N VAL A 146 1.77 -25.07 -13.98
CA VAL A 146 1.72 -26.14 -14.95
C VAL A 146 2.36 -27.37 -14.31
N PHE A 147 2.00 -28.54 -14.82
CA PHE A 147 2.34 -29.80 -14.18
C PHE A 147 3.25 -30.62 -15.08
N GLY A 148 4.29 -31.19 -14.48
CA GLY A 148 5.15 -32.12 -15.18
C GLY A 148 4.67 -33.55 -15.19
N SER A 149 3.51 -33.80 -14.57
CA SER A 149 2.97 -35.16 -14.55
C SER A 149 2.66 -35.73 -15.92
N PRO A 150 2.04 -35.02 -16.87
CA PRO A 150 1.77 -35.65 -18.18
C PRO A 150 3.01 -36.16 -18.88
N ILE A 151 4.12 -35.43 -18.84
CA ILE A 151 5.31 -35.86 -19.55
C ILE A 151 5.93 -37.09 -18.87
N LEU A 152 6.03 -37.06 -17.54
CA LEU A 152 6.55 -38.22 -16.83
C LEU A 152 5.68 -39.44 -17.05
N LEU A 153 4.35 -39.26 -17.09
CA LEU A 153 3.45 -40.39 -17.26
C LEU A 153 3.51 -40.95 -18.68
N GLU A 154 3.61 -40.06 -19.67
CA GLU A 154 3.74 -40.53 -21.04
C GLU A 154 5.07 -41.23 -21.25
N ASP A 155 6.10 -40.87 -20.49
CA ASP A 155 7.34 -41.64 -20.51
C ASP A 155 7.20 -42.96 -19.75
N MET A 156 6.39 -42.97 -18.69
CA MET A 156 6.14 -44.21 -17.95
C MET A 156 5.49 -45.24 -18.85
N LEU A 157 4.49 -44.83 -19.62
CA LEU A 157 3.79 -45.75 -20.51
C LEU A 157 4.65 -46.26 -21.64
N GLN A 158 5.80 -45.63 -21.90
CA GLN A 158 6.62 -46.01 -23.05
C GLN A 158 7.38 -47.32 -22.79
N LEU A 159 7.92 -47.51 -21.59
CA LEU A 159 8.87 -48.58 -21.35
C LEU A 159 8.22 -49.91 -21.00
N ASN A 160 6.89 -49.98 -21.02
CA ASN A 160 6.15 -51.24 -20.95
C ASN A 160 6.48 -52.02 -19.66
N LEU A 161 6.07 -51.44 -18.54
CA LEU A 161 6.21 -52.12 -17.26
C LEU A 161 5.40 -53.40 -17.24
N ASP A 162 5.89 -54.39 -16.49
CA ASP A 162 5.23 -55.69 -16.42
C ASP A 162 3.84 -55.56 -15.82
N ASN A 163 3.75 -55.15 -14.57
CA ASN A 163 2.48 -54.95 -13.87
C ASN A 163 2.66 -53.74 -12.95
N PRO A 164 2.49 -52.54 -13.47
CA PRO A 164 2.85 -51.34 -12.71
C PRO A 164 2.00 -51.19 -11.46
N ILE A 165 2.65 -50.74 -10.39
CA ILE A 165 1.97 -50.34 -9.15
C ILE A 165 2.61 -49.06 -8.65
N VAL A 166 1.80 -48.06 -8.33
CA VAL A 166 2.28 -46.76 -7.90
C VAL A 166 2.38 -46.77 -6.38
N VAL A 167 3.56 -46.45 -5.87
CA VAL A 167 3.84 -46.46 -4.43
C VAL A 167 4.26 -45.06 -4.02
N SER A 168 3.52 -44.46 -3.10
CA SER A 168 3.92 -43.16 -2.58
C SER A 168 5.08 -43.32 -1.61
N PRO A 169 6.14 -42.54 -1.74
CA PRO A 169 7.31 -42.72 -0.85
C PRO A 169 7.01 -42.42 0.61
N ASP A 170 5.95 -41.67 0.90
CA ASP A 170 5.59 -41.36 2.27
C ASP A 170 4.07 -41.25 2.37
N ILE A 171 3.59 -40.78 3.51
CA ILE A 171 2.15 -40.70 3.73
C ILE A 171 1.58 -39.34 3.31
N GLY A 172 2.40 -38.29 3.30
CA GLY A 172 1.90 -36.98 2.90
C GLY A 172 1.48 -36.94 1.44
N GLY A 173 2.32 -37.48 0.55
CA GLY A 173 2.05 -37.44 -0.86
C GLY A 173 1.35 -38.67 -1.40
N VAL A 174 0.11 -38.93 -0.94
CA VAL A 174 -0.63 -40.08 -1.41
C VAL A 174 -1.66 -39.66 -2.44
N VAL A 175 -2.09 -38.40 -2.40
CA VAL A 175 -3.07 -37.92 -3.37
C VAL A 175 -2.48 -37.93 -4.78
N ARG A 176 -1.24 -37.45 -4.92
CA ARG A 176 -0.60 -37.45 -6.23
C ARG A 176 -0.38 -38.87 -6.72
N ALA A 177 0.01 -39.79 -5.83
CA ALA A 177 0.20 -41.19 -6.21
C ALA A 177 -1.12 -41.79 -6.67
N ARG A 178 -2.22 -41.49 -5.97
CA ARG A 178 -3.52 -42.00 -6.37
C ARG A 178 -3.93 -41.47 -7.74
N ALA A 179 -3.69 -40.18 -7.98
CA ALA A 179 -4.02 -39.59 -9.27
C ALA A 179 -3.22 -40.24 -10.40
N ILE A 180 -1.91 -40.44 -10.19
CA ILE A 180 -1.09 -41.04 -11.23
C ILE A 180 -1.48 -42.50 -11.45
N ALA A 181 -1.80 -43.22 -10.37
CA ALA A 181 -2.25 -44.60 -10.53
C ALA A 181 -3.55 -44.67 -11.31
N LYS A 182 -4.49 -43.76 -11.03
CA LYS A 182 -5.73 -43.73 -11.78
C LYS A 182 -5.47 -43.42 -13.26
N LEU A 183 -4.58 -42.47 -13.53
CA LEU A 183 -4.28 -42.13 -14.92
C LEU A 183 -3.56 -43.27 -15.63
N LEU A 184 -2.64 -43.94 -14.93
CA LEU A 184 -1.81 -44.99 -15.53
C LEU A 184 -2.60 -46.29 -15.53
N ASN A 185 -3.54 -46.39 -16.47
CA ASN A 185 -4.32 -47.59 -16.72
C ASN A 185 -5.09 -48.07 -15.49
N ASP A 186 -5.31 -47.19 -14.52
CA ASP A 186 -6.04 -47.51 -13.29
C ASP A 186 -5.41 -48.71 -12.59
N THR A 187 -4.10 -48.64 -12.37
CA THR A 187 -3.36 -49.74 -11.77
C THR A 187 -3.56 -49.74 -10.25
N ASP A 188 -2.82 -50.61 -9.57
CA ASP A 188 -3.03 -50.84 -8.15
C ASP A 188 -2.45 -49.69 -7.33
N MET A 189 -2.46 -49.82 -6.00
CA MET A 189 -2.14 -48.70 -5.13
C MET A 189 -1.37 -49.23 -3.91
N ALA A 190 -0.42 -48.44 -3.44
CA ALA A 190 0.40 -48.84 -2.30
C ALA A 190 0.92 -47.61 -1.57
N ILE A 191 1.22 -47.79 -0.29
CA ILE A 191 1.69 -46.70 0.56
C ILE A 191 2.85 -47.18 1.42
N ILE A 192 3.89 -46.35 1.52
CA ILE A 192 4.97 -46.56 2.49
C ILE A 192 4.69 -45.71 3.72
N ASP A 193 4.70 -46.34 4.89
CA ASP A 193 4.44 -45.65 6.15
C ASP A 193 5.60 -45.89 7.11
N LYS A 194 6.09 -44.81 7.73
CA LYS A 194 7.19 -44.89 8.67
C LYS A 194 6.62 -44.82 10.08
N ARG A 195 6.45 -45.99 10.69
CA ARG A 195 5.91 -46.10 12.04
C ARG A 195 6.80 -45.39 13.06
N VAL A 204 10.90 -47.80 11.50
CA VAL A 204 10.84 -48.82 10.46
C VAL A 204 9.88 -48.39 9.36
N MET A 205 9.69 -49.27 8.38
CA MET A 205 8.79 -49.02 7.26
C MET A 205 7.60 -49.95 7.32
N HIS A 206 6.41 -49.39 7.12
CA HIS A 206 5.15 -50.14 7.12
C HIS A 206 4.53 -49.99 5.74
N ILE A 207 4.92 -50.87 4.81
CA ILE A 207 4.37 -50.84 3.46
C ILE A 207 2.97 -51.42 3.47
N ILE A 208 2.04 -50.73 2.82
CA ILE A 208 0.64 -51.12 2.77
C ILE A 208 0.31 -51.53 1.34
N GLY A 209 -0.26 -52.72 1.19
CA GLY A 209 -0.64 -53.22 -0.12
C GLY A 209 0.17 -54.44 -0.51
N ASP A 210 -0.10 -54.91 -1.71
CA ASP A 210 0.54 -56.12 -2.26
C ASP A 210 1.67 -55.70 -3.19
N VAL A 211 2.89 -56.12 -2.85
CA VAL A 211 4.05 -55.87 -3.70
C VAL A 211 4.86 -57.16 -3.79
N ALA A 212 4.70 -57.88 -4.90
CA ALA A 212 5.42 -59.13 -5.12
C ALA A 212 5.39 -59.47 -6.59
N GLY A 213 6.57 -59.60 -7.20
CA GLY A 213 6.64 -59.93 -8.61
C GLY A 213 6.11 -58.86 -9.53
N ARG A 214 6.10 -57.61 -9.09
CA ARG A 214 5.58 -56.49 -9.87
C ARG A 214 6.69 -55.46 -10.10
N ASP A 215 6.38 -54.48 -10.94
CA ASP A 215 7.24 -53.34 -11.19
C ASP A 215 6.65 -52.13 -10.50
N CYS A 216 7.39 -51.56 -9.56
CA CYS A 216 6.92 -50.44 -8.77
C CYS A 216 7.42 -49.13 -9.35
N VAL A 217 6.58 -48.10 -9.27
CA VAL A 217 6.90 -46.78 -9.82
C VAL A 217 6.66 -45.77 -8.70
N LEU A 218 7.71 -45.45 -7.96
CA LEU A 218 7.61 -44.38 -6.96
C LEU A 218 7.46 -43.04 -7.65
N VAL A 219 6.58 -42.20 -7.13
CA VAL A 219 6.30 -40.90 -7.71
C VAL A 219 6.48 -39.83 -6.64
N ASP A 220 7.18 -38.75 -7.00
CA ASP A 220 7.37 -37.63 -6.10
C ASP A 220 7.58 -36.37 -6.92
N ASP A 221 7.42 -35.23 -6.27
CA ASP A 221 7.66 -33.95 -6.92
C ASP A 221 9.09 -33.46 -6.75
N MET A 222 9.92 -34.18 -6.00
CA MET A 222 11.24 -33.70 -5.65
C MET A 222 12.10 -34.87 -5.19
N ILE A 223 13.40 -34.76 -5.44
CA ILE A 223 14.40 -35.64 -4.85
C ILE A 223 15.52 -34.75 -4.34
N ASP A 224 15.73 -34.75 -3.02
CA ASP A 224 16.75 -33.89 -2.43
C ASP A 224 18.07 -34.60 -2.24
N THR A 225 18.08 -35.68 -1.45
CA THR A 225 19.29 -36.39 -1.10
C THR A 225 19.10 -37.90 -1.23
N GLY A 226 18.27 -38.34 -2.17
CA GLY A 226 17.85 -39.72 -2.15
C GLY A 226 17.03 -39.92 -0.91
N GLY A 227 17.60 -40.59 0.08
CA GLY A 227 16.98 -40.61 1.40
C GLY A 227 15.69 -41.40 1.44
N THR A 228 14.56 -40.68 1.49
CA THR A 228 13.26 -41.32 1.62
C THR A 228 13.00 -42.26 0.44
N LEU A 229 13.31 -41.82 -0.79
CA LEU A 229 13.06 -42.66 -1.95
C LEU A 229 13.94 -43.91 -1.93
N CYS A 230 15.21 -43.76 -1.58
CA CYS A 230 16.10 -44.92 -1.51
C CYS A 230 15.62 -45.90 -0.44
N LYS A 231 15.24 -45.39 0.72
CA LYS A 231 14.76 -46.26 1.79
C LYS A 231 13.48 -46.96 1.40
N ALA A 232 12.56 -46.25 0.74
CA ALA A 232 11.32 -46.88 0.29
C ALA A 232 11.59 -47.95 -0.75
N ALA A 233 12.51 -47.68 -1.68
CA ALA A 233 12.86 -48.67 -2.68
C ALA A 233 13.45 -49.92 -2.03
N GLU A 234 14.33 -49.73 -1.05
CA GLU A 234 14.88 -50.87 -0.34
C GLU A 234 13.79 -51.65 0.40
N ALA A 235 12.88 -50.93 1.06
CA ALA A 235 11.84 -51.59 1.83
C ALA A 235 10.91 -52.41 0.94
N LEU A 236 10.52 -51.87 -0.22
CA LEU A 236 9.62 -52.61 -1.09
C LEU A 236 10.34 -53.57 -2.02
N LYS A 237 11.68 -53.53 -2.08
CA LYS A 237 12.42 -54.56 -2.78
C LYS A 237 12.88 -55.68 -1.86
N GLU A 238 12.78 -55.49 -0.54
CA GLU A 238 12.98 -56.62 0.37
C GLU A 238 11.99 -57.74 0.07
N ARG A 239 10.80 -57.39 -0.41
CA ARG A 239 9.75 -58.38 -0.67
C ARG A 239 9.54 -58.65 -2.15
N GLY A 240 10.61 -58.81 -2.91
CA GLY A 240 10.54 -59.32 -4.27
C GLY A 240 9.85 -58.45 -5.30
N ALA A 241 10.16 -57.16 -5.31
CA ALA A 241 9.76 -56.28 -6.40
C ALA A 241 10.77 -56.43 -7.54
N LYS A 242 10.25 -56.60 -8.76
CA LYS A 242 11.12 -56.87 -9.90
C LYS A 242 12.07 -55.70 -10.15
N ARG A 243 11.52 -54.54 -10.49
CA ARG A 243 12.31 -53.33 -10.70
C ARG A 243 11.62 -52.16 -10.01
N VAL A 244 12.41 -51.15 -9.67
CA VAL A 244 11.93 -49.97 -8.99
C VAL A 244 12.34 -48.74 -9.79
N PHE A 245 11.35 -47.97 -10.25
CA PHE A 245 11.58 -46.74 -10.98
C PHE A 245 11.07 -45.56 -10.16
N ALA A 246 11.92 -44.56 -9.97
CA ALA A 246 11.55 -43.36 -9.22
C ALA A 246 11.42 -42.21 -10.20
N TYR A 247 10.26 -41.56 -10.20
CA TYR A 247 9.98 -40.44 -11.09
C TYR A 247 9.79 -39.18 -10.27
N ALA A 248 10.51 -38.13 -10.63
CA ALA A 248 10.44 -36.86 -9.92
C ALA A 248 10.43 -35.72 -10.92
N THR A 249 9.94 -34.56 -10.47
CA THR A 249 9.93 -33.39 -11.32
C THR A 249 11.15 -32.49 -11.10
N HIS A 250 11.52 -32.26 -9.85
CA HIS A 250 12.59 -31.33 -9.54
C HIS A 250 13.83 -32.08 -9.05
N PRO A 251 14.87 -32.18 -9.85
CA PRO A 251 16.10 -32.87 -9.43
C PRO A 251 17.02 -31.97 -8.62
N ILE A 252 16.65 -31.72 -7.36
CA ILE A 252 17.46 -30.85 -6.51
C ILE A 252 18.82 -31.47 -6.27
N PHE A 253 18.84 -32.74 -5.84
CA PHE A 253 20.07 -33.53 -5.70
C PHE A 253 21.13 -32.79 -4.89
N SER A 254 20.78 -32.45 -3.66
CA SER A 254 21.69 -31.79 -2.74
C SER A 254 22.28 -32.83 -1.79
N GLY A 255 23.03 -32.37 -0.80
CA GLY A 255 23.66 -33.30 0.11
C GLY A 255 24.65 -34.17 -0.63
N ASN A 256 24.49 -35.49 -0.51
CA ASN A 256 25.28 -36.39 -1.33
C ASN A 256 24.58 -36.69 -2.66
N ALA A 257 23.42 -37.34 -2.59
CA ALA A 257 22.54 -37.58 -3.73
C ALA A 257 23.25 -38.21 -4.92
N ALA A 258 24.49 -38.66 -4.73
CA ALA A 258 25.25 -39.27 -5.80
C ALA A 258 25.85 -40.57 -5.28
N ASN A 259 26.12 -40.60 -3.98
CA ASN A 259 26.45 -41.84 -3.29
C ASN A 259 25.23 -42.55 -2.78
N ASN A 260 24.13 -41.82 -2.59
CA ASN A 260 22.87 -42.46 -2.23
C ASN A 260 22.24 -43.17 -3.42
N LEU A 261 22.32 -42.57 -4.60
CA LEU A 261 21.72 -43.19 -5.79
C LEU A 261 22.53 -44.37 -6.28
N ARG A 262 23.87 -44.25 -6.30
CA ARG A 262 24.70 -45.35 -6.74
C ARG A 262 24.58 -46.53 -5.77
N ASN A 263 24.69 -46.28 -4.47
CA ASN A 263 24.57 -47.33 -3.48
C ASN A 263 23.11 -47.56 -3.15
N SER A 264 22.29 -47.82 -4.16
CA SER A 264 20.86 -48.07 -3.98
C SER A 264 20.42 -49.15 -4.95
N VAL A 265 19.17 -49.58 -4.79
CA VAL A 265 18.60 -50.62 -5.63
C VAL A 265 17.67 -50.05 -6.69
N ILE A 266 17.59 -48.73 -6.82
CA ILE A 266 16.76 -48.13 -7.85
C ILE A 266 17.42 -48.34 -9.20
N ASP A 267 16.64 -48.84 -10.17
CA ASP A 267 17.17 -49.16 -11.48
C ASP A 267 17.17 -47.99 -12.44
N GLU A 268 16.32 -46.99 -12.22
CA GLU A 268 16.28 -45.83 -13.11
C GLU A 268 15.56 -44.70 -12.40
N VAL A 269 16.20 -43.53 -12.35
CA VAL A 269 15.60 -42.32 -11.80
C VAL A 269 15.36 -41.37 -12.96
N VAL A 270 14.11 -40.99 -13.18
CA VAL A 270 13.72 -40.11 -14.26
C VAL A 270 13.28 -38.78 -13.68
N VAL A 271 13.89 -37.69 -14.15
CA VAL A 271 13.64 -36.36 -13.63
C VAL A 271 13.43 -35.41 -14.79
N CYS A 272 12.93 -34.21 -14.47
CA CYS A 272 12.78 -33.15 -15.46
C CYS A 272 14.00 -32.23 -15.40
N ASP A 273 14.03 -31.23 -16.27
CA ASP A 273 15.19 -30.37 -16.44
C ASP A 273 14.98 -28.98 -15.84
N THR A 274 14.24 -28.88 -14.74
CA THR A 274 14.04 -27.60 -14.09
C THR A 274 15.28 -27.12 -13.33
N ILE A 275 16.20 -28.02 -13.03
CA ILE A 275 17.44 -27.70 -12.32
C ILE A 275 18.60 -28.25 -13.14
N PRO A 276 19.73 -27.53 -13.25
CA PRO A 276 20.77 -27.92 -14.22
C PRO A 276 21.36 -29.31 -14.06
N LEU A 277 21.18 -30.00 -12.93
CA LEU A 277 21.59 -31.40 -12.79
C LEU A 277 23.11 -31.54 -13.01
N SER A 278 23.84 -31.11 -11.98
CA SER A 278 25.29 -30.96 -12.02
C SER A 278 26.01 -32.24 -12.46
N ASP A 279 27.31 -32.08 -12.74
CA ASP A 279 28.06 -33.05 -13.52
C ASP A 279 28.14 -34.41 -12.84
N GLU A 280 28.34 -34.44 -11.52
CA GLU A 280 28.48 -35.73 -10.84
C GLU A 280 27.25 -36.58 -11.00
N ILE A 281 26.06 -35.97 -11.03
CA ILE A 281 24.85 -36.72 -11.32
C ILE A 281 24.83 -37.19 -12.77
N LYS A 282 25.34 -36.35 -13.69
CA LYS A 282 25.43 -36.76 -15.08
C LYS A 282 26.29 -38.01 -15.25
N SER A 283 27.32 -38.16 -14.41
CA SER A 283 28.20 -39.32 -14.53
C SER A 283 27.46 -40.62 -14.19
N LEU A 284 26.40 -40.54 -13.40
CA LEU A 284 25.65 -41.74 -13.04
C LEU A 284 24.97 -42.33 -14.27
N PRO A 285 24.93 -43.65 -14.40
CA PRO A 285 24.31 -44.25 -15.59
C PRO A 285 22.82 -44.45 -15.46
N ASN A 286 22.31 -44.59 -14.23
CA ASN A 286 20.92 -44.91 -14.00
C ASN A 286 20.05 -43.67 -13.75
N VAL A 287 20.52 -42.50 -14.15
CA VAL A 287 19.75 -41.26 -14.02
C VAL A 287 19.54 -40.69 -15.41
N ARG A 288 18.28 -40.52 -15.79
CA ARG A 288 17.89 -40.01 -17.09
C ARG A 288 16.96 -38.83 -16.90
N THR A 289 17.16 -37.78 -17.69
CA THR A 289 16.41 -36.55 -17.55
C THR A 289 15.50 -36.32 -18.76
N LEU A 290 14.28 -35.87 -18.49
CA LEU A 290 13.34 -35.48 -19.53
C LEU A 290 13.48 -33.98 -19.77
N THR A 291 12.55 -33.41 -20.54
CA THR A 291 12.59 -31.98 -20.81
C THR A 291 11.18 -31.40 -20.74
N LEU A 292 11.07 -30.23 -20.11
CA LEU A 292 9.82 -29.49 -20.03
C LEU A 292 9.78 -28.31 -20.99
N SER A 293 10.73 -28.24 -21.93
CA SER A 293 10.85 -27.06 -22.77
C SER A 293 9.63 -26.90 -23.68
N GLY A 294 9.09 -28.00 -24.20
CA GLY A 294 7.92 -27.90 -25.05
C GLY A 294 6.70 -27.38 -24.31
N MET A 295 6.44 -27.94 -23.13
CA MET A 295 5.28 -27.49 -22.36
C MET A 295 5.45 -26.06 -21.90
N LEU A 296 6.66 -25.69 -21.46
CA LEU A 296 6.88 -24.32 -21.01
C LEU A 296 6.76 -23.33 -22.17
N ALA A 297 7.24 -23.72 -23.36
CA ALA A 297 7.09 -22.84 -24.52
C ALA A 297 5.63 -22.65 -24.89
N GLU A 298 4.86 -23.74 -24.88
CA GLU A 298 3.43 -23.62 -25.17
C GLU A 298 2.74 -22.76 -24.12
N ALA A 299 3.09 -22.92 -22.85
CA ALA A 299 2.49 -22.11 -21.80
C ALA A 299 2.84 -20.65 -21.96
N ILE A 300 4.09 -20.34 -22.32
CA ILE A 300 4.49 -18.95 -22.53
C ILE A 300 3.71 -18.35 -23.70
N ARG A 301 3.59 -19.11 -24.80
CA ARG A 301 2.86 -18.62 -25.97
C ARG A 301 1.40 -18.38 -25.64
N ARG A 302 0.80 -19.25 -24.82
CA ARG A 302 -0.61 -19.10 -24.48
C ARG A 302 -0.83 -17.97 -23.48
N ILE A 303 0.13 -17.73 -22.58
CA ILE A 303 0.01 -16.62 -21.66
C ILE A 303 0.11 -15.30 -22.41
N SER A 304 1.03 -15.23 -23.39
CA SER A 304 1.20 -14.00 -24.15
C SER A 304 -0.05 -13.66 -24.96
N ASN A 305 -0.69 -14.67 -25.54
CA ASN A 305 -1.84 -14.47 -26.43
C ASN A 305 -3.17 -14.59 -25.70
N GLU A 306 -3.16 -14.75 -24.38
CA GLU A 306 -4.38 -14.86 -23.58
C GLU A 306 -5.24 -16.04 -24.02
N GLU A 307 -4.62 -17.19 -24.17
CA GLU A 307 -5.35 -18.43 -24.46
C GLU A 307 -5.41 -19.31 -23.22
N SER A 308 -6.26 -20.32 -23.29
CA SER A 308 -6.51 -21.18 -22.14
C SER A 308 -5.30 -22.05 -21.85
N ILE A 309 -4.69 -21.87 -20.68
CA ILE A 309 -3.62 -22.75 -20.24
C ILE A 309 -4.18 -24.11 -19.86
N SER A 310 -5.34 -24.13 -19.19
CA SER A 310 -5.91 -25.40 -18.74
C SER A 310 -6.32 -26.28 -19.90
N ALA A 311 -6.62 -25.68 -21.06
CA ALA A 311 -6.93 -26.47 -22.25
C ALA A 311 -5.73 -27.22 -22.79
N MET A 312 -4.53 -26.90 -22.32
CA MET A 312 -3.33 -27.62 -22.72
C MET A 312 -3.23 -28.99 -22.08
N PHE A 313 -3.88 -29.19 -20.92
CA PHE A 313 -3.71 -30.40 -20.14
C PHE A 313 -4.93 -31.31 -20.14
N GLU A 314 -6.03 -30.93 -20.78
CA GLU A 314 -7.24 -31.74 -20.79
C GLU A 314 -7.95 -31.62 -22.13
N HIS A 315 -8.75 -32.63 -22.43
CA HIS A 315 -9.52 -32.67 -23.67
C HIS A 315 -10.71 -31.73 -23.61
N ASP B 3 -5.64 -1.00 30.83
CA ASP B 3 -6.28 -0.34 29.71
C ASP B 3 -6.93 -1.35 28.78
N MET B 4 -7.15 -2.56 29.29
CA MET B 4 -7.76 -3.63 28.51
C MET B 4 -9.27 -3.54 28.55
N LYS B 5 -9.90 -3.57 27.38
CA LYS B 5 -11.35 -3.57 27.27
C LYS B 5 -11.78 -4.72 26.39
N LEU B 6 -12.93 -5.30 26.72
CA LEU B 6 -13.47 -6.46 26.03
C LEU B 6 -14.80 -6.10 25.39
N PHE B 7 -14.96 -6.43 24.12
CA PHE B 7 -16.19 -6.24 23.39
C PHE B 7 -16.60 -7.55 22.74
N ALA B 8 -17.90 -7.70 22.50
CA ALA B 8 -18.42 -8.92 21.91
C ALA B 8 -19.50 -8.57 20.90
N GLY B 9 -19.68 -9.47 19.94
CA GLY B 9 -20.74 -9.31 18.96
C GLY B 9 -21.96 -10.13 19.30
N ASN B 10 -22.50 -10.85 18.31
CA ASN B 10 -23.68 -11.66 18.51
C ASN B 10 -23.46 -13.13 18.20
N ALA B 11 -22.25 -13.51 17.78
CA ALA B 11 -22.00 -14.91 17.48
C ALA B 11 -21.86 -15.74 18.75
N THR B 12 -20.91 -15.37 19.61
CA THR B 12 -20.62 -16.10 20.84
C THR B 12 -20.75 -15.14 22.02
N PRO B 13 -21.96 -14.89 22.50
CA PRO B 13 -22.10 -13.99 23.66
C PRO B 13 -21.84 -14.70 24.98
N GLU B 14 -22.18 -15.99 25.07
CA GLU B 14 -21.92 -16.76 26.28
C GLU B 14 -20.45 -16.98 26.53
N LEU B 15 -19.70 -17.36 25.50
CA LEU B 15 -18.26 -17.53 25.66
C LEU B 15 -17.58 -16.22 26.00
N ALA B 16 -18.03 -15.13 25.39
CA ALA B 16 -17.49 -13.82 25.72
C ALA B 16 -17.76 -13.46 27.17
N GLN B 17 -18.97 -13.76 27.66
CA GLN B 17 -19.28 -13.50 29.05
C GLN B 17 -18.43 -14.34 29.99
N ARG B 18 -18.19 -15.60 29.63
CA ARG B 18 -17.34 -16.45 30.46
C ARG B 18 -15.91 -15.91 30.51
N ILE B 19 -15.37 -15.50 29.37
CA ILE B 19 -14.03 -14.93 29.35
C ILE B 19 -13.98 -13.66 30.19
N ALA B 20 -15.00 -12.80 30.07
CA ALA B 20 -15.04 -11.58 30.86
C ALA B 20 -15.11 -11.88 32.34
N ASN B 21 -15.86 -12.93 32.72
CA ASN B 21 -15.92 -13.31 34.14
C ASN B 21 -14.58 -13.79 34.65
N ARG B 22 -13.88 -14.61 33.85
CA ARG B 22 -12.58 -15.11 34.28
C ARG B 22 -11.50 -14.04 34.30
N LEU B 23 -11.73 -12.91 33.63
CA LEU B 23 -10.79 -11.78 33.69
C LEU B 23 -11.18 -10.76 34.74
N TYR B 24 -12.22 -11.04 35.53
CA TYR B 24 -12.69 -10.13 36.58
C TYR B 24 -13.02 -8.75 36.02
N THR B 25 -13.62 -8.73 34.83
CA THR B 25 -14.01 -7.50 34.17
C THR B 25 -15.41 -7.69 33.61
N SER B 26 -15.86 -6.73 32.80
CA SER B 26 -17.17 -6.81 32.17
C SER B 26 -17.04 -6.41 30.71
N LEU B 27 -17.96 -6.93 29.90
CA LEU B 27 -17.96 -6.60 28.48
C LEU B 27 -18.25 -5.12 28.28
N GLY B 28 -17.62 -4.54 27.27
CA GLY B 28 -17.81 -3.14 26.98
C GLY B 28 -19.24 -2.84 26.54
N ASP B 29 -19.56 -1.55 26.55
CA ASP B 29 -20.91 -1.09 26.21
C ASP B 29 -20.93 -0.69 24.75
N ALA B 30 -21.26 -1.65 23.88
CA ALA B 30 -21.40 -1.41 22.46
C ALA B 30 -22.71 -2.04 22.00
N ALA B 31 -23.52 -1.27 21.29
CA ALA B 31 -24.81 -1.75 20.79
C ALA B 31 -24.60 -2.29 19.38
N VAL B 32 -24.51 -3.61 19.26
CA VAL B 32 -24.31 -4.28 17.98
C VAL B 32 -25.63 -4.94 17.62
N GLY B 33 -26.27 -4.45 16.56
CA GLY B 33 -27.55 -4.96 16.15
C GLY B 33 -27.78 -4.86 14.66
N ARG B 34 -29.01 -5.09 14.22
CA ARG B 34 -29.35 -5.08 12.81
C ARG B 34 -30.33 -3.95 12.54
N PHE B 35 -30.18 -3.32 11.38
CA PHE B 35 -31.19 -2.38 10.91
C PHE B 35 -32.38 -3.16 10.34
N SER B 36 -33.38 -2.42 9.86
CA SER B 36 -34.58 -3.06 9.33
C SER B 36 -34.28 -3.87 8.08
N ASP B 37 -33.37 -3.38 7.24
CA ASP B 37 -33.05 -4.01 5.98
C ASP B 37 -31.97 -5.08 6.10
N GLY B 38 -31.44 -5.33 7.29
CA GLY B 38 -30.48 -6.39 7.50
C GLY B 38 -29.03 -5.95 7.61
N GLU B 39 -28.75 -4.67 7.41
CA GLU B 39 -27.38 -4.19 7.53
C GLU B 39 -26.96 -4.14 8.99
N VAL B 40 -25.67 -4.39 9.23
CA VAL B 40 -25.14 -4.40 10.59
C VAL B 40 -25.07 -2.99 11.14
N SER B 41 -25.60 -2.81 12.35
CA SER B 41 -25.56 -1.54 13.05
C SER B 41 -24.64 -1.69 14.26
N VAL B 42 -23.64 -0.81 14.36
CA VAL B 42 -22.67 -0.86 15.45
C VAL B 42 -22.45 0.56 15.95
N GLN B 43 -22.44 0.72 17.27
CA GLN B 43 -22.12 2.00 17.87
C GLN B 43 -21.49 1.74 19.24
N ILE B 44 -20.46 2.51 19.56
CA ILE B 44 -19.69 2.32 20.79
C ILE B 44 -20.13 3.38 21.79
N ASN B 45 -20.60 2.95 22.95
CA ASN B 45 -21.07 3.85 23.99
C ASN B 45 -20.03 4.09 25.07
N GLU B 46 -18.86 3.49 24.95
CA GLU B 46 -17.77 3.67 25.91
C GLU B 46 -16.69 4.56 25.30
N ASN B 47 -15.73 4.94 26.13
CA ASN B 47 -14.55 5.67 25.67
C ASN B 47 -13.42 4.68 25.54
N VAL B 48 -12.95 4.45 24.31
CA VAL B 48 -11.94 3.46 24.03
C VAL B 48 -10.65 4.10 23.53
N ARG B 49 -10.45 5.38 23.80
CA ARG B 49 -9.28 6.09 23.28
C ARG B 49 -8.02 5.59 23.97
N GLY B 50 -7.05 5.16 23.18
CA GLY B 50 -5.80 4.66 23.70
C GLY B 50 -5.89 3.32 24.39
N GLY B 51 -7.07 2.69 24.41
CA GLY B 51 -7.23 1.44 25.11
C GLY B 51 -6.72 0.26 24.33
N ASP B 52 -6.65 -0.88 25.01
CA ASP B 52 -6.21 -2.14 24.43
C ASP B 52 -7.45 -3.01 24.24
N ILE B 53 -8.00 -2.99 23.02
CA ILE B 53 -9.32 -3.54 22.76
C ILE B 53 -9.20 -4.98 22.26
N PHE B 54 -10.08 -5.84 22.75
CA PHE B 54 -10.21 -7.22 22.28
C PHE B 54 -11.65 -7.45 21.84
N ILE B 55 -11.83 -8.01 20.66
CA ILE B 55 -13.14 -8.31 20.12
C ILE B 55 -13.28 -9.82 20.04
N ILE B 56 -14.26 -10.35 20.75
CA ILE B 56 -14.52 -11.79 20.80
C ILE B 56 -15.69 -12.07 19.86
N GLN B 57 -15.39 -12.61 18.69
CA GLN B 57 -16.39 -12.79 17.66
C GLN B 57 -15.97 -13.95 16.77
N SER B 58 -16.59 -15.11 16.99
CA SER B 58 -16.37 -16.25 16.11
C SER B 58 -17.12 -16.05 14.80
N THR B 59 -16.50 -16.46 13.69
CA THR B 59 -17.14 -16.36 12.38
C THR B 59 -17.84 -17.68 12.03
N CYS B 60 -18.77 -18.07 12.89
CA CYS B 60 -19.56 -19.27 12.71
C CYS B 60 -20.88 -18.93 12.03
N ALA B 61 -21.68 -19.95 11.77
CA ALA B 61 -22.93 -19.77 11.02
C ALA B 61 -23.90 -18.92 11.82
N PRO B 62 -24.51 -17.88 11.21
CA PRO B 62 -24.32 -17.41 9.83
C PRO B 62 -23.00 -16.67 9.62
N THR B 63 -22.15 -17.21 8.73
CA THR B 63 -20.78 -16.74 8.64
C THR B 63 -20.70 -15.29 8.17
N ASN B 64 -21.48 -14.93 7.16
CA ASN B 64 -21.32 -13.62 6.55
C ASN B 64 -21.78 -12.51 7.50
N ASP B 65 -22.89 -12.71 8.20
CA ASP B 65 -23.35 -11.72 9.16
C ASP B 65 -22.34 -11.54 10.29
N ASN B 66 -21.80 -12.63 10.80
CA ASN B 66 -20.81 -12.55 11.89
C ASN B 66 -19.55 -11.83 11.43
N LEU B 67 -19.06 -12.16 10.23
CA LEU B 67 -17.86 -11.49 9.74
C LEU B 67 -18.10 -10.01 9.50
N MET B 68 -19.29 -9.65 9.01
CA MET B 68 -19.59 -8.24 8.80
C MET B 68 -19.69 -7.50 10.12
N GLU B 69 -20.30 -8.12 11.13
CA GLU B 69 -20.30 -7.55 12.47
C GLU B 69 -18.88 -7.30 12.95
N LEU B 70 -18.00 -8.28 12.75
CA LEU B 70 -16.62 -8.16 13.21
C LEU B 70 -15.92 -6.99 12.54
N VAL B 71 -15.99 -6.89 11.22
CA VAL B 71 -15.25 -5.84 10.53
C VAL B 71 -15.86 -4.47 10.81
N VAL B 72 -17.18 -4.39 10.99
CA VAL B 72 -17.80 -3.11 11.29
C VAL B 72 -17.44 -2.66 12.71
N MET B 73 -17.38 -3.58 13.66
CA MET B 73 -16.90 -3.22 15.00
C MET B 73 -15.45 -2.77 14.95
N VAL B 74 -14.62 -3.45 14.16
CA VAL B 74 -13.22 -3.04 14.07
C VAL B 74 -13.11 -1.63 13.51
N ASP B 75 -13.89 -1.31 12.47
CA ASP B 75 -13.85 0.03 11.91
C ASP B 75 -14.35 1.08 12.90
N ALA B 76 -15.43 0.77 13.62
CA ALA B 76 -15.97 1.70 14.60
C ALA B 76 -14.98 1.96 15.73
N LEU B 77 -14.26 0.93 16.15
CA LEU B 77 -13.26 1.12 17.20
C LEU B 77 -12.01 1.82 16.68
N ARG B 78 -11.64 1.57 15.43
CA ARG B 78 -10.47 2.24 14.88
C ARG B 78 -10.72 3.73 14.67
N ARG B 79 -11.95 4.11 14.31
CA ARG B 79 -12.25 5.53 14.17
C ARG B 79 -12.49 6.21 15.50
N ALA B 80 -12.56 5.46 16.60
CA ALA B 80 -12.70 6.01 17.94
C ALA B 80 -11.38 6.13 18.65
N SER B 81 -10.27 6.04 17.92
CA SER B 81 -8.92 6.24 18.45
C SER B 81 -8.52 5.14 19.44
N ALA B 82 -8.97 3.91 19.19
CA ALA B 82 -8.52 2.79 19.98
C ALA B 82 -7.03 2.55 19.77
N GLY B 83 -6.34 2.19 20.84
CA GLY B 83 -4.90 1.99 20.77
C GLY B 83 -4.51 0.81 19.92
N ARG B 84 -4.84 -0.39 20.38
CA ARG B 84 -4.59 -1.62 19.65
C ARG B 84 -5.86 -2.45 19.62
N ILE B 85 -6.15 -3.05 18.48
CA ILE B 85 -7.34 -3.89 18.32
C ILE B 85 -6.87 -5.31 18.05
N THR B 86 -7.27 -6.22 18.94
CA THR B 86 -7.02 -7.65 18.76
C THR B 86 -8.35 -8.33 18.50
N ALA B 87 -8.41 -9.11 17.43
CA ALA B 87 -9.62 -9.84 17.07
C ALA B 87 -9.47 -11.27 17.59
N VAL B 88 -10.18 -11.59 18.66
CA VAL B 88 -10.19 -12.94 19.20
C VAL B 88 -11.26 -13.72 18.44
N ILE B 89 -10.84 -14.59 17.54
CA ILE B 89 -11.75 -15.36 16.71
C ILE B 89 -11.60 -16.83 17.08
N PRO B 90 -12.43 -17.34 17.99
CA PRO B 90 -12.27 -18.74 18.40
C PRO B 90 -12.37 -19.73 17.27
N TYR B 91 -13.18 -19.46 16.25
CA TYR B 91 -13.27 -20.30 15.07
C TYR B 91 -13.20 -19.42 13.83
N PHE B 92 -12.19 -19.63 13.00
CA PHE B 92 -12.03 -18.87 11.77
C PHE B 92 -12.88 -19.50 10.67
N GLY B 93 -13.75 -18.71 10.07
CA GLY B 93 -14.79 -19.26 9.20
C GLY B 93 -14.38 -19.75 7.84
N TYR B 94 -13.95 -18.85 6.97
CA TYR B 94 -13.69 -19.22 5.58
C TYR B 94 -12.32 -19.84 5.40
N ALA B 95 -11.99 -20.86 6.21
CA ALA B 95 -10.65 -21.42 6.20
C ALA B 95 -10.62 -22.93 6.06
N ARG B 96 -11.74 -23.58 5.82
CA ARG B 96 -11.76 -25.03 5.73
C ARG B 96 -11.04 -25.49 4.46
N GLN B 97 -10.26 -26.56 4.59
CA GLN B 97 -9.56 -27.14 3.45
C GLN B 97 -10.24 -28.38 2.91
N ASP B 98 -11.04 -29.08 3.72
CA ASP B 98 -11.76 -30.25 3.25
C ASP B 98 -13.07 -29.88 2.56
N ARG B 99 -13.01 -28.95 1.62
CA ARG B 99 -14.15 -28.67 0.74
C ARG B 99 -13.56 -28.24 -0.59
N ARG B 100 -13.43 -29.20 -1.52
CA ARG B 100 -12.82 -28.91 -2.82
C ARG B 100 -13.70 -29.55 -3.88
N VAL B 101 -14.51 -28.74 -4.55
CA VAL B 101 -15.21 -29.15 -5.75
C VAL B 101 -14.32 -28.81 -6.94
N ARG B 102 -14.22 -29.73 -7.90
CA ARG B 102 -13.17 -29.67 -8.90
C ARG B 102 -13.60 -28.77 -10.05
N SER B 103 -13.11 -27.52 -10.03
CA SER B 103 -13.15 -26.64 -11.19
C SER B 103 -11.84 -25.94 -11.45
N ALA B 104 -10.95 -25.82 -10.45
CA ALA B 104 -9.62 -25.26 -10.57
C ALA B 104 -9.66 -23.75 -10.76
N ARG B 105 -10.85 -23.19 -10.97
CA ARG B 105 -11.05 -21.75 -10.98
C ARG B 105 -11.88 -21.42 -9.75
N VAL B 106 -11.21 -21.28 -8.61
CA VAL B 106 -11.87 -21.09 -7.33
C VAL B 106 -11.14 -19.99 -6.57
N PRO B 107 -11.79 -19.30 -5.63
CA PRO B 107 -11.10 -18.31 -4.83
C PRO B 107 -10.37 -18.94 -3.65
N ILE B 108 -9.53 -18.13 -3.01
CA ILE B 108 -8.95 -18.49 -1.72
C ILE B 108 -9.61 -17.58 -0.69
N THR B 109 -10.68 -18.07 -0.07
CA THR B 109 -11.50 -17.21 0.77
C THR B 109 -10.79 -16.84 2.08
N ALA B 110 -9.94 -17.74 2.60
CA ALA B 110 -9.17 -17.39 3.78
C ALA B 110 -8.28 -16.19 3.52
N LYS B 111 -7.67 -16.14 2.34
CA LYS B 111 -6.87 -14.98 1.96
C LYS B 111 -7.71 -13.72 1.89
N VAL B 112 -8.94 -13.84 1.35
CA VAL B 112 -9.81 -12.67 1.24
C VAL B 112 -10.15 -12.14 2.63
N VAL B 113 -10.51 -13.04 3.54
CA VAL B 113 -10.87 -12.63 4.90
C VAL B 113 -9.66 -12.01 5.60
N ALA B 114 -8.48 -12.60 5.44
CA ALA B 114 -7.29 -12.06 6.08
C ALA B 114 -6.96 -10.66 5.57
N ASP B 115 -7.04 -10.46 4.24
CA ASP B 115 -6.78 -9.14 3.69
C ASP B 115 -7.82 -8.12 4.15
N PHE B 116 -9.09 -8.52 4.24
CA PHE B 116 -10.10 -7.57 4.66
C PHE B 116 -9.93 -7.20 6.13
N LEU B 117 -9.56 -8.19 6.97
CA LEU B 117 -9.27 -7.91 8.37
C LEU B 117 -8.10 -6.94 8.50
N SER B 118 -7.05 -7.17 7.72
CA SER B 118 -5.90 -6.28 7.78
C SER B 118 -6.25 -4.88 7.27
N SER B 119 -7.11 -4.79 6.26
CA SER B 119 -7.46 -3.50 5.69
C SER B 119 -8.33 -2.68 6.65
N VAL B 120 -9.29 -3.33 7.30
CA VAL B 120 -10.21 -2.58 8.15
C VAL B 120 -9.54 -2.05 9.42
N GLY B 121 -8.39 -2.62 9.80
CA GLY B 121 -7.62 -2.05 10.89
C GLY B 121 -7.32 -2.96 12.06
N VAL B 122 -7.32 -4.27 11.83
CA VAL B 122 -6.99 -5.24 12.88
C VAL B 122 -5.49 -5.28 13.07
N ASP B 123 -5.05 -5.33 14.33
CA ASP B 123 -3.63 -5.34 14.67
C ASP B 123 -3.11 -6.74 14.99
N ARG B 124 -3.91 -7.60 15.61
CA ARG B 124 -3.51 -8.94 15.97
C ARG B 124 -4.69 -9.88 15.81
N VAL B 125 -4.39 -11.17 15.73
CA VAL B 125 -5.41 -12.22 15.65
C VAL B 125 -5.08 -13.29 16.67
N LEU B 126 -6.11 -13.83 17.31
CA LEU B 126 -5.95 -14.92 18.27
C LEU B 126 -7.06 -15.94 17.99
N THR B 127 -6.69 -17.05 17.36
CA THR B 127 -7.62 -18.09 16.98
C THR B 127 -7.38 -19.34 17.82
N VAL B 128 -8.21 -20.35 17.60
CA VAL B 128 -8.10 -21.63 18.29
C VAL B 128 -8.06 -22.74 17.24
N ASP B 129 -6.99 -23.54 17.26
CA ASP B 129 -6.85 -24.72 16.40
C ASP B 129 -7.08 -24.38 14.93
N LEU B 130 -6.35 -23.37 14.47
CA LEU B 130 -6.30 -23.08 13.05
C LEU B 130 -5.47 -24.13 12.32
N HIS B 131 -5.64 -24.20 11.01
CA HIS B 131 -4.80 -25.08 10.20
C HIS B 131 -3.41 -24.47 10.09
N ALA B 132 -2.55 -24.78 11.06
CA ALA B 132 -1.34 -24.02 11.29
C ALA B 132 -0.22 -24.40 10.34
N GLU B 133 -0.51 -24.41 9.05
CA GLU B 133 0.51 -24.55 8.02
C GLU B 133 0.33 -23.60 6.84
N GLN B 134 -0.89 -23.12 6.60
CA GLN B 134 -1.22 -22.32 5.43
C GLN B 134 -1.70 -20.93 5.79
N ILE B 135 -2.71 -20.84 6.67
CA ILE B 135 -3.44 -19.59 6.84
C ILE B 135 -2.61 -18.56 7.58
N GLN B 136 -1.63 -18.99 8.40
CA GLN B 136 -0.82 -18.00 9.09
C GLN B 136 0.04 -17.18 8.14
N GLY B 137 0.28 -17.67 6.93
CA GLY B 137 0.96 -16.86 5.94
C GLY B 137 0.08 -15.85 5.24
N PHE B 138 -1.24 -15.98 5.36
CA PHE B 138 -2.17 -15.06 4.74
C PHE B 138 -2.34 -13.78 5.54
N PHE B 139 -1.81 -13.72 6.75
CA PHE B 139 -1.95 -12.55 7.62
C PHE B 139 -0.64 -11.77 7.63
N ASP B 140 -0.74 -10.46 7.44
CA ASP B 140 0.38 -9.56 7.65
C ASP B 140 0.44 -9.01 9.05
N VAL B 141 -0.48 -9.44 9.92
CA VAL B 141 -0.48 -9.10 11.34
C VAL B 141 -0.13 -10.36 12.11
N PRO B 142 0.46 -10.25 13.31
CA PRO B 142 0.80 -11.46 14.06
C PRO B 142 -0.43 -12.27 14.42
N VAL B 143 -0.31 -13.58 14.34
CA VAL B 143 -1.40 -14.50 14.65
C VAL B 143 -0.95 -15.39 15.79
N ASP B 144 -1.74 -15.44 16.85
CA ASP B 144 -1.48 -16.31 18.00
C ASP B 144 -2.46 -17.48 17.92
N ASN B 145 -1.94 -18.64 17.57
CA ASN B 145 -2.75 -19.85 17.46
C ASN B 145 -2.62 -20.65 18.75
N VAL B 146 -3.68 -20.71 19.52
CA VAL B 146 -3.72 -21.53 20.72
C VAL B 146 -4.47 -22.81 20.39
N PHE B 147 -4.20 -23.86 21.17
CA PHE B 147 -4.65 -25.21 20.85
C PHE B 147 -5.62 -25.71 21.90
N GLY B 148 -6.71 -26.31 21.45
CA GLY B 148 -7.64 -26.98 22.34
C GLY B 148 -7.26 -28.39 22.68
N SER B 149 -6.14 -28.89 22.17
CA SER B 149 -5.72 -30.25 22.47
C SER B 149 -5.45 -30.50 23.95
N PRO B 150 -4.75 -29.64 24.70
CA PRO B 150 -4.52 -29.95 26.12
C PRO B 150 -5.79 -30.18 26.92
N ILE B 151 -6.83 -29.39 26.70
CA ILE B 151 -8.07 -29.54 27.48
C ILE B 151 -8.78 -30.84 27.11
N LEU B 152 -8.89 -31.12 25.81
CA LEU B 152 -9.51 -32.37 25.38
C LEU B 152 -8.74 -33.57 25.90
N LEU B 153 -7.41 -33.49 25.91
CA LEU B 153 -6.60 -34.62 26.35
C LEU B 153 -6.70 -34.81 27.85
N GLU B 154 -6.71 -33.72 28.62
CA GLU B 154 -6.86 -33.83 30.06
C GLU B 154 -8.25 -34.34 30.42
N ASP B 155 -9.25 -34.09 29.58
CA ASP B 155 -10.55 -34.73 29.78
C ASP B 155 -10.54 -36.20 29.36
N MET B 156 -9.74 -36.53 28.33
CA MET B 156 -9.59 -37.92 27.91
C MET B 156 -9.03 -38.77 29.03
N LEU B 157 -7.98 -38.26 29.69
CA LEU B 157 -7.34 -38.99 30.78
C LEU B 157 -8.25 -39.16 31.99
N GLN B 158 -9.33 -38.38 32.10
CA GLN B 158 -10.17 -38.42 33.29
C GLN B 158 -11.04 -39.66 33.34
N LEU B 159 -11.60 -40.10 32.22
CA LEU B 159 -12.65 -41.11 32.22
C LEU B 159 -12.11 -42.54 32.21
N ASN B 160 -10.78 -42.72 32.26
CA ASN B 160 -10.16 -44.02 32.51
C ASN B 160 -10.56 -45.04 31.45
N LEU B 161 -10.12 -44.78 30.22
CA LEU B 161 -10.33 -45.73 29.13
C LEU B 161 -9.63 -47.05 29.43
N ASP B 162 -10.22 -48.14 28.93
CA ASP B 162 -9.66 -49.47 29.18
C ASP B 162 -8.26 -49.60 28.58
N ASN B 163 -8.16 -49.52 27.25
CA ASN B 163 -6.89 -49.59 26.55
C ASN B 163 -6.97 -48.64 25.37
N PRO B 164 -6.70 -47.35 25.59
CA PRO B 164 -6.96 -46.35 24.56
C PRO B 164 -6.12 -46.58 23.31
N ILE B 165 -6.74 -46.34 22.15
CA ILE B 165 -6.04 -46.31 20.88
C ILE B 165 -6.59 -45.13 20.08
N VAL B 166 -5.69 -44.32 19.54
CA VAL B 166 -6.07 -43.12 18.80
C VAL B 166 -6.19 -43.48 17.32
N VAL B 167 -7.34 -43.20 16.73
CA VAL B 167 -7.63 -43.53 15.35
C VAL B 167 -7.95 -42.23 14.61
N SER B 168 -7.17 -41.94 13.57
CA SER B 168 -7.45 -40.77 12.76
C SER B 168 -8.64 -41.07 11.84
N PRO B 169 -9.64 -40.18 11.78
CA PRO B 169 -10.82 -40.47 10.94
C PRO B 169 -10.51 -40.56 9.46
N ASP B 170 -9.40 -40.00 9.01
CA ASP B 170 -9.03 -40.04 7.59
C ASP B 170 -7.51 -40.10 7.50
N ILE B 171 -7.00 -39.95 6.28
CA ILE B 171 -5.56 -40.04 6.07
C ILE B 171 -4.88 -38.67 6.14
N GLY B 172 -5.61 -37.59 5.90
CA GLY B 172 -5.00 -36.27 5.98
C GLY B 172 -4.55 -35.92 7.39
N GLY B 173 -5.43 -36.15 8.37
CA GLY B 173 -5.13 -35.80 9.74
C GLY B 173 -4.54 -36.93 10.56
N VAL B 174 -3.34 -37.38 10.19
CA VAL B 174 -2.68 -38.46 10.92
C VAL B 174 -1.62 -37.88 11.84
N VAL B 175 -1.08 -36.70 11.50
CA VAL B 175 -0.05 -36.09 12.33
C VAL B 175 -0.63 -35.72 13.70
N ARG B 176 -1.81 -35.12 13.72
CA ARG B 176 -2.45 -34.76 14.97
C ARG B 176 -2.78 -35.99 15.81
N ALA B 177 -3.26 -37.05 15.14
CA ALA B 177 -3.55 -38.29 15.85
C ALA B 177 -2.28 -38.89 16.45
N ARG B 178 -1.18 -38.86 15.70
CA ARG B 178 0.09 -39.36 16.23
C ARG B 178 0.56 -38.55 17.43
N ALA B 179 0.41 -37.22 17.36
CA ALA B 179 0.81 -36.38 18.48
C ALA B 179 -0.02 -36.67 19.72
N ILE B 180 -1.34 -36.80 19.55
CA ILE B 180 -2.20 -37.07 20.70
C ILE B 180 -1.93 -38.45 21.27
N ALA B 181 -1.68 -39.44 20.40
CA ALA B 181 -1.35 -40.77 20.87
C ALA B 181 -0.05 -40.77 21.67
N LYS B 182 0.95 -40.03 21.19
CA LYS B 182 2.21 -39.92 21.92
C LYS B 182 1.99 -39.25 23.27
N LEU B 183 1.19 -38.18 23.30
CA LEU B 183 0.94 -37.51 24.57
C LEU B 183 0.12 -38.37 25.52
N LEU B 184 -0.86 -39.11 24.99
CA LEU B 184 -1.76 -39.92 25.82
C LEU B 184 -1.08 -41.24 26.14
N ASN B 185 -0.15 -41.19 27.09
CA ASN B 185 0.54 -42.36 27.63
C ASN B 185 1.25 -43.19 26.55
N ASP B 186 1.53 -42.57 25.40
CA ASP B 186 2.21 -43.25 24.29
C ASP B 186 1.48 -44.53 23.89
N THR B 187 0.17 -44.39 23.65
CA THR B 187 -0.65 -45.55 23.32
C THR B 187 -0.46 -45.93 21.86
N ASP B 188 -1.28 -46.86 21.38
CA ASP B 188 -1.12 -47.45 20.06
C ASP B 188 -1.60 -46.48 18.98
N MET B 189 -1.62 -46.92 17.73
CA MET B 189 -1.86 -46.03 16.61
C MET B 189 -2.68 -46.76 15.55
N ALA B 190 -3.58 -46.03 14.89
CA ALA B 190 -4.43 -46.62 13.87
C ALA B 190 -4.85 -45.57 12.88
N ILE B 191 -5.19 -46.01 11.67
CA ILE B 191 -5.57 -45.12 10.57
C ILE B 191 -6.78 -45.70 9.85
N ILE B 192 -7.74 -44.83 9.53
CA ILE B 192 -8.85 -45.19 8.64
C ILE B 192 -8.51 -44.68 7.25
N ASP B 193 -8.58 -45.57 6.26
CA ASP B 193 -8.28 -45.23 4.87
C ASP B 193 -9.47 -45.58 3.99
N LYS B 194 -9.87 -44.65 3.13
CA LYS B 194 -11.00 -44.85 2.21
C LYS B 194 -10.42 -45.18 0.83
N ARG B 195 -10.37 -46.47 0.52
CA ARG B 195 -9.85 -46.94 -0.75
C ARG B 195 -10.69 -46.42 -1.92
N VAL B 204 -14.95 -48.03 0.13
CA VAL B 204 -14.97 -48.78 1.39
C VAL B 204 -13.96 -48.19 2.36
N MET B 205 -13.84 -48.81 3.52
CA MET B 205 -12.92 -48.38 4.56
C MET B 205 -11.80 -49.40 4.73
N HIS B 206 -10.57 -48.91 4.81
CA HIS B 206 -9.38 -49.73 5.00
C HIS B 206 -8.73 -49.32 6.31
N ILE B 207 -9.17 -49.91 7.41
CA ILE B 207 -8.62 -49.60 8.73
C ILE B 207 -7.27 -50.29 8.86
N ILE B 208 -6.28 -49.55 9.35
CA ILE B 208 -4.92 -50.03 9.50
C ILE B 208 -4.61 -50.11 10.98
N GLY B 209 -4.12 -51.26 11.43
CA GLY B 209 -3.78 -51.47 12.81
C GLY B 209 -4.69 -52.49 13.47
N ASP B 210 -4.44 -52.68 14.77
CA ASP B 210 -5.17 -53.66 15.57
C ASP B 210 -6.26 -52.95 16.37
N VAL B 211 -7.52 -53.32 16.13
CA VAL B 211 -8.64 -52.80 16.88
C VAL B 211 -9.55 -53.95 17.28
N ALA B 212 -9.44 -54.39 18.52
CA ALA B 212 -10.26 -55.49 19.02
C ALA B 212 -10.24 -55.46 20.54
N GLY B 213 -11.43 -55.34 21.15
CA GLY B 213 -11.51 -55.33 22.60
C GLY B 213 -10.87 -54.12 23.24
N ARG B 214 -10.77 -53.01 22.51
CA ARG B 214 -10.15 -51.78 23.01
C ARG B 214 -11.16 -50.65 22.98
N ASP B 215 -10.76 -49.52 23.56
CA ASP B 215 -11.53 -48.29 23.52
C ASP B 215 -10.83 -47.33 22.56
N CYS B 216 -11.54 -46.94 21.51
CA CYS B 216 -10.98 -46.08 20.47
C CYS B 216 -11.36 -44.63 20.72
N VAL B 217 -10.46 -43.72 20.41
CA VAL B 217 -10.65 -42.29 20.63
C VAL B 217 -10.33 -41.60 19.30
N LEU B 218 -11.37 -41.37 18.49
CA LEU B 218 -11.20 -40.60 17.27
C LEU B 218 -10.93 -39.15 17.62
N VAL B 219 -9.98 -38.54 16.92
CA VAL B 219 -9.59 -37.15 17.17
C VAL B 219 -9.70 -36.37 15.88
N ASP B 220 -10.29 -35.18 15.97
CA ASP B 220 -10.39 -34.29 14.82
C ASP B 220 -10.50 -32.86 15.32
N ASP B 221 -10.25 -31.91 14.41
CA ASP B 221 -10.37 -30.50 14.73
C ASP B 221 -11.76 -29.95 14.44
N MET B 222 -12.66 -30.77 13.88
CA MET B 222 -13.94 -30.28 13.41
C MET B 222 -14.89 -31.45 13.23
N ILE B 223 -16.18 -31.18 13.43
CA ILE B 223 -17.26 -32.08 13.07
C ILE B 223 -18.30 -31.25 12.34
N ASP B 224 -18.53 -31.55 11.07
CA ASP B 224 -19.48 -30.77 10.28
C ASP B 224 -20.86 -31.40 10.25
N THR B 225 -20.96 -32.62 9.74
CA THR B 225 -22.23 -33.30 9.56
C THR B 225 -22.17 -34.74 10.05
N GLY B 226 -21.36 -34.99 11.07
CA GLY B 226 -21.05 -36.38 11.39
C GLY B 226 -20.26 -36.95 10.24
N GLY B 227 -20.91 -37.78 9.42
CA GLY B 227 -20.31 -38.16 8.17
C GLY B 227 -19.09 -39.04 8.31
N THR B 228 -17.91 -38.46 8.11
CA THR B 228 -16.67 -39.22 8.16
C THR B 228 -16.47 -39.86 9.53
N LEU B 229 -16.73 -39.12 10.60
CA LEU B 229 -16.54 -39.68 11.94
C LEU B 229 -17.52 -40.81 12.22
N CYS B 230 -18.78 -40.65 11.83
CA CYS B 230 -19.76 -41.71 12.02
C CYS B 230 -19.38 -42.95 11.23
N LYS B 231 -18.97 -42.77 9.98
CA LYS B 231 -18.57 -43.91 9.15
C LYS B 231 -17.34 -44.60 9.72
N ALA B 232 -16.37 -43.83 10.19
CA ALA B 232 -15.18 -44.43 10.79
C ALA B 232 -15.52 -45.19 12.06
N ALA B 233 -16.41 -44.63 12.88
CA ALA B 233 -16.82 -45.34 14.10
C ALA B 233 -17.53 -46.64 13.75
N GLU B 234 -18.40 -46.62 12.75
CA GLU B 234 -19.06 -47.86 12.32
C GLU B 234 -18.04 -48.87 11.81
N ALA B 235 -17.08 -48.41 11.00
CA ALA B 235 -16.09 -49.32 10.41
C ALA B 235 -15.24 -49.98 11.48
N LEU B 236 -14.79 -49.21 12.48
CA LEU B 236 -13.94 -49.79 13.52
C LEU B 236 -14.73 -50.44 14.65
N LYS B 237 -16.06 -50.27 14.67
CA LYS B 237 -16.89 -51.04 15.60
C LYS B 237 -17.44 -52.30 14.97
N GLU B 238 -17.35 -52.45 13.65
CA GLU B 238 -17.64 -53.74 13.03
C GLU B 238 -16.75 -54.84 13.61
N ARG B 239 -15.52 -54.49 14.00
CA ARG B 239 -14.56 -55.47 14.48
C ARG B 239 -14.35 -55.39 15.99
N GLY B 240 -15.43 -55.27 16.77
CA GLY B 240 -15.38 -55.45 18.20
C GLY B 240 -14.61 -54.42 19.00
N ALA B 241 -14.81 -53.14 18.69
CA ALA B 241 -14.34 -52.07 19.55
C ALA B 241 -15.34 -51.86 20.68
N LYS B 242 -14.82 -51.77 21.91
CA LYS B 242 -15.70 -51.67 23.07
C LYS B 242 -16.54 -50.40 23.03
N ARG B 243 -15.89 -49.25 23.09
CA ARG B 243 -16.57 -47.96 23.00
C ARG B 243 -15.81 -47.06 22.05
N VAL B 244 -16.51 -46.09 21.48
CA VAL B 244 -15.94 -45.16 20.53
C VAL B 244 -16.24 -43.74 21.02
N PHE B 245 -15.19 -42.97 21.28
CA PHE B 245 -15.31 -41.58 21.70
C PHE B 245 -14.71 -40.69 20.62
N ALA B 246 -15.47 -39.69 20.20
CA ALA B 246 -15.01 -38.74 19.19
C ALA B 246 -14.77 -37.39 19.85
N TYR B 247 -13.56 -36.87 19.71
CA TYR B 247 -13.18 -35.60 20.31
C TYR B 247 -12.89 -34.59 19.22
N ALA B 248 -13.52 -33.42 19.30
CA ALA B 248 -13.35 -32.38 18.32
C ALA B 248 -13.23 -31.04 19.02
N THR B 249 -12.66 -30.07 18.30
CA THR B 249 -12.54 -28.72 18.85
C THR B 249 -13.68 -27.81 18.42
N HIS B 250 -14.06 -27.85 17.14
CA HIS B 250 -15.04 -26.94 16.60
C HIS B 250 -16.34 -27.68 16.29
N PRO B 251 -17.38 -27.50 17.09
CA PRO B 251 -18.68 -28.17 16.83
C PRO B 251 -19.53 -27.40 15.82
N ILE B 252 -19.14 -27.50 14.54
CA ILE B 252 -19.88 -26.80 13.51
C ILE B 252 -21.30 -27.33 13.39
N PHE B 253 -21.43 -28.66 13.29
CA PHE B 253 -22.72 -29.36 13.34
C PHE B 253 -23.73 -28.75 12.36
N SER B 254 -23.36 -28.75 11.08
CA SER B 254 -24.21 -28.25 10.03
C SER B 254 -24.91 -29.44 9.35
N GLY B 255 -25.63 -29.16 8.27
CA GLY B 255 -26.34 -30.22 7.60
C GLY B 255 -27.39 -30.81 8.52
N ASN B 256 -27.34 -32.13 8.72
CA ASN B 256 -28.20 -32.75 9.74
C ASN B 256 -27.51 -32.77 11.09
N ALA B 257 -26.41 -33.52 11.19
CA ALA B 257 -25.54 -33.54 12.36
C ALA B 257 -26.28 -33.80 13.67
N ALA B 258 -27.56 -34.18 13.58
CA ALA B 258 -28.36 -34.46 14.76
C ALA B 258 -29.07 -35.79 14.56
N ASN B 259 -29.36 -36.11 13.30
CA ASN B 259 -29.80 -37.45 12.93
C ASN B 259 -28.63 -38.35 12.60
N ASN B 260 -27.48 -37.79 12.25
CA ASN B 260 -26.28 -38.60 12.07
C ASN B 260 -25.71 -39.05 13.40
N LEU B 261 -25.73 -38.18 14.42
CA LEU B 261 -25.17 -38.54 15.71
C LEU B 261 -26.08 -39.50 16.47
N ARG B 262 -27.39 -39.27 16.44
CA ARG B 262 -28.31 -40.17 17.12
C ARG B 262 -28.31 -41.55 16.47
N ASN B 263 -28.40 -41.60 15.14
CA ASN B 263 -28.38 -42.87 14.44
C ASN B 263 -26.94 -43.29 14.18
N SER B 264 -26.13 -43.37 15.24
CA SER B 264 -24.75 -43.77 15.13
C SER B 264 -24.38 -44.61 16.34
N VAL B 265 -23.17 -45.18 16.30
CA VAL B 265 -22.68 -46.03 17.36
C VAL B 265 -21.69 -45.31 18.27
N ILE B 266 -21.50 -44.01 18.07
CA ILE B 266 -20.61 -43.24 18.94
C ILE B 266 -21.27 -43.07 20.30
N ASP B 267 -20.52 -43.39 21.36
CA ASP B 267 -21.07 -43.34 22.71
C ASP B 267 -20.96 -41.98 23.36
N GLU B 268 -20.03 -41.13 22.92
CA GLU B 268 -19.89 -39.81 23.50
C GLU B 268 -19.08 -38.94 22.55
N VAL B 269 -19.62 -37.77 22.22
CA VAL B 269 -18.94 -36.78 21.41
C VAL B 269 -18.60 -35.59 22.30
N VAL B 270 -17.31 -35.29 22.43
CA VAL B 270 -16.84 -34.21 23.28
C VAL B 270 -16.31 -33.10 22.40
N VAL B 271 -16.82 -31.88 22.59
CA VAL B 271 -16.47 -30.74 21.76
C VAL B 271 -16.16 -29.55 22.68
N CYS B 272 -15.57 -28.52 22.08
CA CYS B 272 -15.32 -27.27 22.78
C CYS B 272 -16.45 -26.29 22.50
N ASP B 273 -16.39 -25.11 23.11
CA ASP B 273 -17.48 -24.15 23.04
C ASP B 273 -17.16 -22.95 22.15
N THR B 274 -16.43 -23.19 21.05
CA THR B 274 -16.13 -22.12 20.12
C THR B 274 -17.33 -21.74 19.26
N ILE B 275 -18.33 -22.61 19.16
CA ILE B 275 -19.55 -22.35 18.39
C ILE B 275 -20.74 -22.60 19.31
N PRO B 276 -21.80 -21.78 19.23
CA PRO B 276 -22.85 -21.84 20.25
C PRO B 276 -23.56 -23.18 20.43
N LEU B 277 -23.45 -24.12 19.49
CA LEU B 277 -23.98 -25.48 19.70
C LEU B 277 -25.50 -25.43 19.93
N SER B 278 -26.21 -25.21 18.82
CA SER B 278 -27.63 -24.93 18.81
C SER B 278 -28.45 -26.00 19.54
N ASP B 279 -29.74 -25.67 19.74
CA ASP B 279 -30.56 -26.36 20.74
C ASP B 279 -30.76 -27.84 20.40
N GLU B 280 -30.97 -28.16 19.12
CA GLU B 280 -31.23 -29.56 18.76
C GLU B 280 -30.06 -30.45 19.15
N ILE B 281 -28.84 -29.95 19.05
CA ILE B 281 -27.68 -30.71 19.52
C ILE B 281 -27.69 -30.81 21.03
N LYS B 282 -28.12 -29.74 21.72
CA LYS B 282 -28.23 -29.79 23.17
C LYS B 282 -29.19 -30.89 23.62
N SER B 283 -30.24 -31.15 22.84
CA SER B 283 -31.21 -32.17 23.21
C SER B 283 -30.59 -33.57 23.20
N LEU B 284 -29.53 -33.77 22.42
CA LEU B 284 -28.89 -35.09 22.37
C LEU B 284 -28.24 -35.41 23.71
N PRO B 285 -28.31 -36.67 24.16
CA PRO B 285 -27.74 -37.02 25.45
C PRO B 285 -26.25 -37.36 25.39
N ASN B 286 -25.78 -37.82 24.24
CA ASN B 286 -24.42 -38.31 24.10
C ASN B 286 -23.46 -37.25 23.58
N VAL B 287 -23.82 -35.98 23.68
CA VAL B 287 -22.96 -34.88 23.26
C VAL B 287 -22.68 -34.01 24.48
N ARG B 288 -21.40 -33.87 24.82
CA ARG B 288 -20.97 -33.09 25.96
C ARG B 288 -19.94 -32.07 25.51
N THR B 289 -20.05 -30.84 26.02
CA THR B 289 -19.19 -29.75 25.59
C THR B 289 -18.26 -29.32 26.72
N LEU B 290 -17.00 -29.06 26.37
CA LEU B 290 -16.03 -28.50 27.29
C LEU B 290 -16.04 -26.98 27.17
N THR B 291 -15.06 -26.33 27.77
CA THR B 291 -14.97 -24.87 27.70
C THR B 291 -13.52 -24.45 27.51
N LEU B 292 -13.32 -23.47 26.63
CA LEU B 292 -12.01 -22.88 26.38
C LEU B 292 -11.86 -21.52 27.02
N SER B 293 -12.79 -21.14 27.91
CA SER B 293 -12.80 -19.80 28.45
C SER B 293 -11.57 -19.52 29.30
N GLY B 294 -11.11 -20.51 30.08
CA GLY B 294 -9.93 -20.30 30.89
C GLY B 294 -8.68 -20.08 30.06
N MET B 295 -8.48 -20.91 29.04
CA MET B 295 -7.30 -20.77 28.20
C MET B 295 -7.36 -19.48 27.41
N LEU B 296 -8.53 -19.13 26.89
CA LEU B 296 -8.65 -17.88 26.12
C LEU B 296 -8.44 -16.67 27.01
N ALA B 297 -8.93 -16.71 28.25
CA ALA B 297 -8.70 -15.60 29.17
C ALA B 297 -7.23 -15.46 29.50
N GLU B 298 -6.54 -16.57 29.76
CA GLU B 298 -5.11 -16.50 30.01
C GLU B 298 -4.35 -15.98 28.81
N ALA B 299 -4.74 -16.42 27.61
CA ALA B 299 -4.08 -15.94 26.40
C ALA B 299 -4.30 -14.44 26.20
N ILE B 300 -5.51 -13.95 26.46
CA ILE B 300 -5.79 -12.54 26.34
C ILE B 300 -4.96 -11.74 27.34
N ARG B 301 -4.90 -12.22 28.58
CA ARG B 301 -4.12 -11.52 29.60
C ARG B 301 -2.64 -11.50 29.24
N ARG B 302 -2.13 -12.59 28.67
CA ARG B 302 -0.72 -12.64 28.31
C ARG B 302 -0.40 -11.81 27.07
N ILE B 303 -1.35 -11.71 26.13
CA ILE B 303 -1.15 -10.85 24.98
C ILE B 303 -1.14 -9.39 25.39
N SER B 304 -2.03 -9.02 26.31
CA SER B 304 -2.08 -7.62 26.75
C SER B 304 -0.81 -7.21 27.48
N ASN B 305 -0.25 -8.10 28.29
CA ASN B 305 0.92 -7.80 29.10
C ASN B 305 2.23 -8.18 28.44
N GLU B 306 2.19 -8.67 27.20
CA GLU B 306 3.39 -9.06 26.44
C GLU B 306 4.16 -10.16 27.17
N GLU B 307 3.45 -11.20 27.58
CA GLU B 307 4.06 -12.38 28.18
C GLU B 307 4.04 -13.54 27.18
N SER B 308 4.81 -14.58 27.50
CA SER B 308 4.97 -15.69 26.59
C SER B 308 3.70 -16.52 26.50
N ILE B 309 3.09 -16.56 25.32
CA ILE B 309 1.94 -17.43 25.09
C ILE B 309 2.38 -18.89 25.05
N SER B 310 3.52 -19.16 24.42
CA SER B 310 3.98 -20.54 24.29
C SER B 310 4.33 -21.15 25.64
N ALA B 311 4.70 -20.32 26.62
CA ALA B 311 4.96 -20.82 27.96
C ALA B 311 3.70 -21.33 28.65
N MET B 312 2.52 -21.02 28.11
CA MET B 312 1.27 -21.52 28.67
C MET B 312 1.06 -23.00 28.36
N PHE B 313 1.66 -23.51 27.30
CA PHE B 313 1.40 -24.87 26.83
C PHE B 313 2.53 -25.85 27.06
N GLU B 314 3.67 -25.41 27.61
CA GLU B 314 4.80 -26.31 27.81
C GLU B 314 5.54 -25.92 29.08
N HIS B 315 6.26 -26.90 29.63
CA HIS B 315 7.03 -26.71 30.85
C HIS B 315 8.29 -25.90 30.58
N ASP C 3 14.08 -3.83 27.77
CA ASP C 3 13.44 -4.74 26.83
C ASP C 3 14.26 -4.83 25.53
N MET C 4 15.52 -4.44 25.61
CA MET C 4 16.41 -4.47 24.46
C MET C 4 17.04 -5.85 24.29
N LYS C 5 16.94 -6.41 23.09
CA LYS C 5 17.56 -7.69 22.77
C LYS C 5 18.41 -7.53 21.51
N LEU C 6 19.52 -8.26 21.49
CA LEU C 6 20.48 -8.18 20.39
C LEU C 6 20.57 -9.54 19.70
N PHE C 7 20.47 -9.53 18.38
CA PHE C 7 20.63 -10.74 17.57
C PHE C 7 21.67 -10.48 16.50
N ALA C 8 22.29 -11.55 16.03
CA ALA C 8 23.33 -11.44 15.02
C ALA C 8 23.19 -12.57 14.01
N GLY C 9 23.68 -12.32 12.81
CA GLY C 9 23.69 -13.34 11.79
C GLY C 9 25.04 -14.00 11.66
N ASN C 10 25.53 -14.16 10.43
CA ASN C 10 26.81 -14.80 10.19
C ASN C 10 27.80 -13.91 9.47
N ALA C 11 27.43 -12.68 9.14
CA ALA C 11 28.35 -11.78 8.45
C ALA C 11 29.40 -11.25 9.41
N THR C 12 28.97 -10.57 10.47
CA THR C 12 29.86 -9.95 11.45
C THR C 12 29.53 -10.49 12.83
N PRO C 13 30.04 -11.66 13.19
CA PRO C 13 29.78 -12.20 14.53
C PRO C 13 30.69 -11.60 15.59
N GLU C 14 31.93 -11.27 15.22
CA GLU C 14 32.87 -10.66 16.15
C GLU C 14 32.46 -9.25 16.54
N LEU C 15 32.08 -8.43 15.56
CA LEU C 15 31.62 -7.09 15.86
C LEU C 15 30.35 -7.11 16.71
N ALA C 16 29.45 -8.05 16.40
CA ALA C 16 28.24 -8.19 17.21
C ALA C 16 28.57 -8.58 18.63
N GLN C 17 29.54 -9.47 18.81
CA GLN C 17 29.95 -9.85 20.16
C GLN C 17 30.57 -8.68 20.90
N ARG C 18 31.38 -7.87 20.20
CA ARG C 18 31.97 -6.70 20.84
C ARG C 18 30.90 -5.70 21.28
N ILE C 19 29.92 -5.45 20.41
CA ILE C 19 28.82 -4.55 20.77
C ILE C 19 28.05 -5.10 21.96
N ALA C 20 27.78 -6.40 21.96
CA ALA C 20 27.06 -7.00 23.08
C ALA C 20 27.86 -6.90 24.37
N ASN C 21 29.19 -7.05 24.29
CA ASN C 21 30.01 -6.90 25.48
C ASN C 21 29.98 -5.47 26.01
N ARG C 22 30.05 -4.48 25.12
CA ARG C 22 30.02 -3.10 25.56
C ARG C 22 28.65 -2.66 26.07
N LEU C 23 27.60 -3.40 25.77
CA LEU C 23 26.27 -3.13 26.31
C LEU C 23 25.97 -3.94 27.56
N TYR C 24 26.94 -4.71 28.06
CA TYR C 24 26.77 -5.53 29.26
C TYR C 24 25.60 -6.49 29.11
N THR C 25 25.45 -7.05 27.91
CA THR C 25 24.39 -7.99 27.62
C THR C 25 25.00 -9.14 26.82
N SER C 26 24.14 -10.02 26.30
CA SER C 26 24.57 -11.14 25.50
C SER C 26 23.69 -11.25 24.26
N LEU C 27 24.24 -11.82 23.20
CA LEU C 27 23.49 -12.01 21.97
C LEU C 27 22.33 -12.97 22.21
N GLY C 28 21.22 -12.72 21.53
CA GLY C 28 20.06 -13.57 21.67
C GLY C 28 20.31 -14.97 21.14
N ASP C 29 19.41 -15.88 21.51
CA ASP C 29 19.54 -17.28 21.12
C ASP C 29 18.71 -17.52 19.87
N ALA C 30 19.35 -17.36 18.71
CA ALA C 30 18.73 -17.64 17.43
C ALA C 30 19.68 -18.49 16.61
N ALA C 31 19.17 -19.59 16.06
CA ALA C 31 19.98 -20.49 15.25
C ALA C 31 19.84 -20.08 13.79
N VAL C 32 20.84 -19.37 13.28
CA VAL C 32 20.85 -18.91 11.90
C VAL C 32 21.88 -19.76 11.16
N GLY C 33 21.40 -20.57 10.23
CA GLY C 33 22.27 -21.47 9.49
C GLY C 33 21.76 -21.74 8.09
N ARG C 34 22.36 -22.71 7.42
CA ARG C 34 22.03 -23.05 6.04
C ARG C 34 21.45 -24.45 6.00
N PHE C 35 20.46 -24.66 5.13
CA PHE C 35 19.99 -26.00 4.83
C PHE C 35 20.97 -26.67 3.88
N SER C 36 20.66 -27.93 3.51
CA SER C 36 21.55 -28.68 2.64
C SER C 36 21.64 -28.05 1.26
N ASP C 37 20.54 -27.50 0.76
CA ASP C 37 20.48 -26.93 -0.59
C ASP C 37 20.90 -25.48 -0.64
N GLY C 38 21.28 -24.87 0.48
CA GLY C 38 21.78 -23.51 0.48
C GLY C 38 20.79 -22.46 0.94
N GLU C 39 19.54 -22.83 1.20
CA GLU C 39 18.57 -21.85 1.67
C GLU C 39 18.84 -21.47 3.13
N VAL C 40 18.54 -20.22 3.45
CA VAL C 40 18.79 -19.71 4.80
C VAL C 40 17.78 -20.33 5.77
N SER C 41 18.29 -20.85 6.88
CA SER C 41 17.48 -21.41 7.95
C SER C 41 17.59 -20.50 9.16
N VAL C 42 16.46 -20.05 9.69
CA VAL C 42 16.43 -19.15 10.83
C VAL C 42 15.35 -19.64 11.78
N GLN C 43 15.66 -19.67 13.08
CA GLN C 43 14.67 -19.99 14.09
C GLN C 43 15.07 -19.29 15.38
N ILE C 44 14.08 -18.75 16.08
CA ILE C 44 14.31 -17.96 17.28
C ILE C 44 13.98 -18.84 18.48
N ASN C 45 14.95 -19.01 19.36
CA ASN C 45 14.78 -19.83 20.55
C ASN C 45 14.49 -19.02 21.80
N GLU C 46 14.41 -17.70 21.69
CA GLU C 46 14.09 -16.81 22.80
C GLU C 46 12.66 -16.31 22.66
N ASN C 47 12.19 -15.64 23.69
CA ASN C 47 10.89 -14.97 23.68
C ASN C 47 11.14 -13.49 23.41
N VAL C 48 10.70 -13.00 22.26
CA VAL C 48 10.96 -11.63 21.85
C VAL C 48 9.67 -10.82 21.76
N ARG C 49 8.61 -11.26 22.44
CA ARG C 49 7.33 -10.58 22.35
C ARG C 49 7.41 -9.23 23.03
N GLY C 50 7.04 -8.19 22.30
CA GLY C 50 7.06 -6.83 22.83
C GLY C 50 8.44 -6.26 23.04
N GLY C 51 9.49 -6.98 22.68
CA GLY C 51 10.84 -6.52 22.93
C GLY C 51 11.30 -5.52 21.90
N ASP C 52 12.44 -4.90 22.19
CA ASP C 52 13.07 -3.91 21.31
C ASP C 52 14.28 -4.60 20.68
N ILE C 53 14.10 -5.10 19.46
CA ILE C 53 15.07 -6.00 18.85
C ILE C 53 16.02 -5.22 17.95
N PHE C 54 17.29 -5.57 18.01
CA PHE C 54 18.32 -5.04 17.12
C PHE C 54 19.01 -6.20 16.43
N ILE C 55 19.15 -6.12 15.11
CA ILE C 55 19.81 -7.14 14.31
C ILE C 55 21.08 -6.53 13.75
N ILE C 56 22.22 -7.12 14.10
CA ILE C 56 23.53 -6.66 13.67
C ILE C 56 23.95 -7.56 12.52
N GLN C 57 23.87 -7.06 11.29
CA GLN C 57 24.11 -7.89 10.11
C GLN C 57 24.57 -6.97 8.99
N SER C 58 25.87 -6.95 8.73
CA SER C 58 26.41 -6.24 7.59
C SER C 58 26.13 -7.02 6.32
N THR C 59 25.81 -6.31 5.25
CA THR C 59 25.57 -6.94 3.95
C THR C 59 26.83 -6.92 3.10
N CYS C 60 27.88 -7.54 3.64
CA CYS C 60 29.16 -7.65 2.98
C CYS C 60 29.25 -8.99 2.25
N ALA C 61 30.38 -9.20 1.57
CA ALA C 61 30.53 -10.40 0.75
C ALA C 61 30.54 -11.66 1.61
N PRO C 62 29.76 -12.69 1.27
CA PRO C 62 28.81 -12.79 0.15
C PRO C 62 27.54 -11.98 0.38
N THR C 63 27.29 -11.01 -0.50
CA THR C 63 26.24 -10.02 -0.22
C THR C 63 24.85 -10.65 -0.21
N ASN C 64 24.56 -11.53 -1.16
CA ASN C 64 23.20 -12.04 -1.30
C ASN C 64 22.83 -12.95 -0.13
N ASP C 65 23.75 -13.82 0.30
CA ASP C 65 23.47 -14.68 1.44
C ASP C 65 23.26 -13.87 2.71
N ASN C 66 24.08 -12.84 2.93
CA ASN C 66 23.93 -12.00 4.12
C ASN C 66 22.61 -11.24 4.11
N LEU C 67 22.25 -10.68 2.96
CA LEU C 67 20.99 -9.95 2.87
C LEU C 67 19.80 -10.88 3.08
N MET C 68 19.87 -12.11 2.54
CA MET C 68 18.78 -13.05 2.75
C MET C 68 18.67 -13.47 4.21
N GLU C 69 19.82 -13.68 4.88
CA GLU C 69 19.79 -13.93 6.31
C GLU C 69 19.11 -12.79 7.05
N LEU C 70 19.46 -11.55 6.69
CA LEU C 70 18.88 -10.39 7.36
C LEU C 70 17.37 -10.35 7.20
N VAL C 71 16.87 -10.50 5.98
CA VAL C 71 15.42 -10.36 5.78
C VAL C 71 14.68 -11.54 6.38
N VAL C 72 15.29 -12.74 6.37
CA VAL C 72 14.62 -13.89 6.96
C VAL C 72 14.57 -13.75 8.48
N MET C 73 15.64 -13.24 9.10
CA MET C 73 15.58 -12.97 10.53
C MET C 73 14.53 -11.91 10.86
N VAL C 74 14.43 -10.88 10.02
CA VAL C 74 13.43 -9.84 10.27
C VAL C 74 12.03 -10.43 10.20
N ASP C 75 11.78 -11.30 9.22
CA ASP C 75 10.45 -11.92 9.11
C ASP C 75 10.17 -12.83 10.29
N ALA C 76 11.17 -13.62 10.71
CA ALA C 76 10.98 -14.53 11.84
C ALA C 76 10.71 -13.76 13.13
N LEU C 77 11.37 -12.62 13.31
CA LEU C 77 11.13 -11.82 14.51
C LEU C 77 9.80 -11.07 14.42
N ARG C 78 9.39 -10.64 13.23
CA ARG C 78 8.12 -9.95 13.08
C ARG C 78 6.95 -10.89 13.32
N ARG C 79 7.06 -12.15 12.92
CA ARG C 79 5.99 -13.10 13.18
C ARG C 79 6.00 -13.61 14.60
N ALA C 80 7.03 -13.29 15.39
CA ALA C 80 7.10 -13.66 16.80
C ALA C 80 6.66 -12.53 17.72
N SER C 81 5.97 -11.53 17.16
CA SER C 81 5.37 -10.43 17.92
C SER C 81 6.44 -9.54 18.57
N ALA C 82 7.55 -9.35 17.88
CA ALA C 82 8.55 -8.40 18.35
C ALA C 82 7.99 -6.98 18.29
N GLY C 83 8.34 -6.18 19.28
CA GLY C 83 7.83 -4.83 19.36
C GLY C 83 8.33 -3.93 18.25
N ARG C 84 9.62 -3.63 18.27
CA ARG C 84 10.26 -2.84 17.23
C ARG C 84 11.51 -3.55 16.76
N ILE C 85 11.74 -3.55 15.46
CA ILE C 85 12.90 -4.20 14.86
C ILE C 85 13.78 -3.11 14.25
N THR C 86 15.00 -3.00 14.73
CA THR C 86 16.00 -2.10 14.16
C THR C 86 17.07 -2.95 13.51
N ALA C 87 17.38 -2.65 12.25
CA ALA C 87 18.41 -3.37 11.51
C ALA C 87 19.69 -2.55 11.56
N VAL C 88 20.64 -2.98 12.37
CA VAL C 88 21.94 -2.34 12.45
C VAL C 88 22.81 -2.92 11.33
N ILE C 89 23.01 -2.15 10.28
CA ILE C 89 23.78 -2.60 9.12
C ILE C 89 25.04 -1.75 9.03
N PRO C 90 26.16 -2.21 9.60
CA PRO C 90 27.37 -1.40 9.57
C PRO C 90 27.84 -1.03 8.19
N TYR C 91 27.63 -1.90 7.20
CA TYR C 91 27.95 -1.59 5.81
C TYR C 91 26.77 -1.98 4.93
N PHE C 92 26.20 -1.01 4.24
CA PHE C 92 25.07 -1.25 3.35
C PHE C 92 25.60 -1.72 1.99
N GLY C 93 25.15 -2.89 1.54
CA GLY C 93 25.76 -3.55 0.42
C GLY C 93 25.51 -2.97 -0.96
N TYR C 94 24.27 -3.05 -1.44
CA TYR C 94 23.99 -2.67 -2.82
C TYR C 94 23.81 -1.17 -2.97
N ALA C 95 24.77 -0.39 -2.48
CA ALA C 95 24.61 1.05 -2.47
C ALA C 95 25.79 1.82 -3.07
N ARG C 96 26.75 1.13 -3.66
CA ARG C 96 27.92 1.81 -4.20
C ARG C 96 27.53 2.63 -5.42
N GLN C 97 28.10 3.83 -5.53
CA GLN C 97 27.86 4.70 -6.67
C GLN C 97 29.01 4.69 -7.67
N ASP C 98 30.21 4.34 -7.25
CA ASP C 98 31.34 4.26 -8.17
C ASP C 98 31.41 2.92 -8.87
N ARG C 99 30.29 2.50 -9.47
CA ARG C 99 30.28 1.36 -10.38
C ARG C 99 29.19 1.64 -11.41
N ARG C 100 29.60 2.20 -12.55
CA ARG C 100 28.63 2.56 -13.59
C ARG C 100 29.20 2.08 -14.92
N VAL C 101 28.66 0.97 -15.41
CA VAL C 101 28.91 0.52 -16.78
C VAL C 101 27.81 1.12 -17.65
N ARG C 102 28.20 1.63 -18.81
CA ARG C 102 27.31 2.50 -19.59
C ARG C 102 26.38 1.67 -20.45
N SER C 103 25.15 1.50 -19.97
CA SER C 103 24.04 1.02 -20.78
C SER C 103 22.77 1.83 -20.61
N ALA C 104 22.62 2.57 -19.51
CA ALA C 104 21.50 3.46 -19.25
C ALA C 104 20.22 2.70 -18.97
N ARG C 105 20.23 1.39 -19.16
CA ARG C 105 19.13 0.52 -18.75
C ARG C 105 19.68 -0.34 -17.61
N VAL C 106 19.64 0.21 -16.41
CA VAL C 106 20.23 -0.44 -15.23
C VAL C 106 19.26 -0.31 -14.08
N PRO C 107 19.32 -1.19 -13.08
CA PRO C 107 18.45 -1.04 -11.90
C PRO C 107 19.05 -0.08 -10.90
N ILE C 108 18.22 0.29 -9.92
CA ILE C 108 18.71 0.98 -8.74
C ILE C 108 18.61 -0.01 -7.58
N THR C 109 19.72 -0.71 -7.31
CA THR C 109 19.67 -1.81 -6.37
C THR C 109 19.51 -1.34 -4.92
N ALA C 110 20.02 -0.16 -4.59
CA ALA C 110 19.81 0.38 -3.25
C ALA C 110 18.32 0.58 -2.99
N LYS C 111 17.60 1.06 -4.00
CA LYS C 111 16.14 1.20 -3.87
C LYS C 111 15.47 -0.15 -3.67
N VAL C 112 15.94 -1.17 -4.39
CA VAL C 112 15.35 -2.50 -4.26
C VAL C 112 15.54 -3.02 -2.85
N VAL C 113 16.76 -2.89 -2.32
CA VAL C 113 17.06 -3.37 -0.97
C VAL C 113 16.25 -2.60 0.06
N ALA C 114 16.13 -1.27 -0.10
CA ALA C 114 15.36 -0.48 0.84
C ALA C 114 13.90 -0.88 0.84
N ASP C 115 13.30 -1.06 -0.34
CA ASP C 115 11.91 -1.49 -0.41
C ASP C 115 11.70 -2.88 0.18
N PHE C 116 12.64 -3.79 -0.05
CA PHE C 116 12.47 -5.13 0.50
C PHE C 116 12.61 -5.12 2.02
N LEU C 117 13.53 -4.32 2.54
CA LEU C 117 13.65 -4.17 3.99
C LEU C 117 12.38 -3.60 4.59
N SER C 118 11.82 -2.57 3.95
CA SER C 118 10.58 -2.00 4.45
C SER C 118 9.41 -2.99 4.36
N SER C 119 9.38 -3.80 3.31
CA SER C 119 8.29 -4.74 3.13
C SER C 119 8.34 -5.87 4.15
N VAL C 120 9.54 -6.40 4.43
CA VAL C 120 9.64 -7.55 5.31
C VAL C 120 9.33 -7.18 6.76
N GLY C 121 9.40 -5.90 7.12
CA GLY C 121 8.97 -5.48 8.44
C GLY C 121 9.98 -4.75 9.29
N VAL C 122 10.98 -4.12 8.66
CA VAL C 122 11.98 -3.36 9.39
C VAL C 122 11.40 -2.01 9.78
N ASP C 123 11.67 -1.58 11.02
CA ASP C 123 11.16 -0.32 11.54
C ASP C 123 12.17 0.82 11.48
N ARG C 124 13.45 0.53 11.67
CA ARG C 124 14.50 1.55 11.65
C ARG C 124 15.76 0.95 11.03
N VAL C 125 16.66 1.83 10.60
CA VAL C 125 17.94 1.43 10.05
C VAL C 125 19.03 2.26 10.72
N LEU C 126 20.16 1.63 11.00
CA LEU C 126 21.32 2.31 11.58
C LEU C 126 22.55 1.82 10.83
N THR C 127 23.08 2.67 9.96
CA THR C 127 24.23 2.34 9.14
C THR C 127 25.43 3.17 9.57
N VAL C 128 26.57 2.92 8.92
CA VAL C 128 27.81 3.65 9.19
C VAL C 128 28.33 4.19 7.87
N ASP C 129 28.51 5.50 7.79
CA ASP C 129 29.11 6.18 6.64
C ASP C 129 28.43 5.79 5.33
N LEU C 130 27.11 5.94 5.32
CA LEU C 130 26.36 5.81 4.09
C LEU C 130 26.59 7.03 3.20
N HIS C 131 26.27 6.89 1.91
CA HIS C 131 26.33 8.03 1.01
C HIS C 131 25.16 8.96 1.32
N ALA C 132 25.37 9.88 2.26
CA ALA C 132 24.25 10.57 2.89
C ALA C 132 23.74 11.72 2.03
N GLU C 133 23.43 11.45 0.77
CA GLU C 133 22.71 12.40 -0.07
C GLU C 133 21.63 11.76 -0.91
N GLN C 134 21.70 10.45 -1.17
CA GLN C 134 20.78 9.76 -2.06
C GLN C 134 19.99 8.67 -1.36
N ILE C 135 20.68 7.76 -0.67
CA ILE C 135 20.05 6.52 -0.22
C ILE C 135 19.08 6.77 0.92
N GLN C 136 19.27 7.85 1.70
CA GLN C 136 18.32 8.11 2.78
C GLN C 136 16.93 8.45 2.26
N GLY C 137 16.81 8.87 1.01
CA GLY C 137 15.49 9.05 0.44
C GLY C 137 14.82 7.79 -0.02
N PHE C 138 15.58 6.70 -0.16
CA PHE C 138 15.02 5.42 -0.58
C PHE C 138 14.33 4.68 0.54
N PHE C 139 14.47 5.14 1.77
CA PHE C 139 13.87 4.48 2.93
C PHE C 139 12.64 5.25 3.38
N ASP C 140 11.54 4.52 3.59
CA ASP C 140 10.36 5.08 4.23
C ASP C 140 10.38 4.89 5.74
N VAL C 141 11.44 4.32 6.28
CA VAL C 141 11.64 4.18 7.72
C VAL C 141 12.78 5.11 8.11
N PRO C 142 12.84 5.60 9.34
CA PRO C 142 13.94 6.49 9.72
C PRO C 142 15.29 5.79 9.62
N VAL C 143 16.28 6.54 9.16
CA VAL C 143 17.64 6.03 9.01
C VAL C 143 18.56 6.88 9.86
N ASP C 144 19.34 6.23 10.72
CA ASP C 144 20.32 6.89 11.56
C ASP C 144 21.70 6.59 10.98
N ASN C 145 22.30 7.59 10.36
CA ASN C 145 23.62 7.46 9.76
C ASN C 145 24.65 7.99 10.75
N VAL C 146 25.46 7.11 11.29
CA VAL C 146 26.57 7.49 12.15
C VAL C 146 27.84 7.44 11.33
N PHE C 147 28.84 8.19 11.78
CA PHE C 147 30.04 8.44 10.98
C PHE C 147 31.25 7.85 11.68
N GLY C 148 32.10 7.17 10.91
CA GLY C 148 33.37 6.69 11.39
C GLY C 148 34.49 7.71 11.33
N SER C 149 34.20 8.91 10.85
CA SER C 149 35.23 9.95 10.77
C SER C 149 35.82 10.34 12.13
N PRO C 150 35.06 10.54 13.21
CA PRO C 150 35.70 10.93 14.47
C PRO C 150 36.74 9.94 14.97
N ILE C 151 36.49 8.63 14.84
CA ILE C 151 37.44 7.66 15.35
C ILE C 151 38.70 7.64 14.49
N LEU C 152 38.54 7.65 13.16
CA LEU C 152 39.70 7.69 12.28
C LEU C 152 40.52 8.96 12.51
N LEU C 153 39.84 10.08 12.74
CA LEU C 153 40.55 11.34 12.92
C LEU C 153 41.28 11.39 14.26
N GLU C 154 40.64 10.86 15.31
CA GLU C 154 41.30 10.80 16.61
C GLU C 154 42.49 9.85 16.58
N ASP C 155 42.44 8.83 15.72
CA ASP C 155 43.63 8.01 15.52
C ASP C 155 44.68 8.72 14.66
N MET C 156 44.24 9.55 13.72
CA MET C 156 45.16 10.34 12.91
C MET C 156 45.99 11.26 13.79
N LEU C 157 45.33 11.95 14.72
CA LEU C 157 46.01 12.88 15.61
C LEU C 157 46.97 12.19 16.55
N GLN C 158 46.87 10.87 16.73
CA GLN C 158 47.69 10.18 17.71
C GLN C 158 49.14 10.01 17.25
N LEU C 159 49.35 9.71 15.97
CA LEU C 159 50.66 9.27 15.51
C LEU C 159 51.59 10.43 15.14
N ASN C 160 51.15 11.68 15.32
CA ASN C 160 52.01 12.86 15.23
C ASN C 160 52.67 12.97 13.85
N LEU C 161 51.83 13.22 12.86
CA LEU C 161 52.33 13.45 11.51
C LEU C 161 53.20 14.72 11.48
N ASP C 162 54.19 14.72 10.58
CA ASP C 162 55.10 15.83 10.48
C ASP C 162 54.38 17.12 10.08
N ASN C 163 53.79 17.14 8.88
CA ASN C 163 53.03 18.28 8.40
C ASN C 163 51.88 17.72 7.57
N PRO C 164 50.78 17.35 8.22
CA PRO C 164 49.72 16.62 7.52
C PRO C 164 49.09 17.44 6.40
N ILE C 165 48.78 16.76 5.31
CA ILE C 165 48.00 17.33 4.22
C ILE C 165 47.00 16.27 3.76
N VAL C 166 45.74 16.66 3.63
CA VAL C 166 44.68 15.73 3.25
C VAL C 166 44.52 15.78 1.75
N VAL C 167 44.61 14.61 1.11
CA VAL C 167 44.53 14.49 -0.34
C VAL C 167 43.36 13.58 -0.67
N SER C 168 42.41 14.10 -1.43
CA SER C 168 41.29 13.27 -1.88
C SER C 168 41.76 12.35 -3.00
N PRO C 169 41.47 11.05 -2.94
CA PRO C 169 41.96 10.15 -3.99
C PRO C 169 41.38 10.43 -5.36
N ASP C 170 40.24 11.12 -5.45
CA ASP C 170 39.64 11.43 -6.73
C ASP C 170 38.95 12.79 -6.60
N ILE C 171 38.18 13.15 -7.63
CA ILE C 171 37.52 14.45 -7.65
C ILE C 171 36.11 14.40 -7.04
N GLY C 172 35.47 13.23 -7.04
CA GLY C 172 34.14 13.14 -6.47
C GLY C 172 34.14 13.38 -4.97
N GLY C 173 35.07 12.75 -4.25
CA GLY C 173 35.12 12.87 -2.82
C GLY C 173 36.05 13.95 -2.31
N VAL C 174 35.76 15.20 -2.62
CA VAL C 174 36.58 16.31 -2.17
C VAL C 174 35.94 16.99 -0.97
N VAL C 175 34.62 16.89 -0.84
CA VAL C 175 33.94 17.51 0.29
C VAL C 175 34.36 16.86 1.60
N ARG C 176 34.42 15.53 1.63
CA ARG C 176 34.85 14.83 2.83
C ARG C 176 36.29 15.15 3.16
N ALA C 177 37.16 15.22 2.15
CA ALA C 177 38.55 15.58 2.38
C ALA C 177 38.67 16.99 2.94
N ARG C 178 37.88 17.92 2.42
CA ARG C 178 37.90 19.29 2.94
C ARG C 178 37.44 19.33 4.39
N ALA C 179 36.38 18.57 4.72
CA ALA C 179 35.89 18.55 6.09
C ALA C 179 36.95 17.97 7.04
N ILE C 180 37.60 16.88 6.64
CA ILE C 180 38.61 16.26 7.51
C ILE C 180 39.81 17.19 7.64
N ALA C 181 40.20 17.85 6.56
CA ALA C 181 41.32 18.80 6.65
C ALA C 181 40.99 19.95 7.59
N LYS C 182 39.76 20.47 7.51
CA LYS C 182 39.36 21.52 8.42
C LYS C 182 39.38 21.04 9.87
N LEU C 183 38.87 19.84 10.12
CA LEU C 183 38.87 19.30 11.48
C LEU C 183 40.29 19.03 11.97
N LEU C 184 41.16 18.52 11.10
CA LEU C 184 42.51 18.12 11.48
C LEU C 184 43.39 19.37 11.48
N ASN C 185 43.25 20.17 12.53
CA ASN C 185 44.09 21.36 12.77
C ASN C 185 44.07 22.35 11.61
N ASP C 186 43.04 22.28 10.75
CA ASP C 186 42.90 23.17 9.61
C ASP C 186 44.14 23.13 8.72
N THR C 187 44.55 21.92 8.35
CA THR C 187 45.76 21.73 7.56
C THR C 187 45.49 22.06 6.09
N ASP C 188 46.45 21.78 5.23
CA ASP C 188 46.41 22.18 3.83
C ASP C 188 45.46 21.27 3.06
N MET C 189 45.40 21.44 1.73
CA MET C 189 44.38 20.78 0.92
C MET C 189 44.99 20.39 -0.41
N ALA C 190 44.57 19.24 -0.94
CA ALA C 190 45.11 18.76 -2.21
C ALA C 190 44.09 17.85 -2.88
N ILE C 191 44.19 17.76 -4.20
CA ILE C 191 43.25 16.97 -5.00
C ILE C 191 44.03 16.17 -6.05
N ILE C 192 43.65 14.91 -6.22
CA ILE C 192 44.13 14.09 -7.33
C ILE C 192 43.08 14.11 -8.42
N ASP C 193 43.49 14.44 -9.65
CA ASP C 193 42.60 14.52 -10.79
C ASP C 193 43.13 13.64 -11.90
N LYS C 194 42.25 12.82 -12.49
CA LYS C 194 42.62 11.92 -13.58
C LYS C 194 42.15 12.54 -14.89
N ARG C 195 43.08 13.20 -15.57
CA ARG C 195 42.78 13.85 -16.84
C ARG C 195 42.34 12.86 -17.90
N VAL C 204 46.31 9.92 -17.11
CA VAL C 204 47.37 10.29 -16.17
C VAL C 204 46.76 10.91 -14.92
N MET C 205 47.62 11.34 -14.01
CA MET C 205 47.20 11.96 -12.76
C MET C 205 47.58 13.44 -12.75
N HIS C 206 46.64 14.28 -12.34
CA HIS C 206 46.84 15.72 -12.24
C HIS C 206 46.66 16.12 -10.78
N ILE C 207 47.73 16.04 -10.01
CA ILE C 207 47.68 16.40 -8.59
C ILE C 207 47.67 17.92 -8.48
N ILE C 208 46.78 18.44 -7.65
CA ILE C 208 46.60 19.87 -7.46
C ILE C 208 47.04 20.21 -6.04
N GLY C 209 47.93 21.19 -5.91
CA GLY C 209 48.41 21.62 -4.62
C GLY C 209 49.89 21.33 -4.45
N ASP C 210 50.39 21.66 -3.26
CA ASP C 210 51.80 21.50 -2.92
C ASP C 210 51.99 20.23 -2.11
N VAL C 211 52.78 19.31 -2.64
CA VAL C 211 53.12 18.07 -1.94
C VAL C 211 54.62 17.84 -2.06
N ALA C 212 55.36 18.18 -1.01
CA ALA C 212 56.81 17.98 -1.01
C ALA C 212 57.30 18.03 0.42
N GLY C 213 57.96 16.95 0.86
CA GLY C 213 58.47 16.89 2.20
C GLY C 213 57.42 16.88 3.29
N ARG C 214 56.21 16.42 2.95
CA ARG C 214 55.10 16.39 3.89
C ARG C 214 54.62 14.96 4.08
N ASP C 215 53.71 14.79 5.02
CA ASP C 215 53.03 13.52 5.26
C ASP C 215 51.61 13.64 4.77
N CYS C 216 51.24 12.82 3.79
CA CYS C 216 49.92 12.88 3.18
C CYS C 216 49.00 11.85 3.81
N VAL C 217 47.72 12.22 3.94
CA VAL C 217 46.71 11.35 4.55
C VAL C 217 45.54 11.27 3.58
N LEU C 218 45.55 10.25 2.73
CA LEU C 218 44.42 10.00 1.85
C LEU C 218 43.22 9.55 2.67
N VAL C 219 42.05 10.08 2.34
CA VAL C 219 40.83 9.76 3.08
C VAL C 219 39.78 9.25 2.09
N ASP C 220 39.11 8.17 2.45
CA ASP C 220 38.04 7.63 1.64
C ASP C 220 37.08 6.86 2.53
N ASP C 221 35.89 6.61 2.02
CA ASP C 221 34.89 5.83 2.74
C ASP C 221 34.97 4.35 2.43
N MET C 222 35.85 3.94 1.52
CA MET C 222 35.87 2.57 1.04
C MET C 222 37.20 2.29 0.36
N ILE C 223 37.63 1.03 0.45
CA ILE C 223 38.75 0.51 -0.34
C ILE C 223 38.29 -0.82 -0.91
N ASP C 224 38.20 -0.90 -2.23
CA ASP C 224 37.71 -2.12 -2.88
C ASP C 224 38.85 -3.03 -3.31
N THR C 225 39.73 -2.54 -4.18
CA THR C 225 40.81 -3.34 -4.75
C THR C 225 42.13 -2.58 -4.73
N GLY C 226 42.32 -1.74 -3.73
CA GLY C 226 43.43 -0.79 -3.81
C GLY C 226 43.13 0.15 -4.96
N GLY C 227 43.83 -0.03 -6.07
CA GLY C 227 43.44 0.66 -7.29
C GLY C 227 43.65 2.15 -7.24
N THR C 228 42.55 2.90 -7.07
CA THR C 228 42.64 4.35 -7.08
C THR C 228 43.54 4.86 -5.97
N LEU C 229 43.42 4.30 -4.77
CA LEU C 229 44.26 4.76 -3.66
C LEU C 229 45.73 4.45 -3.90
N CYS C 230 46.04 3.26 -4.41
CA CYS C 230 47.42 2.91 -4.70
C CYS C 230 48.00 3.83 -5.77
N LYS C 231 47.22 4.08 -6.83
CA LYS C 231 47.70 4.95 -7.90
C LYS C 231 47.90 6.37 -7.40
N ALA C 232 46.98 6.87 -6.57
CA ALA C 232 47.14 8.22 -6.02
C ALA C 232 48.36 8.31 -5.12
N ALA C 233 48.59 7.28 -4.31
CA ALA C 233 49.78 7.27 -3.45
C ALA C 233 51.04 7.28 -4.28
N GLU C 234 51.08 6.48 -5.35
CA GLU C 234 52.24 6.48 -6.23
C GLU C 234 52.44 7.85 -6.88
N ALA C 235 51.34 8.46 -7.35
CA ALA C 235 51.44 9.74 -8.03
C ALA C 235 51.95 10.83 -7.11
N LEU C 236 51.47 10.88 -5.87
CA LEU C 236 51.91 11.92 -4.95
C LEU C 236 53.20 11.56 -4.21
N LYS C 237 53.67 10.31 -4.33
CA LYS C 237 54.99 9.98 -3.82
C LYS C 237 56.07 10.08 -4.89
N GLU C 238 55.69 10.21 -6.16
CA GLU C 238 56.67 10.56 -7.19
C GLU C 238 57.36 11.88 -6.87
N ARG C 239 56.65 12.79 -6.20
CA ARG C 239 57.18 14.12 -5.91
C ARG C 239 57.55 14.30 -4.43
N GLY C 240 58.21 13.31 -3.84
CA GLY C 240 58.83 13.47 -2.53
C GLY C 240 57.91 13.66 -1.35
N ALA C 241 56.84 12.87 -1.27
CA ALA C 241 56.05 12.79 -0.05
C ALA C 241 56.72 11.83 0.92
N LYS C 242 56.84 12.26 2.18
CA LYS C 242 57.56 11.47 3.17
C LYS C 242 56.90 10.13 3.39
N ARG C 243 55.66 10.14 3.91
CA ARG C 243 54.89 8.93 4.13
C ARG C 243 53.47 9.15 3.63
N VAL C 244 52.81 8.05 3.29
CA VAL C 244 51.44 8.09 2.79
C VAL C 244 50.60 7.16 3.63
N PHE C 245 49.57 7.71 4.28
CA PHE C 245 48.63 6.95 5.09
C PHE C 245 47.26 7.02 4.45
N ALA C 246 46.63 5.88 4.25
CA ALA C 246 45.30 5.80 3.66
C ALA C 246 44.31 5.37 4.74
N TYR C 247 43.28 6.19 4.95
CA TYR C 247 42.27 5.92 5.97
C TYR C 247 40.94 5.67 5.30
N ALA C 248 40.30 4.56 5.65
CA ALA C 248 39.01 4.18 5.08
C ALA C 248 38.10 3.66 6.18
N THR C 249 36.81 3.68 5.90
CA THR C 249 35.84 3.16 6.84
C THR C 249 35.46 1.71 6.54
N HIS C 250 35.22 1.38 5.28
CA HIS C 250 34.74 0.05 4.91
C HIS C 250 35.83 -0.73 4.21
N PRO C 251 36.43 -1.71 4.85
CA PRO C 251 37.47 -2.53 4.20
C PRO C 251 36.90 -3.67 3.36
N ILE C 252 36.36 -3.31 2.20
CA ILE C 252 35.76 -4.32 1.33
C ILE C 252 36.82 -5.30 0.85
N PHE C 253 37.92 -4.79 0.32
CA PHE C 253 39.10 -5.58 -0.05
C PHE C 253 38.72 -6.78 -0.93
N SER C 254 38.11 -6.48 -2.06
CA SER C 254 37.73 -7.49 -3.02
C SER C 254 38.78 -7.54 -4.14
N GLY C 255 38.52 -8.32 -5.17
CA GLY C 255 39.49 -8.46 -6.25
C GLY C 255 40.76 -9.08 -5.71
N ASN C 256 41.89 -8.41 -5.92
CA ASN C 256 43.13 -8.84 -5.30
C ASN C 256 43.30 -8.19 -3.93
N ALA C 257 43.45 -6.87 -3.91
CA ALA C 257 43.48 -6.06 -2.69
C ALA C 257 44.49 -6.58 -1.66
N ALA C 258 45.34 -7.51 -2.05
CA ALA C 258 46.35 -8.06 -1.15
C ALA C 258 47.69 -8.05 -1.86
N ASN C 259 47.65 -8.18 -3.19
CA ASN C 259 48.82 -7.93 -4.01
C ASN C 259 48.92 -6.48 -4.43
N ASN C 260 47.81 -5.74 -4.40
CA ASN C 260 47.86 -4.30 -4.66
C ASN C 260 48.44 -3.56 -3.46
N LEU C 261 48.08 -3.98 -2.24
CA LEU C 261 48.56 -3.28 -1.05
C LEU C 261 50.03 -3.60 -0.78
N ARG C 262 50.42 -4.86 -0.92
CA ARG C 262 51.83 -5.23 -0.71
C ARG C 262 52.72 -4.57 -1.75
N ASN C 263 52.35 -4.66 -3.02
CA ASN C 263 53.14 -4.04 -4.07
C ASN C 263 52.75 -2.58 -4.23
N SER C 264 52.80 -1.83 -3.15
CA SER C 264 52.46 -0.41 -3.17
C SER C 264 53.40 0.34 -2.24
N VAL C 265 53.30 1.67 -2.27
CA VAL C 265 54.15 2.54 -1.47
C VAL C 265 53.42 3.07 -0.25
N ILE C 266 52.19 2.61 0.01
CA ILE C 266 51.46 3.04 1.19
C ILE C 266 52.09 2.41 2.43
N ASP C 267 52.38 3.23 3.43
CA ASP C 267 53.05 2.76 4.62
C ASP C 267 52.11 2.21 5.68
N GLU C 268 50.83 2.62 5.67
CA GLU C 268 49.88 2.12 6.65
C GLU C 268 48.47 2.39 6.15
N VAL C 269 47.65 1.35 6.12
CA VAL C 269 46.24 1.46 5.77
C VAL C 269 45.43 1.20 7.03
N VAL C 270 44.64 2.19 7.43
CA VAL C 270 43.83 2.09 8.65
C VAL C 270 42.37 2.03 8.24
N VAL C 271 41.67 1.00 8.72
CA VAL C 271 40.28 0.74 8.36
C VAL C 271 39.49 0.46 9.62
N CYS C 272 38.17 0.47 9.48
CA CYS C 272 37.28 0.10 10.56
C CYS C 272 36.89 -1.37 10.43
N ASP C 273 36.10 -1.86 11.38
CA ASP C 273 35.78 -3.29 11.47
C ASP C 273 34.34 -3.59 11.04
N THR C 274 33.83 -2.86 10.06
CA THR C 274 32.49 -3.13 9.55
C THR C 274 32.43 -4.38 8.69
N ILE C 275 33.57 -4.85 8.18
CA ILE C 275 33.65 -6.05 7.36
C ILE C 275 34.71 -6.96 7.96
N PRO C 276 34.50 -8.29 7.99
CA PRO C 276 35.38 -9.17 8.78
C PRO C 276 36.86 -9.13 8.41
N LEU C 277 37.26 -8.60 7.25
CA LEU C 277 38.69 -8.42 6.95
C LEU C 277 39.42 -9.76 6.94
N SER C 278 39.18 -10.52 5.87
CA SER C 278 39.60 -11.91 5.74
C SER C 278 41.09 -12.10 5.96
N ASP C 279 41.49 -13.37 6.07
CA ASP C 279 42.77 -13.74 6.66
C ASP C 279 43.96 -13.22 5.86
N GLU C 280 43.88 -13.28 4.53
CA GLU C 280 45.01 -12.84 3.71
C GLU C 280 45.35 -11.38 3.97
N ILE C 281 44.34 -10.54 4.21
CA ILE C 281 44.59 -9.16 4.58
C ILE C 281 45.22 -9.10 5.98
N LYS C 282 44.77 -9.97 6.89
CA LYS C 282 45.37 -10.01 8.22
C LYS C 282 46.85 -10.31 8.16
N SER C 283 47.28 -11.13 7.18
CA SER C 283 48.69 -11.47 7.08
C SER C 283 49.55 -10.27 6.72
N LEU C 284 48.96 -9.25 6.09
CA LEU C 284 49.73 -8.07 5.72
C LEU C 284 50.16 -7.31 6.97
N PRO C 285 51.38 -6.77 6.99
CA PRO C 285 51.85 -6.07 8.18
C PRO C 285 51.44 -4.60 8.24
N ASN C 286 51.20 -3.98 7.08
CA ASN C 286 50.93 -2.56 7.00
C ASN C 286 49.45 -2.24 7.00
N VAL C 287 48.60 -3.17 7.42
CA VAL C 287 47.16 -2.94 7.50
C VAL C 287 46.74 -3.08 8.96
N ARG C 288 46.16 -2.03 9.51
CA ARG C 288 45.72 -2.00 10.90
C ARG C 288 44.25 -1.60 10.93
N THR C 289 43.48 -2.26 11.79
CA THR C 289 42.04 -2.05 11.86
C THR C 289 41.65 -1.41 13.19
N LEU C 290 40.74 -0.45 13.12
CA LEU C 290 40.16 0.17 14.31
C LEU C 290 38.88 -0.57 14.66
N THR C 291 38.10 -0.02 15.59
CA THR C 291 36.84 -0.64 15.98
C THR C 291 35.76 0.42 16.16
N LEU C 292 34.58 0.12 15.65
CA LEU C 292 33.40 0.98 15.80
C LEU C 292 32.44 0.46 16.86
N SER C 293 32.87 -0.52 17.67
CA SER C 293 31.95 -1.16 18.60
C SER C 293 31.45 -0.19 19.66
N GLY C 294 32.33 0.69 20.14
CA GLY C 294 31.90 1.65 21.16
C GLY C 294 30.85 2.62 20.63
N MET C 295 31.10 3.19 19.45
CA MET C 295 30.16 4.13 18.87
C MET C 295 28.84 3.45 18.53
N LEU C 296 28.91 2.24 17.97
CA LEU C 296 27.69 1.53 17.63
C LEU C 296 26.90 1.14 18.87
N ALA C 297 27.58 0.76 19.95
CA ALA C 297 26.89 0.45 21.19
C ALA C 297 26.21 1.67 21.77
N GLU C 298 26.90 2.82 21.75
CA GLU C 298 26.28 4.05 22.24
C GLU C 298 25.09 4.44 21.38
N ALA C 299 25.21 4.28 20.06
CA ALA C 299 24.10 4.60 19.18
C ALA C 299 22.90 3.69 19.42
N ILE C 300 23.15 2.40 19.64
CA ILE C 300 22.06 1.46 19.93
C ILE C 300 21.38 1.84 21.24
N ARG C 301 22.18 2.15 22.26
CA ARG C 301 21.60 2.52 23.55
C ARG C 301 20.78 3.80 23.44
N ARG C 302 21.25 4.76 22.64
CA ARG C 302 20.52 6.02 22.50
C ARG C 302 19.27 5.85 21.64
N ILE C 303 19.30 4.97 20.66
CA ILE C 303 18.10 4.71 19.86
C ILE C 303 17.04 4.02 20.71
N SER C 304 17.45 3.08 21.56
CA SER C 304 16.49 2.37 22.40
C SER C 304 15.82 3.31 23.40
N ASN C 305 16.58 4.24 23.96
CA ASN C 305 16.07 5.14 24.99
C ASN C 305 15.57 6.47 24.45
N GLU C 306 15.54 6.64 23.12
CA GLU C 306 15.08 7.86 22.48
C GLU C 306 15.86 9.08 22.92
N GLU C 307 17.19 8.96 22.89
CA GLU C 307 18.08 10.08 23.16
C GLU C 307 18.70 10.59 21.86
N SER C 308 19.31 11.77 21.96
CA SER C 308 19.83 12.43 20.77
C SER C 308 21.06 11.70 20.26
N ILE C 309 20.96 11.16 19.04
CA ILE C 309 22.12 10.57 18.38
C ILE C 309 23.10 11.66 17.95
N SER C 310 22.59 12.79 17.44
CA SER C 310 23.46 13.84 16.96
C SER C 310 24.28 14.47 18.09
N ALA C 311 23.77 14.41 19.33
CA ALA C 311 24.52 14.91 20.46
C ALA C 311 25.75 14.05 20.76
N MET C 312 25.85 12.87 20.17
CA MET C 312 27.02 12.02 20.36
C MET C 312 28.22 12.53 19.58
N PHE C 313 28.00 13.30 18.51
CA PHE C 313 29.07 13.70 17.61
C PHE C 313 29.44 15.18 17.69
N GLU C 314 28.75 15.97 18.50
CA GLU C 314 29.03 17.39 18.59
C GLU C 314 28.83 17.88 20.01
N HIS C 315 29.49 18.99 20.33
CA HIS C 315 29.40 19.60 21.64
C HIS C 315 28.07 20.32 21.83
N ASP D 3 -5.33 8.29 -29.81
CA ASP D 3 -6.03 8.52 -28.55
C ASP D 3 -5.24 9.43 -27.64
N MET D 4 -4.28 10.17 -28.23
CA MET D 4 -3.43 11.07 -27.47
C MET D 4 -4.11 12.42 -27.29
N LYS D 5 -4.17 12.91 -26.06
CA LYS D 5 -4.71 14.22 -25.75
C LYS D 5 -3.71 15.00 -24.92
N LEU D 6 -3.66 16.30 -25.15
CA LEU D 6 -2.72 17.20 -24.49
C LEU D 6 -3.48 18.21 -23.65
N PHE D 7 -3.06 18.37 -22.40
CA PHE D 7 -3.62 19.37 -21.51
C PHE D 7 -2.49 20.21 -20.93
N ALA D 8 -2.82 21.42 -20.52
CA ALA D 8 -1.83 22.33 -19.98
C ALA D 8 -2.43 23.09 -18.81
N GLY D 9 -1.56 23.53 -17.91
CA GLY D 9 -1.97 24.35 -16.80
C GLY D 9 -1.74 25.82 -17.04
N ASN D 10 -1.16 26.50 -16.05
CA ASN D 10 -0.89 27.93 -16.17
C ASN D 10 0.58 28.28 -16.01
N ALA D 11 1.44 27.29 -15.79
CA ALA D 11 2.86 27.58 -15.64
C ALA D 11 3.50 27.90 -16.99
N THR D 12 3.42 26.96 -17.93
CA THR D 12 4.03 27.10 -19.25
C THR D 12 2.94 26.94 -20.31
N PRO D 13 2.18 27.98 -20.60
CA PRO D 13 1.16 27.87 -21.65
C PRO D 13 1.74 28.03 -23.05
N GLU D 14 2.77 28.85 -23.21
CA GLU D 14 3.41 29.03 -24.51
C GLU D 14 4.15 27.79 -24.98
N LEU D 15 4.92 27.16 -24.08
CA LEU D 15 5.62 25.93 -24.44
C LEU D 15 4.62 24.82 -24.77
N ALA D 16 3.53 24.75 -24.00
CA ALA D 16 2.50 23.76 -24.29
C ALA D 16 1.88 24.00 -25.65
N GLN D 17 1.63 25.26 -26.00
CA GLN D 17 1.08 25.57 -27.32
C GLN D 17 2.06 25.20 -28.42
N ARG D 18 3.35 25.46 -28.21
CA ARG D 18 4.34 25.09 -29.21
C ARG D 18 4.39 23.58 -29.41
N ILE D 19 4.36 22.82 -28.31
CA ILE D 19 4.37 21.36 -28.43
C ILE D 19 3.11 20.89 -29.14
N ALA D 20 1.96 21.47 -28.82
CA ALA D 20 0.73 21.08 -29.50
C ALA D 20 0.77 21.42 -30.99
N ASN D 21 1.39 22.54 -31.35
CA ASN D 21 1.53 22.87 -32.76
C ASN D 21 2.43 21.88 -33.48
N ARG D 22 3.54 21.49 -32.86
CA ARG D 22 4.44 20.55 -33.51
C ARG D 22 3.88 19.14 -33.57
N LEU D 23 2.84 18.83 -32.79
CA LEU D 23 2.16 17.54 -32.87
C LEU D 23 0.94 17.58 -33.77
N TYR D 24 0.69 18.71 -34.43
CA TYR D 24 -0.45 18.87 -35.33
C TYR D 24 -1.77 18.58 -34.62
N THR D 25 -1.86 19.02 -33.36
CA THR D 25 -3.04 18.83 -32.54
C THR D 25 -3.34 20.13 -31.83
N SER D 26 -4.29 20.09 -30.89
CA SER D 26 -4.64 21.26 -30.10
C SER D 26 -4.75 20.86 -28.63
N LEU D 27 -4.53 21.83 -27.76
CA LEU D 27 -4.65 21.58 -26.33
C LEU D 27 -6.08 21.23 -25.96
N GLY D 28 -6.23 20.32 -25.00
CA GLY D 28 -7.56 19.93 -24.57
C GLY D 28 -8.31 21.07 -23.92
N ASP D 29 -9.62 20.86 -23.77
CA ASP D 29 -10.50 21.88 -23.22
C ASP D 29 -10.68 21.61 -21.73
N ALA D 30 -9.82 22.21 -20.93
CA ALA D 30 -9.91 22.13 -19.47
C ALA D 30 -9.77 23.53 -18.90
N ALA D 31 -10.69 23.90 -18.02
CA ALA D 31 -10.68 25.22 -17.40
C ALA D 31 -9.92 25.12 -16.09
N VAL D 32 -8.67 25.55 -16.10
CA VAL D 32 -7.81 25.53 -14.91
C VAL D 32 -7.67 26.96 -14.44
N GLY D 33 -8.22 27.25 -13.26
CA GLY D 33 -8.21 28.60 -12.74
C GLY D 33 -8.18 28.62 -11.22
N ARG D 34 -8.38 29.80 -10.65
CA ARG D 34 -8.34 30.00 -9.21
C ARG D 34 -9.71 30.41 -8.70
N PHE D 35 -10.09 29.92 -7.53
CA PHE D 35 -11.26 30.44 -6.85
C PHE D 35 -10.94 31.77 -6.19
N SER D 36 -11.94 32.35 -5.53
CA SER D 36 -11.74 33.66 -4.90
C SER D 36 -10.72 33.59 -3.77
N ASP D 37 -10.70 32.49 -3.03
CA ASP D 37 -9.83 32.34 -1.87
C ASP D 37 -8.45 31.78 -2.22
N GLY D 38 -8.18 31.51 -3.50
CA GLY D 38 -6.87 31.07 -3.92
C GLY D 38 -6.73 29.58 -4.19
N GLU D 39 -7.77 28.79 -3.92
CA GLU D 39 -7.70 27.36 -4.18
C GLU D 39 -7.77 27.08 -5.68
N VAL D 40 -7.09 26.03 -6.11
CA VAL D 40 -7.04 25.67 -7.52
C VAL D 40 -8.38 25.11 -7.95
N SER D 41 -8.91 25.62 -9.06
CA SER D 41 -10.15 25.14 -9.65
C SER D 41 -9.82 24.46 -10.97
N VAL D 42 -10.25 23.22 -11.13
CA VAL D 42 -9.98 22.45 -12.33
C VAL D 42 -11.26 21.72 -12.74
N GLN D 43 -11.57 21.77 -14.03
CA GLN D 43 -12.70 21.02 -14.57
C GLN D 43 -12.39 20.67 -16.01
N ILE D 44 -12.74 19.45 -16.40
CA ILE D 44 -12.44 18.93 -17.73
C ILE D 44 -13.71 19.00 -18.56
N ASN D 45 -13.64 19.71 -19.69
CA ASN D 45 -14.79 19.86 -20.57
C ASN D 45 -14.75 18.92 -21.76
N GLU D 46 -13.73 18.07 -21.86
CA GLU D 46 -13.61 17.09 -22.93
C GLU D 46 -13.93 15.70 -22.39
N ASN D 47 -14.02 14.75 -23.30
CA ASN D 47 -14.18 13.34 -22.94
C ASN D 47 -12.82 12.68 -23.06
N VAL D 48 -12.27 12.24 -21.92
CA VAL D 48 -10.93 11.69 -21.87
C VAL D 48 -10.95 10.21 -21.49
N ARG D 49 -12.08 9.54 -21.67
CA ARG D 49 -12.21 8.15 -21.26
C ARG D 49 -11.37 7.26 -22.15
N GLY D 50 -10.50 6.47 -21.54
CA GLY D 50 -9.62 5.58 -22.26
C GLY D 50 -8.52 6.25 -23.05
N GLY D 51 -8.41 7.57 -22.96
CA GLY D 51 -7.43 8.28 -23.74
C GLY D 51 -6.04 8.21 -23.14
N ASP D 52 -5.07 8.66 -23.92
CA ASP D 52 -3.66 8.71 -23.51
C ASP D 52 -3.32 10.17 -23.23
N ILE D 53 -3.38 10.56 -21.96
CA ILE D 53 -3.35 11.96 -21.57
C ILE D 53 -1.93 12.37 -21.22
N PHE D 54 -1.55 13.56 -21.65
CA PHE D 54 -0.28 14.19 -21.29
C PHE D 54 -0.57 15.56 -20.69
N ILE D 55 0.04 15.84 -19.54
CA ILE D 55 -0.13 17.11 -18.86
C ILE D 55 1.21 17.83 -18.90
N ILE D 56 1.24 19.01 -19.51
CA ILE D 56 2.44 19.81 -19.65
C ILE D 56 2.37 20.90 -18.59
N GLN D 57 3.14 20.74 -17.52
CA GLN D 57 3.04 21.64 -16.38
C GLN D 57 4.39 21.63 -15.66
N SER D 58 5.18 22.68 -15.89
CA SER D 58 6.42 22.85 -15.16
C SER D 58 6.12 23.34 -13.75
N THR D 59 6.88 22.85 -12.78
CA THR D 59 6.72 23.27 -11.39
C THR D 59 7.70 24.39 -11.06
N CYS D 60 7.58 25.48 -11.81
CA CYS D 60 8.41 26.66 -11.64
C CYS D 60 7.67 27.68 -10.76
N ALA D 61 8.33 28.79 -10.49
CA ALA D 61 7.79 29.79 -9.57
C ALA D 61 6.52 30.42 -10.15
N PRO D 62 5.43 30.50 -9.38
CA PRO D 62 5.25 30.02 -8.00
C PRO D 62 5.12 28.50 -7.90
N THR D 63 6.05 27.87 -7.19
CA THR D 63 6.16 26.41 -7.24
C THR D 63 4.94 25.73 -6.67
N ASN D 64 4.43 26.20 -5.52
CA ASN D 64 3.37 25.49 -4.84
C ASN D 64 2.06 25.54 -5.62
N ASP D 65 1.73 26.71 -6.18
CA ASP D 65 0.52 26.82 -6.97
C ASP D 65 0.58 25.93 -8.21
N ASN D 66 1.73 25.91 -8.88
CA ASN D 66 1.89 25.07 -10.07
C ASN D 66 1.78 23.59 -9.74
N LEU D 67 2.42 23.16 -8.65
CA LEU D 67 2.34 21.76 -8.26
C LEU D 67 0.92 21.38 -7.86
N MET D 68 0.21 22.28 -7.18
CA MET D 68 -1.17 21.98 -6.82
C MET D 68 -2.06 21.88 -8.04
N GLU D 69 -1.85 22.78 -9.02
CA GLU D 69 -2.57 22.66 -10.29
C GLU D 69 -2.30 21.31 -10.93
N LEU D 70 -1.04 20.89 -10.94
CA LEU D 70 -0.68 19.61 -11.57
C LEU D 70 -1.40 18.44 -10.90
N VAL D 71 -1.34 18.36 -9.56
CA VAL D 71 -1.93 17.21 -8.90
C VAL D 71 -3.45 17.24 -8.98
N VAL D 72 -4.05 18.44 -8.97
CA VAL D 72 -5.50 18.52 -9.08
C VAL D 72 -5.96 18.13 -10.48
N MET D 73 -5.22 18.53 -11.52
CA MET D 73 -5.54 18.07 -12.86
C MET D 73 -5.39 16.56 -12.98
N VAL D 74 -4.34 16.00 -12.36
CA VAL D 74 -4.17 14.56 -12.42
C VAL D 74 -5.34 13.85 -11.77
N ASP D 75 -5.80 14.34 -10.61
CA ASP D 75 -6.94 13.71 -9.94
C ASP D 75 -8.21 13.85 -10.76
N ALA D 76 -8.44 15.03 -11.36
CA ALA D 76 -9.64 15.23 -12.17
C ALA D 76 -9.64 14.33 -13.39
N LEU D 77 -8.47 14.10 -14.01
CA LEU D 77 -8.40 13.21 -15.15
C LEU D 77 -8.50 11.75 -14.75
N ARG D 78 -7.96 11.40 -13.58
CA ARG D 78 -8.04 10.02 -13.13
C ARG D 78 -9.48 9.64 -12.76
N ARG D 79 -10.24 10.57 -12.20
CA ARG D 79 -11.64 10.28 -11.91
C ARG D 79 -12.54 10.35 -13.13
N ALA D 80 -12.02 10.80 -14.27
CA ALA D 80 -12.76 10.83 -15.53
C ALA D 80 -12.44 9.63 -16.40
N SER D 81 -11.84 8.60 -15.84
CA SER D 81 -11.57 7.33 -16.53
C SER D 81 -10.55 7.49 -17.64
N ALA D 82 -9.57 8.37 -17.44
CA ALA D 82 -8.47 8.47 -18.39
C ALA D 82 -7.66 7.18 -18.39
N GLY D 83 -7.20 6.79 -19.58
CA GLY D 83 -6.45 5.55 -19.71
C GLY D 83 -5.11 5.59 -19.02
N ARG D 84 -4.20 6.40 -19.54
CA ARG D 84 -2.89 6.60 -18.95
C ARG D 84 -2.62 8.08 -18.84
N ILE D 85 -2.03 8.50 -17.72
CA ILE D 85 -1.70 9.89 -17.47
C ILE D 85 -0.19 10.01 -17.40
N THR D 86 0.39 10.81 -18.29
CA THR D 86 1.80 11.13 -18.29
C THR D 86 1.94 12.59 -17.91
N ALA D 87 2.78 12.87 -16.92
CA ALA D 87 3.03 14.23 -16.46
C ALA D 87 4.33 14.71 -17.10
N VAL D 88 4.21 15.57 -18.11
CA VAL D 88 5.37 16.16 -18.75
C VAL D 88 5.76 17.39 -17.93
N ILE D 89 6.84 17.26 -17.17
CA ILE D 89 7.30 18.33 -16.29
C ILE D 89 8.66 18.81 -16.80
N PRO D 90 8.69 19.85 -17.63
CA PRO D 90 9.97 20.30 -18.19
C PRO D 90 10.99 20.68 -17.13
N TYR D 91 10.57 21.23 -16.00
CA TYR D 91 11.46 21.53 -14.89
C TYR D 91 10.84 21.02 -13.60
N PHE D 92 11.53 20.10 -12.93
CA PHE D 92 11.05 19.55 -11.67
C PHE D 92 11.46 20.47 -10.53
N GLY D 93 10.47 20.90 -9.75
CA GLY D 93 10.68 22.00 -8.82
C GLY D 93 11.48 21.69 -7.57
N TYR D 94 10.93 20.85 -6.69
CA TYR D 94 11.55 20.65 -5.38
C TYR D 94 12.68 19.63 -5.45
N ALA D 95 13.62 19.80 -6.37
CA ALA D 95 14.65 18.80 -6.58
C ALA D 95 16.07 19.35 -6.58
N ARG D 96 16.25 20.63 -6.25
CA ARG D 96 17.59 21.21 -6.28
C ARG D 96 18.44 20.62 -5.17
N GLN D 97 19.71 20.34 -5.49
CA GLN D 97 20.65 19.83 -4.51
C GLN D 97 21.61 20.90 -3.99
N ASP D 98 21.83 21.98 -4.74
CA ASP D 98 22.68 23.06 -4.29
C ASP D 98 21.93 24.05 -3.41
N ARG D 99 21.23 23.54 -2.40
CA ARG D 99 20.66 24.40 -1.35
C ARG D 99 20.67 23.56 -0.08
N ARG D 100 21.70 23.74 0.74
CA ARG D 100 21.85 22.96 1.95
C ARG D 100 22.24 23.93 3.07
N VAL D 101 21.28 24.27 3.90
CA VAL D 101 21.54 24.98 5.16
C VAL D 101 21.72 23.92 6.24
N ARG D 102 22.73 24.11 7.08
CA ARG D 102 23.21 23.04 7.95
C ARG D 102 22.37 22.98 9.22
N SER D 103 21.42 22.04 9.24
CA SER D 103 20.75 21.62 10.47
C SER D 103 20.64 20.11 10.61
N ALA D 104 20.75 19.36 9.51
CA ALA D 104 20.76 17.90 9.50
C ALA D 104 19.40 17.32 9.83
N ARG D 105 18.45 18.17 10.25
CA ARG D 105 17.06 17.78 10.40
C ARG D 105 16.27 18.52 9.33
N VAL D 106 16.26 17.95 8.13
CA VAL D 106 15.66 18.59 6.96
C VAL D 106 14.84 17.56 6.21
N PRO D 107 13.84 17.96 5.44
CA PRO D 107 13.08 17.00 4.63
C PRO D 107 13.80 16.69 3.32
N ILE D 108 13.30 15.66 2.65
CA ILE D 108 13.67 15.39 1.27
C ILE D 108 12.46 15.72 0.41
N THR D 109 12.40 16.94 -0.10
CA THR D 109 11.19 17.43 -0.75
C THR D 109 10.96 16.75 -2.10
N ALA D 110 12.03 16.37 -2.81
CA ALA D 110 11.85 15.64 -4.05
C ALA D 110 11.13 14.32 -3.81
N LYS D 111 11.47 13.64 -2.72
CA LYS D 111 10.78 12.41 -2.35
C LYS D 111 9.31 12.68 -2.05
N VAL D 112 9.02 13.79 -1.37
CA VAL D 112 7.63 14.13 -1.05
C VAL D 112 6.83 14.35 -2.32
N VAL D 113 7.40 15.12 -3.26
CA VAL D 113 6.70 15.40 -4.52
C VAL D 113 6.51 14.12 -5.32
N ALA D 114 7.53 13.25 -5.36
CA ALA D 114 7.40 12.01 -6.11
C ALA D 114 6.32 11.11 -5.51
N ASP D 115 6.28 10.98 -4.18
CA ASP D 115 5.24 10.17 -3.55
C ASP D 115 3.86 10.76 -3.78
N PHE D 116 3.72 12.08 -3.75
CA PHE D 116 2.40 12.66 -3.94
C PHE D 116 1.94 12.50 -5.39
N LEU D 117 2.87 12.63 -6.35
CA LEU D 117 2.54 12.38 -7.74
C LEU D 117 2.10 10.93 -7.94
N SER D 118 2.81 9.99 -7.34
CA SER D 118 2.42 8.60 -7.47
C SER D 118 1.08 8.31 -6.80
N SER D 119 0.80 8.97 -5.68
CA SER D 119 -0.43 8.73 -4.96
C SER D 119 -1.64 9.29 -5.71
N VAL D 120 -1.51 10.48 -6.30
CA VAL D 120 -2.66 11.09 -6.94
C VAL D 120 -3.05 10.38 -8.24
N GLY D 121 -2.14 9.60 -8.81
CA GLY D 121 -2.50 8.77 -9.94
C GLY D 121 -1.71 8.96 -11.21
N VAL D 122 -0.48 9.46 -11.10
CA VAL D 122 0.38 9.63 -12.26
C VAL D 122 0.98 8.29 -12.66
N ASP D 123 1.02 8.02 -13.97
CA ASP D 123 1.54 6.76 -14.50
C ASP D 123 2.97 6.86 -15.00
N ARG D 124 3.36 8.00 -15.57
CA ARG D 124 4.71 8.19 -16.10
C ARG D 124 5.13 9.63 -15.87
N VAL D 125 6.43 9.87 -15.94
CA VAL D 125 7.00 11.20 -15.81
C VAL D 125 7.98 11.41 -16.96
N LEU D 126 7.99 12.62 -17.51
CA LEU D 126 8.93 13.00 -18.57
C LEU D 126 9.47 14.38 -18.22
N THR D 127 10.70 14.44 -17.76
CA THR D 127 11.36 15.67 -17.35
C THR D 127 12.48 16.02 -18.32
N VAL D 128 13.11 17.16 -18.08
CA VAL D 128 14.23 17.63 -18.87
C VAL D 128 15.39 17.93 -17.95
N ASP D 129 16.53 17.28 -18.18
CA ASP D 129 17.77 17.55 -17.45
C ASP D 129 17.58 17.48 -15.94
N LEU D 130 17.00 16.38 -15.49
CA LEU D 130 16.93 16.09 -14.07
C LEU D 130 18.31 15.69 -13.56
N HIS D 131 18.48 15.76 -12.24
CA HIS D 131 19.71 15.26 -11.62
C HIS D 131 19.71 13.75 -11.66
N ALA D 132 20.19 13.17 -12.77
CA ALA D 132 19.93 11.78 -13.08
C ALA D 132 20.84 10.83 -12.31
N GLU D 133 20.91 10.98 -11.01
CA GLU D 133 21.56 10.00 -10.14
C GLU D 133 20.78 9.71 -8.87
N GLN D 134 19.91 10.59 -8.43
CA GLN D 134 19.20 10.47 -7.16
C GLN D 134 17.70 10.40 -7.33
N ILE D 135 17.11 11.35 -8.05
CA ILE D 135 15.67 11.55 -8.02
C ILE D 135 14.95 10.44 -8.77
N GLN D 136 15.60 9.80 -9.74
CA GLN D 136 14.92 8.72 -10.45
C GLN D 136 14.63 7.52 -9.56
N GLY D 137 15.33 7.40 -8.44
CA GLY D 137 14.97 6.36 -7.48
C GLY D 137 13.81 6.70 -6.59
N PHE D 138 13.41 7.97 -6.54
CA PHE D 138 12.29 8.40 -5.72
C PHE D 138 10.95 8.12 -6.38
N PHE D 139 10.94 7.72 -7.65
CA PHE D 139 9.71 7.46 -8.38
C PHE D 139 9.49 5.95 -8.50
N ASP D 140 8.28 5.51 -8.18
CA ASP D 140 7.86 4.14 -8.45
C ASP D 140 7.20 4.01 -9.82
N VAL D 141 7.12 5.09 -10.58
CA VAL D 141 6.62 5.07 -11.95
C VAL D 141 7.80 5.31 -12.87
N PRO D 142 7.77 4.85 -14.12
CA PRO D 142 8.92 5.09 -15.01
C PRO D 142 9.12 6.57 -15.27
N VAL D 143 10.38 6.97 -15.33
CA VAL D 143 10.77 8.35 -15.56
C VAL D 143 11.61 8.40 -16.83
N ASP D 144 11.21 9.24 -17.77
CA ASP D 144 11.95 9.44 -19.02
C ASP D 144 12.64 10.80 -18.90
N ASN D 145 13.96 10.76 -18.74
CA ASN D 145 14.77 11.96 -18.62
C ASN D 145 15.38 12.26 -19.98
N VAL D 146 14.93 13.34 -20.61
CA VAL D 146 15.50 13.81 -21.85
C VAL D 146 16.43 14.96 -21.54
N PHE D 147 17.38 15.20 -22.43
CA PHE D 147 18.49 16.11 -22.17
C PHE D 147 18.43 17.30 -23.13
N GLY D 148 18.63 18.49 -22.59
CA GLY D 148 18.76 19.68 -23.40
C GLY D 148 20.15 19.94 -23.92
N SER D 149 21.10 19.06 -23.60
CA SER D 149 22.46 19.24 -24.06
C SER D 149 22.62 19.22 -25.59
N PRO D 150 21.99 18.32 -26.35
CA PRO D 150 22.17 18.35 -27.80
C PRO D 150 21.79 19.67 -28.45
N ILE D 151 20.69 20.30 -28.01
CA ILE D 151 20.26 21.54 -28.64
C ILE D 151 21.22 22.68 -28.29
N LEU D 152 21.61 22.78 -27.01
CA LEU D 152 22.56 23.81 -26.62
C LEU D 152 23.88 23.62 -27.34
N LEU D 153 24.32 22.38 -27.51
CA LEU D 153 25.61 22.13 -28.16
C LEU D 153 25.56 22.42 -29.66
N GLU D 154 24.44 22.07 -30.30
CA GLU D 154 24.29 22.38 -31.71
C GLU D 154 24.18 23.88 -31.93
N ASP D 155 23.68 24.62 -30.94
CA ASP D 155 23.74 26.08 -31.03
C ASP D 155 25.14 26.60 -30.74
N MET D 156 25.89 25.93 -29.86
CA MET D 156 27.27 26.31 -29.59
C MET D 156 28.11 26.22 -30.85
N LEU D 157 27.97 25.13 -31.59
CA LEU D 157 28.73 24.93 -32.81
C LEU D 157 28.38 25.93 -33.90
N GLN D 158 27.25 26.62 -33.79
CA GLN D 158 26.79 27.50 -34.86
C GLN D 158 27.59 28.80 -34.91
N LEU D 159 27.92 29.39 -33.76
CA LEU D 159 28.44 30.74 -33.72
C LEU D 159 29.96 30.81 -33.91
N ASN D 160 30.62 29.69 -34.14
CA ASN D 160 32.02 29.65 -34.57
C ASN D 160 32.94 30.34 -33.56
N LEU D 161 33.04 29.71 -32.39
CA LEU D 161 33.96 30.19 -31.37
C LEU D 161 35.41 30.10 -31.88
N ASP D 162 36.23 31.02 -31.40
CA ASP D 162 37.63 31.06 -31.83
C ASP D 162 38.38 29.79 -31.43
N ASN D 163 38.50 29.55 -30.14
CA ASN D 163 39.15 28.34 -29.61
C ASN D 163 38.41 27.93 -28.35
N PRO D 164 37.31 27.20 -28.50
CA PRO D 164 36.42 26.95 -27.35
C PRO D 164 37.12 26.16 -26.26
N ILE D 165 36.83 26.53 -25.01
CA ILE D 165 37.23 25.77 -23.83
C ILE D 165 36.04 25.74 -22.88
N VAL D 166 35.72 24.54 -22.39
CA VAL D 166 34.58 24.35 -21.51
C VAL D 166 35.06 24.46 -20.07
N VAL D 167 34.43 25.36 -19.31
CA VAL D 167 34.80 25.63 -17.92
C VAL D 167 33.60 25.34 -17.04
N SER D 168 33.76 24.42 -16.10
CA SER D 168 32.69 24.14 -15.15
C SER D 168 32.63 25.26 -14.12
N PRO D 169 31.45 25.82 -13.84
CA PRO D 169 31.37 26.94 -12.90
C PRO D 169 31.76 26.57 -11.48
N ASP D 170 31.73 25.28 -11.12
CA ASP D 170 32.11 24.84 -9.79
C ASP D 170 32.75 23.46 -9.90
N ILE D 171 32.98 22.82 -8.75
CA ILE D 171 33.64 21.53 -8.74
C ILE D 171 32.64 20.37 -8.79
N GLY D 172 31.40 20.59 -8.36
CA GLY D 172 30.42 19.52 -8.40
C GLY D 172 30.09 19.10 -9.82
N GLY D 173 29.83 20.07 -10.69
CA GLY D 173 29.45 19.79 -12.05
C GLY D 173 30.59 19.76 -13.04
N VAL D 174 31.52 18.82 -12.87
CA VAL D 174 32.66 18.70 -13.78
C VAL D 174 32.42 17.58 -14.79
N VAL D 175 31.59 16.60 -14.41
CA VAL D 175 31.32 15.49 -15.33
C VAL D 175 30.58 15.98 -16.56
N ARG D 176 29.57 16.83 -16.36
CA ARG D 176 28.82 17.38 -17.49
C ARG D 176 29.73 18.24 -18.37
N ALA D 177 30.59 19.05 -17.75
CA ALA D 177 31.52 19.86 -18.52
C ALA D 177 32.48 19.00 -19.33
N ARG D 178 32.97 17.91 -18.74
CA ARG D 178 33.85 17.00 -19.47
C ARG D 178 33.13 16.36 -20.64
N ALA D 179 31.87 15.95 -20.44
CA ALA D 179 31.11 15.35 -21.52
C ALA D 179 30.89 16.34 -22.66
N ILE D 180 30.53 17.59 -22.33
CA ILE D 180 30.28 18.58 -23.37
C ILE D 180 31.58 18.93 -24.09
N ALA D 181 32.69 19.01 -23.36
CA ALA D 181 33.97 19.29 -23.99
C ALA D 181 34.37 18.17 -24.94
N LYS D 182 34.14 16.91 -24.53
CA LYS D 182 34.42 15.79 -25.42
C LYS D 182 33.56 15.84 -26.67
N LEU D 183 32.26 16.15 -26.50
CA LEU D 183 31.38 16.23 -27.66
C LEU D 183 31.74 17.40 -28.57
N LEU D 184 32.10 18.54 -27.97
CA LEU D 184 32.39 19.75 -28.73
C LEU D 184 33.82 19.69 -29.26
N ASN D 185 34.00 18.90 -30.31
CA ASN D 185 35.26 18.79 -31.04
C ASN D 185 36.42 18.37 -30.15
N ASP D 186 36.13 17.77 -28.99
CA ASP D 186 37.15 17.32 -28.05
C ASP D 186 38.09 18.46 -27.66
N THR D 187 37.50 19.58 -27.25
CA THR D 187 38.28 20.77 -26.90
C THR D 187 38.89 20.62 -25.52
N ASP D 188 39.50 21.69 -25.02
CA ASP D 188 40.28 21.65 -23.79
C ASP D 188 39.34 21.62 -22.58
N MET D 189 39.91 21.70 -21.38
CA MET D 189 39.15 21.46 -20.16
C MET D 189 39.64 22.40 -19.07
N ALA D 190 38.71 22.88 -18.24
CA ALA D 190 39.06 23.80 -17.17
C ALA D 190 38.06 23.68 -16.03
N ILE D 191 38.51 24.06 -14.83
CA ILE D 191 37.68 23.96 -13.62
C ILE D 191 37.84 25.23 -12.80
N ILE D 192 36.73 25.73 -12.28
CA ILE D 192 36.75 26.80 -11.29
C ILE D 192 36.59 26.17 -9.91
N ASP D 193 37.50 26.50 -9.00
CA ASP D 193 37.49 25.97 -7.65
C ASP D 193 37.48 27.12 -6.65
N LYS D 194 36.59 27.04 -5.66
CA LYS D 194 36.45 28.06 -4.63
C LYS D 194 37.16 27.55 -3.37
N ARG D 195 38.40 27.99 -3.19
CA ARG D 195 39.20 27.58 -2.03
C ARG D 195 38.56 28.04 -0.72
N VAL D 204 38.11 32.75 -2.32
CA VAL D 204 38.63 33.18 -3.62
C VAL D 204 38.35 32.12 -4.66
N MET D 205 38.81 32.35 -5.88
CA MET D 205 38.64 31.43 -6.99
C MET D 205 39.97 30.83 -7.40
N HIS D 206 39.98 29.51 -7.60
CA HIS D 206 41.17 28.78 -8.01
C HIS D 206 40.86 28.13 -9.36
N ILE D 207 41.10 28.87 -10.44
CA ILE D 207 40.85 28.36 -11.78
C ILE D 207 41.98 27.40 -12.15
N ILE D 208 41.62 26.25 -12.71
CA ILE D 208 42.56 25.21 -13.08
C ILE D 208 42.56 25.09 -14.59
N GLY D 209 43.74 25.15 -15.19
CA GLY D 209 43.88 25.04 -16.62
C GLY D 209 44.37 26.33 -17.25
N ASP D 210 44.48 26.30 -18.58
CA ASP D 210 44.98 27.43 -19.35
C ASP D 210 43.80 28.20 -19.93
N VAL D 211 43.70 29.47 -19.56
CA VAL D 211 42.68 30.37 -20.11
C VAL D 211 43.33 31.69 -20.48
N ALA D 212 43.62 31.87 -21.77
CA ALA D 212 44.24 33.11 -22.23
C ALA D 212 44.02 33.22 -23.74
N GLY D 213 43.38 34.30 -24.17
CA GLY D 213 43.14 34.49 -25.59
C GLY D 213 42.19 33.49 -26.20
N ARG D 214 41.32 32.89 -25.40
CA ARG D 214 40.37 31.88 -25.87
C ARG D 214 38.95 32.36 -25.62
N ASP D 215 38.00 31.59 -26.13
CA ASP D 215 36.58 31.80 -25.89
C ASP D 215 36.09 30.70 -24.95
N CYS D 216 35.61 31.10 -23.78
CA CYS D 216 35.17 30.15 -22.76
C CYS D 216 33.67 29.95 -22.84
N VAL D 217 33.23 28.73 -22.57
CA VAL D 217 31.82 28.36 -22.63
C VAL D 217 31.48 27.68 -21.30
N LEU D 218 30.99 28.47 -20.35
CA LEU D 218 30.51 27.89 -19.10
C LEU D 218 29.24 27.10 -19.36
N VAL D 219 29.13 25.93 -18.74
CA VAL D 219 27.99 25.05 -18.92
C VAL D 219 27.39 24.72 -17.56
N ASP D 220 26.07 24.80 -17.47
CA ASP D 220 25.38 24.44 -16.24
C ASP D 220 23.96 24.02 -16.60
N ASP D 221 23.32 23.33 -15.66
CA ASP D 221 21.93 22.92 -15.82
C ASP D 221 20.94 23.94 -15.30
N MET D 222 21.41 25.02 -14.71
CA MET D 222 20.53 25.96 -14.03
C MET D 222 21.26 27.28 -13.83
N ILE D 223 20.48 28.36 -13.84
CA ILE D 223 20.95 29.68 -13.40
C ILE D 223 19.89 30.24 -12.48
N ASP D 224 20.23 30.45 -11.21
CA ASP D 224 19.26 30.93 -10.24
C ASP D 224 19.31 32.45 -10.09
N THR D 225 20.46 32.98 -9.67
CA THR D 225 20.62 34.39 -9.38
C THR D 225 21.89 34.95 -10.00
N GLY D 226 22.30 34.41 -11.14
CA GLY D 226 23.63 34.71 -11.62
C GLY D 226 24.61 34.11 -10.63
N GLY D 227 25.24 34.95 -9.82
CA GLY D 227 25.98 34.45 -8.69
C GLY D 227 27.23 33.69 -9.07
N THR D 228 27.17 32.36 -8.97
CA THR D 228 28.34 31.54 -9.25
C THR D 228 28.83 31.74 -10.69
N LEU D 229 27.91 31.77 -11.66
CA LEU D 229 28.32 31.94 -13.04
C LEU D 229 28.93 33.30 -13.28
N CYS D 230 28.35 34.36 -12.71
CA CYS D 230 28.93 35.69 -12.87
C CYS D 230 30.31 35.77 -12.25
N LYS D 231 30.47 35.20 -11.05
CA LYS D 231 31.76 35.23 -10.39
C LYS D 231 32.80 34.42 -11.17
N ALA D 232 32.41 33.27 -11.70
CA ALA D 232 33.34 32.48 -12.50
C ALA D 232 33.73 33.21 -13.77
N ALA D 233 32.78 33.87 -14.42
CA ALA D 233 33.10 34.64 -15.63
C ALA D 233 34.06 35.76 -15.31
N GLU D 234 33.83 36.46 -14.19
CA GLU D 234 34.77 37.51 -13.79
C GLU D 234 36.15 36.94 -13.50
N ALA D 235 36.21 35.80 -12.80
CA ALA D 235 37.50 35.22 -12.43
C ALA D 235 38.29 34.80 -13.66
N LEU D 236 37.63 34.17 -14.64
CA LEU D 236 38.35 33.72 -15.82
C LEU D 236 38.48 34.80 -16.88
N LYS D 237 37.82 35.95 -16.72
CA LYS D 237 38.08 37.08 -17.59
C LYS D 237 39.11 38.03 -17.01
N GLU D 238 39.45 37.89 -15.72
CA GLU D 238 40.60 38.62 -15.19
C GLU D 238 41.86 38.29 -15.97
N ARG D 239 41.97 37.07 -16.49
CA ARG D 239 43.17 36.61 -17.19
C ARG D 239 42.98 36.53 -18.70
N GLY D 240 42.36 37.54 -19.30
CA GLY D 240 42.35 37.68 -20.75
C GLY D 240 41.60 36.65 -21.55
N ALA D 241 40.40 36.30 -21.11
CA ALA D 241 39.48 35.52 -21.92
C ALA D 241 38.75 36.45 -22.89
N LYS D 242 38.71 36.05 -24.16
CA LYS D 242 38.14 36.92 -25.19
C LYS D 242 36.65 37.18 -24.92
N ARG D 243 35.84 36.14 -24.97
CA ARG D 243 34.42 36.23 -24.68
C ARG D 243 34.01 35.09 -23.77
N VAL D 244 32.93 35.31 -23.03
CA VAL D 244 32.42 34.31 -22.08
C VAL D 244 30.96 34.08 -22.40
N PHE D 245 30.61 32.84 -22.73
CA PHE D 245 29.24 32.43 -23.01
C PHE D 245 28.80 31.44 -21.95
N ALA D 246 27.65 31.69 -21.34
CA ALA D 246 27.09 30.81 -20.32
C ALA D 246 25.86 30.12 -20.90
N TYR D 247 25.87 28.79 -20.87
CA TYR D 247 24.77 28.00 -21.41
C TYR D 247 24.11 27.23 -20.28
N ALA D 248 22.79 27.35 -20.18
CA ALA D 248 22.03 26.69 -19.14
C ALA D 248 20.76 26.11 -19.72
N THR D 249 20.18 25.14 -19.01
CA THR D 249 18.93 24.55 -19.45
C THR D 249 17.72 25.20 -18.79
N HIS D 250 17.78 25.43 -17.49
CA HIS D 250 16.63 25.93 -16.74
C HIS D 250 16.85 27.38 -16.33
N PRO D 251 16.18 28.34 -16.96
CA PRO D 251 16.33 29.75 -16.59
C PRO D 251 15.43 30.14 -15.41
N ILE D 252 15.84 29.71 -14.21
CA ILE D 252 15.05 30.02 -13.03
C ILE D 252 15.01 31.52 -12.78
N PHE D 253 16.19 32.15 -12.77
CA PHE D 253 16.32 33.62 -12.71
C PHE D 253 15.51 34.20 -11.55
N SER D 254 15.82 33.75 -10.35
CA SER D 254 15.17 34.25 -9.15
C SER D 254 16.08 35.29 -8.49
N GLY D 255 15.69 35.74 -7.31
CA GLY D 255 16.49 36.77 -6.63
C GLY D 255 16.49 38.03 -7.46
N ASN D 256 17.69 38.52 -7.78
CA ASN D 256 17.79 39.64 -8.72
C ASN D 256 17.90 39.14 -10.15
N ALA D 257 19.00 38.44 -10.46
CA ALA D 257 19.20 37.77 -11.74
C ALA D 257 18.97 38.67 -12.95
N ALA D 258 18.84 39.97 -12.71
CA ALA D 258 18.64 40.92 -13.80
C ALA D 258 19.59 42.08 -13.62
N ASN D 259 19.95 42.35 -12.37
CA ASN D 259 21.04 43.25 -12.06
C ASN D 259 22.37 42.52 -11.97
N ASN D 260 22.35 41.21 -11.74
CA ASN D 260 23.57 40.42 -11.78
C ASN D 260 24.03 40.20 -13.22
N LEU D 261 23.09 39.96 -14.13
CA LEU D 261 23.47 39.71 -15.51
C LEU D 261 23.90 40.98 -16.22
N ARG D 262 23.17 42.08 -16.01
CA ARG D 262 23.56 43.35 -16.63
C ARG D 262 24.91 43.83 -16.12
N ASN D 263 25.09 43.82 -14.80
CA ASN D 263 26.35 44.24 -14.21
C ASN D 263 27.33 43.07 -14.19
N SER D 264 27.57 42.46 -15.34
CA SER D 264 28.49 41.34 -15.45
C SER D 264 29.24 41.45 -16.77
N VAL D 265 30.21 40.57 -16.94
CA VAL D 265 31.05 40.55 -18.13
C VAL D 265 30.65 39.44 -19.09
N ILE D 266 29.56 38.73 -18.81
CA ILE D 266 29.09 37.70 -19.73
C ILE D 266 28.50 38.35 -20.96
N ASP D 267 28.93 37.88 -22.14
CA ASP D 267 28.50 38.49 -23.39
C ASP D 267 27.21 37.90 -23.93
N GLU D 268 26.86 36.68 -23.54
CA GLU D 268 25.62 36.06 -24.03
C GLU D 268 25.26 34.91 -23.12
N VAL D 269 24.04 34.91 -22.62
CA VAL D 269 23.50 33.81 -21.82
C VAL D 269 22.43 33.12 -22.65
N VAL D 270 22.63 31.83 -22.92
CA VAL D 270 21.70 31.05 -23.73
C VAL D 270 21.02 30.04 -22.83
N VAL D 271 19.68 30.04 -22.85
CA VAL D 271 18.88 29.19 -21.98
C VAL D 271 17.80 28.52 -22.82
N CYS D 272 17.15 27.52 -22.22
CA CYS D 272 16.01 26.86 -22.84
C CYS D 272 14.73 27.48 -22.32
N ASP D 273 13.59 27.01 -22.83
CA ASP D 273 12.29 27.61 -22.54
C ASP D 273 11.45 26.76 -21.59
N THR D 274 12.10 26.10 -20.63
CA THR D 274 11.34 25.32 -19.65
C THR D 274 10.66 26.19 -18.61
N ILE D 275 11.08 27.44 -18.46
CA ILE D 275 10.48 28.38 -17.51
C ILE D 275 10.13 29.65 -18.28
N PRO D 276 8.98 30.29 -18.00
CA PRO D 276 8.49 31.36 -18.87
C PRO D 276 9.43 32.55 -19.07
N LEU D 277 10.45 32.75 -18.23
CA LEU D 277 11.46 33.79 -18.49
C LEU D 277 10.80 35.17 -18.50
N SER D 278 10.47 35.63 -17.30
CA SER D 278 9.67 36.83 -17.07
C SER D 278 10.24 38.07 -17.77
N ASP D 279 9.42 39.13 -17.78
CA ASP D 279 9.61 40.24 -18.71
C ASP D 279 10.91 40.99 -18.48
N GLU D 280 11.30 41.19 -17.22
CA GLU D 280 12.52 41.94 -16.95
C GLU D 280 13.73 41.27 -17.57
N ILE D 281 13.76 39.94 -17.57
CA ILE D 281 14.83 39.22 -18.26
C ILE D 281 14.73 39.42 -19.76
N LYS D 282 13.50 39.44 -20.29
CA LYS D 282 13.31 39.70 -21.72
C LYS D 282 13.89 41.04 -22.13
N SER D 283 13.82 42.03 -21.24
CA SER D 283 14.34 43.35 -21.58
C SER D 283 15.85 43.34 -21.76
N LEU D 284 16.55 42.39 -21.15
CA LEU D 284 17.99 42.32 -21.30
C LEU D 284 18.37 41.98 -22.74
N PRO D 285 19.43 42.58 -23.28
CA PRO D 285 19.80 42.31 -24.67
C PRO D 285 20.69 41.08 -24.83
N ASN D 286 21.45 40.74 -23.80
CA ASN D 286 22.44 39.67 -23.89
C ASN D 286 21.91 38.33 -23.41
N VAL D 287 20.59 38.16 -23.34
CA VAL D 287 19.97 36.90 -22.95
C VAL D 287 19.13 36.40 -24.12
N ARG D 288 19.44 35.21 -24.61
CA ARG D 288 18.74 34.61 -25.73
C ARG D 288 18.26 33.23 -25.32
N THR D 289 17.04 32.88 -25.72
CA THR D 289 16.43 31.62 -25.31
C THR D 289 16.23 30.70 -26.51
N LEU D 290 16.52 29.42 -26.30
CA LEU D 290 16.27 28.40 -27.30
C LEU D 290 14.90 27.79 -27.05
N THR D 291 14.59 26.68 -27.72
CA THR D 291 13.31 26.02 -27.53
C THR D 291 13.50 24.52 -27.51
N LEU D 292 12.81 23.86 -26.57
CA LEU D 292 12.80 22.42 -26.45
C LEU D 292 11.53 21.80 -26.99
N SER D 293 10.72 22.57 -27.71
CA SER D 293 9.41 22.09 -28.13
C SER D 293 9.52 20.93 -29.10
N GLY D 294 10.49 20.98 -30.02
CA GLY D 294 10.65 19.89 -30.96
C GLY D 294 11.02 18.59 -30.29
N MET D 295 12.02 18.64 -29.39
CA MET D 295 12.44 17.44 -28.70
C MET D 295 11.35 16.90 -27.79
N LEU D 296 10.64 17.78 -27.10
CA LEU D 296 9.57 17.34 -26.22
C LEU D 296 8.41 16.73 -27.02
N ALA D 297 8.10 17.31 -28.18
CA ALA D 297 7.05 16.74 -29.02
C ALA D 297 7.45 15.37 -29.53
N GLU D 298 8.69 15.22 -29.97
CA GLU D 298 9.15 13.90 -30.42
C GLU D 298 9.12 12.89 -29.28
N ALA D 299 9.53 13.31 -28.08
CA ALA D 299 9.50 12.41 -26.93
C ALA D 299 8.08 12.00 -26.58
N ILE D 300 7.13 12.94 -26.63
CA ILE D 300 5.74 12.62 -26.34
C ILE D 300 5.20 11.64 -27.38
N ARG D 301 5.50 11.88 -28.65
CA ARG D 301 5.03 10.99 -29.70
C ARG D 301 5.62 9.59 -29.54
N ARG D 302 6.89 9.50 -29.14
CA ARG D 302 7.53 8.20 -28.98
C ARG D 302 7.05 7.48 -27.73
N ILE D 303 6.72 8.22 -26.66
CA ILE D 303 6.17 7.59 -25.48
C ILE D 303 4.79 7.04 -25.76
N SER D 304 3.98 7.78 -26.51
CA SER D 304 2.63 7.33 -26.82
C SER D 304 2.64 6.05 -27.66
N ASN D 305 3.57 5.97 -28.62
CA ASN D 305 3.63 4.85 -29.56
C ASN D 305 4.57 3.75 -29.11
N GLU D 306 5.16 3.87 -27.92
CA GLU D 306 6.09 2.87 -27.37
C GLU D 306 7.29 2.66 -28.28
N GLU D 307 7.91 3.76 -28.69
CA GLU D 307 9.15 3.72 -29.46
C GLU D 307 10.32 4.11 -28.57
N SER D 308 11.52 3.85 -29.08
CA SER D 308 12.73 4.07 -28.30
C SER D 308 13.01 5.55 -28.12
N ILE D 309 12.97 6.01 -26.87
CA ILE D 309 13.35 7.39 -26.57
C ILE D 309 14.86 7.56 -26.71
N SER D 310 15.63 6.57 -26.27
CA SER D 310 17.08 6.68 -26.32
C SER D 310 17.60 6.73 -27.75
N ALA D 311 16.85 6.16 -28.70
CA ALA D 311 17.23 6.24 -30.10
C ALA D 311 17.11 7.65 -30.66
N MET D 312 16.46 8.55 -29.93
CA MET D 312 16.36 9.94 -30.36
C MET D 312 17.67 10.70 -30.16
N PHE D 313 18.52 10.25 -29.24
CA PHE D 313 19.70 10.99 -28.85
C PHE D 313 21.01 10.36 -29.32
N GLU D 314 20.97 9.20 -29.97
CA GLU D 314 22.20 8.54 -30.40
C GLU D 314 21.97 7.84 -31.72
N HIS D 315 23.06 7.61 -32.45
CA HIS D 315 23.02 6.93 -33.74
C HIS D 315 22.80 5.43 -33.56
N ASP E 3 -14.69 -9.28 -26.20
CA ASP E 3 -14.12 -9.98 -25.07
C ASP E 3 -14.92 -9.70 -23.80
N MET E 4 -16.15 -9.23 -23.97
CA MET E 4 -17.02 -8.90 -22.85
C MET E 4 -17.76 -10.14 -22.37
N LYS E 5 -17.70 -10.39 -21.06
CA LYS E 5 -18.41 -11.50 -20.45
C LYS E 5 -19.23 -10.98 -19.27
N LEU E 6 -20.41 -11.57 -19.07
CA LEU E 6 -21.33 -11.15 -18.03
C LEU E 6 -21.53 -12.28 -17.04
N PHE E 7 -21.42 -11.97 -15.76
CA PHE E 7 -21.66 -12.92 -14.69
C PHE E 7 -22.65 -12.32 -13.72
N ALA E 8 -23.36 -13.18 -13.00
CA ALA E 8 -24.38 -12.74 -12.06
C ALA E 8 -24.31 -13.60 -10.80
N GLY E 9 -24.77 -13.04 -9.70
CA GLY E 9 -24.85 -13.77 -8.46
C GLY E 9 -26.25 -14.27 -8.19
N ASN E 10 -26.74 -14.07 -6.96
CA ASN E 10 -28.06 -14.52 -6.58
C ASN E 10 -28.96 -13.40 -6.11
N ALA E 11 -28.47 -12.17 -6.08
CA ALA E 11 -29.30 -11.05 -5.64
C ALA E 11 -30.33 -10.68 -6.70
N THR E 12 -29.84 -10.32 -7.90
CA THR E 12 -30.70 -9.88 -9.00
C THR E 12 -30.44 -10.77 -10.21
N PRO E 13 -31.06 -11.94 -10.27
CA PRO E 13 -30.86 -12.81 -11.44
C PRO E 13 -31.73 -12.40 -12.62
N GLU E 14 -32.93 -11.89 -12.35
CA GLU E 14 -33.83 -11.45 -13.41
C GLU E 14 -33.30 -10.21 -14.13
N LEU E 15 -32.83 -9.22 -13.37
CA LEU E 15 -32.27 -8.03 -13.99
C LEU E 15 -31.02 -8.37 -14.79
N ALA E 16 -30.20 -9.28 -14.27
CA ALA E 16 -29.02 -9.71 -14.99
C ALA E 16 -29.41 -10.40 -16.30
N GLN E 17 -30.45 -11.23 -16.26
CA GLN E 17 -30.91 -11.89 -17.48
C GLN E 17 -31.44 -10.88 -18.49
N ARG E 18 -32.16 -9.86 -18.01
CA ARG E 18 -32.66 -8.83 -18.92
C ARG E 18 -31.51 -8.06 -19.57
N ILE E 19 -30.50 -7.71 -18.79
CA ILE E 19 -29.35 -7.01 -19.35
C ILE E 19 -28.63 -7.90 -20.36
N ALA E 20 -28.47 -9.18 -20.05
CA ALA E 20 -27.83 -10.09 -20.98
C ALA E 20 -28.63 -10.24 -22.27
N ASN E 21 -29.96 -10.25 -22.16
CA ASN E 21 -30.79 -10.32 -23.36
C ASN E 21 -30.63 -9.07 -24.21
N ARG E 22 -30.61 -7.89 -23.59
CA ARG E 22 -30.47 -6.66 -24.35
C ARG E 22 -29.08 -6.48 -24.94
N LEU E 23 -28.08 -7.22 -24.47
CA LEU E 23 -26.76 -7.20 -25.04
C LEU E 23 -26.54 -8.30 -26.06
N TYR E 24 -27.58 -9.08 -26.36
CA TYR E 24 -27.50 -10.19 -27.33
C TYR E 24 -26.41 -11.19 -26.93
N THR E 25 -26.30 -11.45 -25.64
CA THR E 25 -25.31 -12.38 -25.12
C THR E 25 -26.00 -13.25 -24.07
N SER E 26 -25.22 -14.04 -23.35
CA SER E 26 -25.73 -14.89 -22.30
C SER E 26 -24.85 -14.77 -21.08
N LEU E 27 -25.43 -15.02 -19.91
CA LEU E 27 -24.68 -14.98 -18.66
C LEU E 27 -23.61 -16.06 -18.65
N GLY E 28 -22.48 -15.74 -18.05
CA GLY E 28 -21.40 -16.70 -17.97
C GLY E 28 -21.76 -17.90 -17.12
N ASP E 29 -20.94 -18.94 -17.24
CA ASP E 29 -21.18 -20.20 -16.54
C ASP E 29 -20.35 -20.20 -15.26
N ALA E 30 -20.97 -19.71 -14.18
CA ALA E 30 -20.36 -19.73 -12.86
C ALA E 30 -21.36 -20.27 -11.86
N ALA E 31 -20.94 -21.23 -11.06
CA ALA E 31 -21.81 -21.85 -10.06
C ALA E 31 -21.62 -21.10 -8.75
N VAL E 32 -22.55 -20.20 -8.44
CA VAL E 32 -22.51 -19.42 -7.20
C VAL E 32 -23.58 -19.97 -6.28
N GLY E 33 -23.16 -20.58 -5.18
CA GLY E 33 -24.09 -21.18 -4.25
C GLY E 33 -23.60 -21.15 -2.83
N ARG E 34 -24.27 -21.88 -1.94
CA ARG E 34 -23.95 -21.91 -0.52
C ARG E 34 -23.48 -23.30 -0.13
N PHE E 35 -22.50 -23.36 0.76
CA PHE E 35 -22.16 -24.63 1.38
C PHE E 35 -23.18 -24.97 2.46
N SER E 36 -22.96 -26.11 3.12
CA SER E 36 -23.89 -26.56 4.14
C SER E 36 -23.92 -25.60 5.34
N ASP E 37 -22.76 -25.05 5.70
CA ASP E 37 -22.63 -24.19 6.86
C ASP E 37 -22.93 -22.72 6.56
N GLY E 38 -23.27 -22.38 5.33
CA GLY E 38 -23.65 -21.03 4.98
C GLY E 38 -22.59 -20.20 4.29
N GLU E 39 -21.38 -20.72 4.14
CA GLU E 39 -20.34 -19.98 3.45
C GLU E 39 -20.59 -19.94 1.95
N VAL E 40 -20.19 -18.85 1.33
CA VAL E 40 -20.40 -18.66 -0.11
C VAL E 40 -19.47 -19.58 -0.89
N SER E 41 -20.04 -20.31 -1.84
CA SER E 41 -19.29 -21.17 -2.74
C SER E 41 -19.35 -20.58 -4.14
N VAL E 42 -18.19 -20.37 -4.75
CA VAL E 42 -18.10 -19.78 -6.07
C VAL E 42 -17.07 -20.57 -6.88
N GLN E 43 -17.41 -20.90 -8.12
CA GLN E 43 -16.46 -21.53 -9.03
C GLN E 43 -16.82 -21.13 -10.44
N ILE E 44 -15.79 -20.86 -11.25
CA ILE E 44 -15.97 -20.38 -12.61
C ILE E 44 -15.74 -21.54 -13.56
N ASN E 45 -16.74 -21.84 -14.38
CA ASN E 45 -16.66 -22.94 -15.33
C ASN E 45 -16.31 -22.48 -16.74
N GLU E 46 -16.11 -21.18 -16.94
CA GLU E 46 -15.73 -20.62 -18.23
C GLU E 46 -14.27 -20.22 -18.21
N ASN E 47 -13.77 -19.86 -19.38
CA ASN E 47 -12.41 -19.33 -19.51
C ASN E 47 -12.53 -17.81 -19.62
N VAL E 48 -12.02 -17.11 -18.61
CA VAL E 48 -12.16 -15.65 -18.54
C VAL E 48 -10.81 -14.96 -18.65
N ARG E 49 -9.81 -15.64 -19.20
CA ARG E 49 -8.46 -15.08 -19.26
C ARG E 49 -8.43 -13.92 -20.26
N GLY E 50 -7.96 -12.77 -19.80
CA GLY E 50 -7.88 -11.59 -20.63
C GLY E 50 -9.21 -10.97 -20.98
N GLY E 51 -10.32 -11.50 -20.47
CA GLY E 51 -11.61 -10.98 -20.83
C GLY E 51 -11.98 -9.73 -20.08
N ASP E 52 -13.07 -9.11 -20.53
CA ASP E 52 -13.60 -7.88 -19.92
C ASP E 52 -14.85 -8.28 -19.15
N ILE E 53 -14.71 -8.50 -17.84
CA ILE E 53 -15.73 -9.14 -17.03
C ILE E 53 -16.59 -8.08 -16.36
N PHE E 54 -17.90 -8.33 -16.33
CA PHE E 54 -18.86 -7.50 -15.62
C PHE E 54 -19.64 -8.40 -14.67
N ILE E 55 -19.75 -7.98 -13.41
CA ILE E 55 -20.48 -8.71 -12.39
C ILE E 55 -21.70 -7.89 -12.00
N ILE E 56 -22.88 -8.45 -12.20
CA ILE E 56 -24.13 -7.77 -11.90
C ILE E 56 -24.63 -8.35 -10.57
N GLN E 57 -24.49 -7.57 -9.51
CA GLN E 57 -24.77 -8.06 -8.16
C GLN E 57 -25.14 -6.86 -7.30
N SER E 58 -26.43 -6.67 -7.07
CA SER E 58 -26.88 -5.65 -6.13
C SER E 58 -26.66 -6.12 -4.71
N THR E 59 -26.26 -5.20 -3.84
CA THR E 59 -26.06 -5.51 -2.42
C THR E 59 -27.31 -5.19 -1.61
N CYS E 60 -28.41 -5.83 -2.00
CA CYS E 60 -29.69 -5.67 -1.34
C CYS E 60 -29.88 -6.78 -0.31
N ALA E 61 -31.00 -6.72 0.40
CA ALA E 61 -31.25 -7.66 1.49
C ALA E 61 -31.39 -9.09 0.95
N PRO E 62 -30.69 -10.08 1.54
CA PRO E 62 -29.73 -9.97 2.65
C PRO E 62 -28.40 -9.35 2.25
N THR E 63 -28.06 -8.22 2.86
CA THR E 63 -26.94 -7.43 2.37
C THR E 63 -25.61 -8.17 2.51
N ASN E 64 -25.38 -8.81 3.65
CA ASN E 64 -24.06 -9.38 3.92
C ASN E 64 -23.79 -10.57 3.00
N ASP E 65 -24.78 -11.44 2.79
CA ASP E 65 -24.60 -12.57 1.89
C ASP E 65 -24.33 -12.11 0.47
N ASN E 66 -25.06 -11.11 0.00
CA ASN E 66 -24.87 -10.59 -1.35
C ASN E 66 -23.49 -9.97 -1.52
N LEU E 67 -23.05 -9.18 -0.54
CA LEU E 67 -21.74 -8.57 -0.62
C LEU E 67 -20.63 -9.62 -0.58
N MET E 68 -20.81 -10.67 0.22
CA MET E 68 -19.81 -11.72 0.27
C MET E 68 -19.76 -12.49 -1.05
N GLU E 69 -20.92 -12.75 -1.64
CA GLU E 69 -20.94 -13.35 -2.98
C GLU E 69 -20.18 -12.48 -3.97
N LEU E 70 -20.40 -11.17 -3.91
CA LEU E 70 -19.74 -10.26 -4.85
C LEU E 70 -18.23 -10.32 -4.70
N VAL E 71 -17.73 -10.20 -3.47
CA VAL E 71 -16.28 -10.15 -3.30
C VAL E 71 -15.64 -11.50 -3.59
N VAL E 72 -16.35 -12.60 -3.30
CA VAL E 72 -15.79 -13.91 -3.59
C VAL E 72 -15.75 -14.16 -5.09
N MET E 73 -16.78 -13.72 -5.82
CA MET E 73 -16.72 -13.81 -7.28
C MET E 73 -15.59 -12.96 -7.84
N VAL E 74 -15.39 -11.76 -7.28
CA VAL E 74 -14.31 -10.90 -7.76
C VAL E 74 -12.97 -11.59 -7.55
N ASP E 75 -12.76 -12.20 -6.38
CA ASP E 75 -11.50 -12.89 -6.12
C ASP E 75 -11.31 -14.09 -7.04
N ALA E 76 -12.38 -14.86 -7.26
CA ALA E 76 -12.29 -16.03 -8.14
C ALA E 76 -11.97 -15.62 -9.57
N LEU E 77 -12.53 -14.50 -10.03
CA LEU E 77 -12.24 -14.04 -11.38
C LEU E 77 -10.86 -13.41 -11.47
N ARG E 78 -10.40 -12.74 -10.41
CA ARG E 78 -9.07 -12.16 -10.43
C ARG E 78 -7.98 -13.21 -10.43
N ARG E 79 -8.20 -14.33 -9.73
CA ARG E 79 -7.22 -15.40 -9.75
C ARG E 79 -7.29 -16.25 -11.01
N ALA E 80 -8.29 -16.04 -11.86
CA ALA E 80 -8.42 -16.73 -13.13
C ALA E 80 -7.89 -15.89 -14.28
N SER E 81 -7.12 -14.85 -13.99
CA SER E 81 -6.44 -14.02 -14.99
C SER E 81 -7.42 -13.23 -15.83
N ALA E 82 -8.52 -12.78 -15.22
CA ALA E 82 -9.43 -11.89 -15.91
C ALA E 82 -8.76 -10.56 -16.20
N GLY E 83 -9.05 -9.99 -17.36
CA GLY E 83 -8.42 -8.75 -17.77
C GLY E 83 -8.83 -7.57 -16.91
N ARG E 84 -10.09 -7.18 -17.00
CA ARG E 84 -10.64 -6.11 -16.19
C ARG E 84 -11.94 -6.58 -15.58
N ILE E 85 -12.16 -6.24 -14.31
CA ILE E 85 -13.37 -6.61 -13.59
C ILE E 85 -14.13 -5.34 -13.26
N THR E 86 -15.35 -5.24 -13.76
CA THR E 86 -16.26 -4.15 -13.44
C THR E 86 -17.39 -4.72 -12.60
N ALA E 87 -17.66 -4.09 -11.47
CA ALA E 87 -18.72 -4.51 -10.57
C ALA E 87 -19.93 -3.63 -10.83
N VAL E 88 -20.93 -4.16 -11.52
CA VAL E 88 -22.17 -3.45 -11.75
C VAL E 88 -23.06 -3.67 -10.54
N ILE E 89 -23.19 -2.65 -9.71
CA ILE E 89 -23.97 -2.74 -8.48
C ILE E 89 -25.16 -1.78 -8.61
N PRO E 90 -26.32 -2.27 -9.06
CA PRO E 90 -27.46 -1.37 -9.24
C PRO E 90 -27.87 -0.65 -7.98
N TYR E 91 -27.73 -1.26 -6.82
CA TYR E 91 -28.00 -0.60 -5.55
C TYR E 91 -26.85 -0.86 -4.59
N PHE E 92 -26.18 0.19 -4.14
CA PHE E 92 -25.08 0.08 -3.21
C PHE E 92 -25.62 0.00 -1.79
N GLY E 93 -25.26 -1.06 -1.07
CA GLY E 93 -25.92 -1.38 0.19
C GLY E 93 -25.59 -0.50 1.38
N TYR E 94 -24.36 -0.57 1.86
CA TYR E 94 -24.02 0.10 3.11
C TYR E 94 -23.72 1.58 2.90
N ALA E 95 -24.61 2.30 2.23
CA ALA E 95 -24.33 3.68 1.87
C ALA E 95 -25.43 4.66 2.26
N ARG E 96 -26.44 4.23 2.99
CA ARG E 96 -27.54 5.12 3.35
C ARG E 96 -27.07 6.17 4.33
N GLN E 97 -27.53 7.41 4.14
CA GLN E 97 -27.20 8.50 5.03
C GLN E 97 -28.32 8.84 6.00
N ASP E 98 -29.56 8.50 5.67
CA ASP E 98 -30.69 8.74 6.56
C ASP E 98 -30.84 7.61 7.59
N ARG E 99 -29.76 7.27 8.27
CA ARG E 99 -29.84 6.37 9.42
C ARG E 99 -28.72 6.80 10.37
N ARG E 100 -29.05 7.65 11.34
CA ARG E 100 -28.06 8.17 12.26
C ARG E 100 -28.63 8.08 13.67
N VAL E 101 -28.20 7.08 14.41
CA VAL E 101 -28.45 7.00 15.84
C VAL E 101 -27.30 7.70 16.55
N ARG E 102 -27.62 8.50 17.56
CA ARG E 102 -26.66 9.45 18.10
C ARG E 102 -25.78 8.77 19.15
N SER E 103 -24.58 8.39 18.73
CA SER E 103 -23.50 8.03 19.65
C SER E 103 -22.17 8.66 19.30
N ALA E 104 -21.98 9.08 18.05
CA ALA E 104 -20.79 9.80 17.58
C ALA E 104 -19.58 8.89 17.51
N ARG E 105 -19.69 7.66 18.01
CA ARG E 105 -18.69 6.63 17.83
C ARG E 105 -19.31 5.56 16.93
N VAL E 106 -19.26 5.80 15.63
CA VAL E 106 -19.91 4.94 14.65
C VAL E 106 -18.95 4.70 13.50
N PRO E 107 -19.09 3.62 12.75
CA PRO E 107 -18.24 3.40 11.58
C PRO E 107 -18.77 4.15 10.36
N ILE E 108 -17.93 4.19 9.33
CA ILE E 108 -18.36 4.61 8.00
C ILE E 108 -18.37 3.37 7.13
N THR E 109 -19.53 2.73 7.03
CA THR E 109 -19.60 1.42 6.38
C THR E 109 -19.42 1.52 4.87
N ALA E 110 -19.84 2.62 4.26
CA ALA E 110 -19.58 2.79 2.83
C ALA E 110 -18.10 2.81 2.53
N LYS E 111 -17.32 3.45 3.40
CA LYS E 111 -15.87 3.43 3.26
C LYS E 111 -15.31 2.02 3.39
N VAL E 112 -15.85 1.25 4.34
CA VAL E 112 -15.38 -0.13 4.54
C VAL E 112 -15.64 -0.95 3.29
N VAL E 113 -16.85 -0.85 2.74
CA VAL E 113 -17.20 -1.62 1.55
C VAL E 113 -16.35 -1.19 0.36
N ALA E 114 -16.12 0.11 0.21
CA ALA E 114 -15.30 0.59 -0.91
C ALA E 114 -13.86 0.08 -0.80
N ASP E 115 -13.28 0.14 0.40
CA ASP E 115 -11.93 -0.38 0.58
C ASP E 115 -11.85 -1.88 0.34
N PHE E 116 -12.86 -2.63 0.78
CA PHE E 116 -12.80 -4.07 0.57
C PHE E 116 -12.96 -4.42 -0.90
N LEU E 117 -13.83 -3.68 -1.61
CA LEU E 117 -13.96 -3.88 -3.05
C LEU E 117 -12.64 -3.59 -3.76
N SER E 118 -11.98 -2.50 -3.39
CA SER E 118 -10.71 -2.17 -4.01
C SER E 118 -9.64 -3.19 -3.67
N SER E 119 -9.65 -3.73 -2.45
CA SER E 119 -8.64 -4.69 -2.04
C SER E 119 -8.81 -6.03 -2.75
N VAL E 120 -10.04 -6.50 -2.90
CA VAL E 120 -10.26 -7.81 -3.48
C VAL E 120 -9.94 -7.84 -4.98
N GLY E 121 -9.92 -6.68 -5.64
CA GLY E 121 -9.46 -6.62 -7.01
C GLY E 121 -10.43 -6.04 -8.03
N VAL E 122 -11.35 -5.21 -7.57
CA VAL E 122 -12.30 -4.55 -8.48
C VAL E 122 -11.60 -3.40 -9.19
N ASP E 123 -11.86 -3.25 -10.49
CA ASP E 123 -11.24 -2.21 -11.30
C ASP E 123 -12.15 -1.01 -11.52
N ARG E 124 -13.46 -1.22 -11.65
CA ARG E 124 -14.42 -0.15 -11.88
C ARG E 124 -15.71 -0.46 -11.14
N VAL E 125 -16.52 0.57 -10.94
CA VAL E 125 -17.83 0.43 -10.32
C VAL E 125 -18.85 1.16 -11.18
N LEU E 126 -20.04 0.58 -11.31
CA LEU E 126 -21.14 1.19 -12.05
C LEU E 126 -22.40 1.02 -11.21
N THR E 127 -22.84 2.09 -10.57
CA THR E 127 -24.00 2.07 -9.70
C THR E 127 -25.15 2.88 -10.33
N VAL E 128 -26.28 2.88 -9.65
CA VAL E 128 -27.46 3.63 -10.09
C VAL E 128 -27.91 4.52 -8.95
N ASP E 129 -27.98 5.83 -9.19
CA ASP E 129 -28.51 6.81 -8.25
C ASP E 129 -27.84 6.70 -6.88
N LEU E 130 -26.51 6.73 -6.89
CA LEU E 130 -25.76 6.84 -5.66
C LEU E 130 -25.87 8.25 -5.10
N HIS E 131 -25.55 8.39 -3.81
CA HIS E 131 -25.50 9.71 -3.20
C HIS E 131 -24.26 10.45 -3.72
N ALA E 132 -24.40 11.12 -4.86
CA ALA E 132 -23.24 11.55 -5.63
C ALA E 132 -22.61 12.82 -5.09
N GLU E 133 -22.31 12.83 -3.80
CA GLU E 133 -21.50 13.89 -3.20
C GLU E 133 -20.47 13.37 -2.21
N GLN E 134 -20.64 12.19 -1.65
CA GLN E 134 -19.78 11.66 -0.60
C GLN E 134 -19.10 10.36 -1.02
N ILE E 135 -19.86 9.38 -1.48
CA ILE E 135 -19.35 8.02 -1.61
C ILE E 135 -18.37 7.90 -2.77
N GLN E 136 -18.48 8.76 -3.77
CA GLN E 136 -17.54 8.67 -4.89
C GLN E 136 -16.12 9.01 -4.47
N GLY E 137 -15.94 9.70 -3.35
CA GLY E 137 -14.60 9.91 -2.84
C GLY E 137 -14.04 8.74 -2.07
N PHE E 138 -14.88 7.79 -1.68
CA PHE E 138 -14.44 6.62 -0.95
C PHE E 138 -13.82 5.56 -1.86
N PHE E 139 -13.93 5.71 -3.17
CA PHE E 139 -13.41 4.75 -4.12
C PHE E 139 -12.12 5.27 -4.74
N ASP E 140 -11.10 4.43 -4.76
CA ASP E 140 -9.88 4.72 -5.51
C ASP E 140 -9.93 4.17 -6.93
N VAL E 141 -11.06 3.57 -7.31
CA VAL E 141 -11.29 3.10 -8.68
C VAL E 141 -12.35 4.01 -9.29
N PRO E 142 -12.39 4.18 -10.61
CA PRO E 142 -13.41 5.05 -11.21
C PRO E 142 -14.81 4.52 -10.95
N VAL E 143 -15.73 5.44 -10.68
CA VAL E 143 -17.13 5.10 -10.42
C VAL E 143 -17.98 5.79 -11.47
N ASP E 144 -18.82 5.02 -12.14
CA ASP E 144 -19.76 5.54 -13.13
C ASP E 144 -21.15 5.52 -12.50
N ASN E 145 -21.65 6.69 -12.15
CA ASN E 145 -22.97 6.82 -11.54
C ASN E 145 -23.97 7.18 -12.64
N VAL E 146 -24.86 6.25 -12.95
CA VAL E 146 -25.93 6.52 -13.90
C VAL E 146 -27.20 6.78 -13.10
N PHE E 147 -28.14 7.48 -13.71
CA PHE E 147 -29.30 8.02 -13.02
C PHE E 147 -30.58 7.39 -13.55
N GLY E 148 -31.45 7.00 -12.64
CA GLY E 148 -32.77 6.52 -13.00
C GLY E 148 -33.80 7.61 -13.20
N SER E 149 -33.40 8.88 -13.03
CA SER E 149 -34.33 9.98 -13.21
C SER E 149 -34.91 10.08 -14.62
N PRO E 150 -34.14 9.95 -15.71
CA PRO E 150 -34.77 10.07 -17.04
C PRO E 150 -35.90 9.08 -17.29
N ILE E 151 -35.76 7.84 -16.85
CA ILE E 151 -36.80 6.85 -17.10
C ILE E 151 -38.05 7.15 -16.28
N LEU E 152 -37.87 7.47 -14.99
CA LEU E 152 -39.01 7.82 -14.16
C LEU E 152 -39.71 9.05 -14.69
N LEU E 153 -38.95 10.03 -15.18
CA LEU E 153 -39.55 11.27 -15.66
C LEU E 153 -40.29 11.05 -16.98
N GLU E 154 -39.71 10.23 -17.88
CA GLU E 154 -40.40 9.91 -19.12
C GLU E 154 -41.66 9.10 -18.87
N ASP E 155 -41.69 8.33 -17.79
CA ASP E 155 -42.94 7.68 -17.40
C ASP E 155 -43.91 8.66 -16.75
N MET E 156 -43.39 9.66 -16.03
CA MET E 156 -44.23 10.69 -15.45
C MET E 156 -44.99 11.44 -16.52
N LEU E 157 -44.28 11.84 -17.59
CA LEU E 157 -44.90 12.58 -18.68
C LEU E 157 -45.93 11.76 -19.44
N GLN E 158 -45.94 10.44 -19.29
CA GLN E 158 -46.83 9.60 -20.08
C GLN E 158 -48.27 9.68 -19.61
N LEU E 159 -48.50 9.70 -18.29
CA LEU E 159 -49.83 9.51 -17.75
C LEU E 159 -50.65 10.81 -17.67
N ASN E 160 -50.11 11.93 -18.15
CA ASN E 160 -50.87 13.16 -18.35
C ASN E 160 -51.50 13.66 -17.05
N LEU E 161 -50.62 14.07 -16.14
CA LEU E 161 -51.08 14.67 -14.89
C LEU E 161 -51.84 15.96 -15.17
N ASP E 162 -52.81 16.27 -14.32
CA ASP E 162 -53.63 17.46 -14.49
C ASP E 162 -52.79 18.72 -14.42
N ASN E 163 -52.19 18.98 -13.25
CA ASN E 163 -51.32 20.14 -13.04
C ASN E 163 -50.21 19.71 -12.10
N PRO E 164 -49.16 19.10 -12.63
CA PRO E 164 -48.15 18.47 -11.78
C PRO E 164 -47.45 19.47 -10.89
N ILE E 165 -47.18 19.06 -9.65
CA ILE E 165 -46.34 19.80 -8.73
C ILE E 165 -45.43 18.81 -8.02
N VAL E 166 -44.14 19.10 -7.99
CA VAL E 166 -43.15 18.20 -7.39
C VAL E 166 -42.96 18.59 -5.93
N VAL E 167 -43.15 17.63 -5.03
CA VAL E 167 -43.06 17.86 -3.60
C VAL E 167 -41.96 16.97 -3.04
N SER E 168 -40.96 17.56 -2.43
CA SER E 168 -39.91 16.78 -1.78
C SER E 168 -40.44 16.21 -0.47
N PRO E 169 -40.27 14.91 -0.21
CA PRO E 169 -40.81 14.32 1.01
C PRO E 169 -40.19 14.88 2.28
N ASP E 170 -39.01 15.47 2.20
CA ASP E 170 -38.36 16.04 3.37
C ASP E 170 -37.55 17.26 2.93
N ILE E 171 -36.74 17.78 3.85
CA ILE E 171 -35.97 18.99 3.56
C ILE E 171 -34.59 18.67 3.00
N GLY E 172 -34.05 17.49 3.28
CA GLY E 172 -32.73 17.14 2.75
C GLY E 172 -32.74 17.01 1.24
N GLY E 173 -33.72 16.31 0.70
CA GLY E 173 -33.79 16.08 -0.74
C GLY E 173 -34.63 17.09 -1.49
N VAL E 174 -34.21 18.35 -1.49
CA VAL E 174 -34.96 19.38 -2.21
C VAL E 174 -34.27 19.70 -3.54
N VAL E 175 -32.96 19.45 -3.62
CA VAL E 175 -32.25 19.72 -4.87
C VAL E 175 -32.75 18.81 -5.98
N ARG E 176 -32.92 17.52 -5.69
CA ARG E 176 -33.42 16.59 -6.68
C ARG E 176 -34.85 16.94 -7.09
N ALA E 177 -35.68 17.33 -6.13
CA ALA E 177 -37.04 17.74 -6.45
C ALA E 177 -37.05 18.98 -7.35
N ARG E 178 -36.17 19.94 -7.06
CA ARG E 178 -36.08 21.13 -7.89
C ARG E 178 -35.64 20.78 -9.31
N ALA E 179 -34.66 19.88 -9.43
CA ALA E 179 -34.20 19.48 -10.75
C ALA E 179 -35.31 18.79 -11.55
N ILE E 180 -36.04 17.88 -10.90
CA ILE E 180 -37.12 17.17 -11.60
C ILE E 180 -38.24 18.12 -11.97
N ALA E 181 -38.57 19.07 -11.08
CA ALA E 181 -39.59 20.06 -11.39
C ALA E 181 -39.18 20.91 -12.58
N LYS E 182 -37.91 21.33 -12.62
CA LYS E 182 -37.43 22.09 -13.76
C LYS E 182 -37.50 21.29 -15.06
N LEU E 183 -37.11 20.01 -15.00
CA LEU E 183 -37.17 19.17 -16.19
C LEU E 183 -38.62 18.90 -16.60
N LEU E 184 -39.51 18.69 -15.65
CA LEU E 184 -40.90 18.34 -15.94
C LEU E 184 -41.68 19.62 -16.23
N ASN E 185 -41.48 20.13 -17.45
CA ASN E 185 -42.22 21.28 -17.97
C ASN E 185 -42.10 22.52 -17.09
N ASP E 186 -41.07 22.57 -16.24
CA ASP E 186 -40.83 23.70 -15.34
C ASP E 186 -42.06 23.99 -14.48
N THR E 187 -42.56 22.94 -13.82
CA THR E 187 -43.77 23.06 -13.03
C THR E 187 -43.44 23.70 -11.68
N ASP E 188 -44.43 23.73 -10.78
CA ASP E 188 -44.33 24.46 -9.53
C ASP E 188 -43.45 23.67 -8.54
N MET E 189 -43.36 24.15 -7.30
CA MET E 189 -42.38 23.63 -6.35
C MET E 189 -43.01 23.63 -4.95
N ALA E 190 -42.69 22.61 -4.16
CA ALA E 190 -43.24 22.49 -2.82
C ALA E 190 -42.28 21.70 -1.95
N ILE E 191 -42.38 21.92 -0.64
CA ILE E 191 -41.51 21.28 0.34
C ILE E 191 -42.33 20.83 1.54
N ILE E 192 -42.06 19.61 2.01
CA ILE E 192 -42.59 19.13 3.28
C ILE E 192 -41.52 19.33 4.35
N ASP E 193 -41.90 19.99 5.44
CA ASP E 193 -40.98 20.26 6.55
C ASP E 193 -41.57 19.72 7.84
N LYS E 194 -40.76 19.01 8.61
CA LYS E 194 -41.17 18.41 9.88
C LYS E 194 -40.65 19.30 11.01
N ARG E 195 -41.51 20.19 11.50
CA ARG E 195 -41.13 21.10 12.58
C ARG E 195 -40.76 20.35 13.85
N VAL E 204 -44.99 17.67 13.77
CA VAL E 204 -46.01 17.89 12.77
C VAL E 204 -45.38 18.13 11.40
N MET E 205 -46.21 18.40 10.40
CA MET E 205 -45.75 18.67 9.05
C MET E 205 -46.01 20.12 8.68
N HIS E 206 -45.00 20.76 8.09
CA HIS E 206 -45.09 22.14 7.64
C HIS E 206 -44.89 22.16 6.12
N ILE E 207 -45.98 21.98 5.38
CA ILE E 207 -45.92 21.98 3.93
C ILE E 207 -45.77 23.42 3.44
N ILE E 208 -44.85 23.64 2.51
CA ILE E 208 -44.56 24.97 1.98
C ILE E 208 -44.99 24.99 0.53
N GLY E 209 -45.78 25.99 0.16
CA GLY E 209 -46.25 26.13 -1.21
C GLY E 209 -47.75 25.93 -1.30
N ASP E 210 -48.24 26.01 -2.54
CA ASP E 210 -49.66 25.90 -2.84
C ASP E 210 -49.96 24.49 -3.32
N VAL E 211 -50.83 23.79 -2.59
CA VAL E 211 -51.28 22.46 -2.97
C VAL E 211 -52.79 22.38 -2.80
N ALA E 212 -53.52 22.52 -3.91
CA ALA E 212 -54.98 22.47 -3.88
C ALA E 212 -55.49 22.20 -5.28
N GLY E 213 -56.24 21.11 -5.44
CA GLY E 213 -56.78 20.77 -6.74
C GLY E 213 -55.74 20.41 -7.78
N ARG E 214 -54.57 19.95 -7.35
CA ARG E 214 -53.48 19.59 -8.24
C ARG E 214 -53.12 18.12 -8.06
N ASP E 215 -52.25 17.64 -8.94
CA ASP E 215 -51.69 16.31 -8.86
C ASP E 215 -50.25 16.43 -8.39
N CYS E 216 -49.93 15.83 -7.25
CA CYS E 216 -48.61 15.92 -6.66
C CYS E 216 -47.79 14.69 -7.01
N VAL E 217 -46.49 14.91 -7.21
CA VAL E 217 -45.57 13.83 -7.60
C VAL E 217 -44.40 13.89 -6.61
N LEU E 218 -44.48 13.11 -5.55
CA LEU E 218 -43.36 12.98 -4.62
C LEU E 218 -42.22 12.25 -5.31
N VAL E 219 -41.00 12.73 -5.11
CA VAL E 219 -39.82 12.15 -5.73
C VAL E 219 -38.81 11.81 -4.65
N ASP E 220 -38.24 10.61 -4.74
CA ASP E 220 -37.20 10.20 -3.81
C ASP E 220 -36.33 9.15 -4.48
N ASP E 221 -35.15 8.93 -3.91
CA ASP E 221 -34.23 7.91 -4.41
C ASP E 221 -34.44 6.56 -3.75
N MET E 222 -35.34 6.46 -2.78
CA MET E 222 -35.47 5.26 -1.98
C MET E 222 -36.81 5.27 -1.27
N ILE E 223 -37.35 4.07 -1.05
CA ILE E 223 -38.50 3.86 -0.17
C ILE E 223 -38.14 2.67 0.72
N ASP E 224 -38.03 2.91 2.02
CA ASP E 224 -37.65 1.84 2.94
C ASP E 224 -38.86 1.16 3.58
N THR E 225 -39.68 1.92 4.30
CA THR E 225 -40.80 1.38 5.04
C THR E 225 -42.06 2.22 4.82
N GLY E 226 -42.20 2.82 3.64
CA GLY E 226 -43.21 3.84 3.49
C GLY E 226 -42.82 5.00 4.37
N GLY E 227 -43.52 5.16 5.50
CA GLY E 227 -43.05 6.08 6.51
C GLY E 227 -43.13 7.53 6.10
N THR E 228 -41.98 8.13 5.77
CA THR E 228 -41.94 9.53 5.42
C THR E 228 -42.82 9.84 4.21
N LEU E 229 -42.76 8.99 3.17
CA LEU E 229 -43.57 9.25 1.99
C LEU E 229 -45.06 9.13 2.29
N CYS E 230 -45.45 8.13 3.06
CA CYS E 230 -46.87 7.99 3.41
C CYS E 230 -47.35 9.18 4.24
N LYS E 231 -46.54 9.61 5.20
CA LYS E 231 -46.92 10.75 6.03
C LYS E 231 -47.01 12.02 5.20
N ALA E 232 -46.06 12.22 4.28
CA ALA E 232 -46.11 13.40 3.42
C ALA E 232 -47.34 13.37 2.52
N ALA E 233 -47.66 12.20 1.97
CA ALA E 233 -48.85 12.09 1.13
C ALA E 233 -50.10 12.41 1.93
N GLU E 234 -50.20 11.90 3.16
CA GLU E 234 -51.34 12.22 4.01
C GLU E 234 -51.41 13.71 4.31
N ALA E 235 -50.26 14.33 4.62
CA ALA E 235 -50.24 15.74 4.97
C ALA E 235 -50.67 16.61 3.80
N LEU E 236 -50.20 16.32 2.60
CA LEU E 236 -50.57 17.13 1.46
C LEU E 236 -51.89 16.72 0.81
N LYS E 237 -52.47 15.59 1.22
CA LYS E 237 -53.82 15.26 0.81
C LYS E 237 -54.86 15.71 1.81
N GLU E 238 -54.46 16.10 3.01
CA GLU E 238 -55.38 16.78 3.92
C GLU E 238 -55.97 18.03 3.28
N ARG E 239 -55.19 18.70 2.42
CA ARG E 239 -55.62 19.95 1.80
C ARG E 239 -55.98 19.80 0.33
N GLY E 240 -56.73 18.76 -0.02
CA GLY E 240 -57.36 18.65 -1.31
C GLY E 240 -56.44 18.46 -2.51
N ALA E 241 -55.45 17.59 -2.39
CA ALA E 241 -54.67 17.14 -3.54
C ALA E 241 -55.44 16.04 -4.26
N LYS E 242 -55.55 16.17 -5.58
CA LYS E 242 -56.35 15.23 -6.36
C LYS E 242 -55.80 13.81 -6.25
N ARG E 243 -54.58 13.59 -6.74
CA ARG E 243 -53.91 12.31 -6.65
C ARG E 243 -52.48 12.52 -6.21
N VAL E 244 -51.91 11.48 -5.61
CA VAL E 244 -50.53 11.52 -5.12
C VAL E 244 -49.78 10.34 -5.72
N PHE E 245 -48.72 10.63 -6.47
CA PHE E 245 -47.86 9.62 -7.06
C PHE E 245 -46.48 9.73 -6.45
N ALA E 246 -45.95 8.61 -5.97
CA ALA E 246 -44.63 8.57 -5.37
C ALA E 246 -43.69 7.81 -6.30
N TYR E 247 -42.60 8.45 -6.71
CA TYR E 247 -41.63 7.86 -7.62
C TYR E 247 -40.30 7.66 -6.90
N ALA E 248 -39.77 6.45 -6.98
CA ALA E 248 -38.53 6.12 -6.32
C ALA E 248 -37.68 5.26 -7.24
N THR E 249 -36.37 5.24 -6.97
CA THR E 249 -35.46 4.42 -7.76
C THR E 249 -35.21 3.07 -7.11
N HIS E 250 -34.99 3.03 -5.80
CA HIS E 250 -34.61 1.79 -5.12
C HIS E 250 -35.76 1.30 -4.25
N PRO E 251 -36.45 0.24 -4.65
CA PRO E 251 -37.55 -0.29 -3.82
C PRO E 251 -37.05 -1.24 -2.73
N ILE E 252 -36.48 -0.65 -1.68
CA ILE E 252 -35.95 -1.47 -0.59
C ILE E 252 -37.08 -2.22 0.10
N PHE E 253 -38.13 -1.50 0.49
CA PHE E 253 -39.36 -2.07 1.03
C PHE E 253 -39.08 -3.05 2.18
N SER E 254 -38.43 -2.53 3.21
CA SER E 254 -38.13 -3.32 4.39
C SER E 254 -39.16 -3.01 5.47
N GLY E 255 -38.94 -3.53 6.67
CA GLY E 255 -39.91 -3.32 7.73
C GLY E 255 -41.24 -3.93 7.36
N ASN E 256 -42.30 -3.13 7.40
CA ASN E 256 -43.58 -3.60 6.89
C ASN E 256 -43.72 -3.29 5.40
N ALA E 257 -43.76 -2.00 5.05
CA ALA E 257 -43.73 -1.52 3.67
C ALA E 257 -44.79 -2.18 2.80
N ALA E 258 -45.72 -2.91 3.40
CA ALA E 258 -46.78 -3.56 2.65
C ALA E 258 -48.11 -3.27 3.32
N ASN E 259 -48.06 -3.08 4.64
CA ASN E 259 -49.19 -2.54 5.37
C ASN E 259 -49.17 -1.03 5.43
N ASN E 260 -47.99 -0.42 5.23
CA ASN E 260 -47.92 1.04 5.12
C ASN E 260 -48.45 1.52 3.78
N LEU E 261 -48.14 0.80 2.71
CA LEU E 261 -48.59 1.22 1.38
C LEU E 261 -50.08 0.98 1.18
N ARG E 262 -50.58 -0.19 1.63
CA ARG E 262 -52.01 -0.47 1.50
C ARG E 262 -52.83 0.50 2.34
N ASN E 263 -52.45 0.68 3.59
CA ASN E 263 -53.16 1.61 4.46
C ASN E 263 -52.65 3.02 4.27
N SER E 264 -52.65 3.50 3.03
CA SER E 264 -52.19 4.84 2.71
C SER E 264 -53.08 5.42 1.62
N VAL E 265 -52.86 6.70 1.34
CA VAL E 265 -53.64 7.42 0.34
C VAL E 265 -52.89 7.58 -0.97
N ILE E 266 -51.71 6.96 -1.10
CA ILE E 266 -50.96 7.03 -2.35
C ILE E 266 -51.66 6.17 -3.40
N ASP E 267 -51.89 6.76 -4.58
CA ASP E 267 -52.61 6.06 -5.63
C ASP E 267 -51.74 5.19 -6.52
N GLU E 268 -50.44 5.48 -6.59
CA GLU E 268 -49.54 4.69 -7.42
C GLU E 268 -48.11 4.94 -6.98
N VAL E 269 -47.38 3.88 -6.70
CA VAL E 269 -45.96 3.95 -6.37
C VAL E 269 -45.20 3.32 -7.52
N VAL E 270 -44.32 4.10 -8.16
CA VAL E 270 -43.54 3.65 -9.31
C VAL E 270 -42.09 3.55 -8.88
N VAL E 271 -41.49 2.38 -9.10
CA VAL E 271 -40.13 2.10 -8.67
C VAL E 271 -39.38 1.45 -9.82
N CYS E 272 -38.06 1.38 -9.68
CA CYS E 272 -37.21 0.69 -10.63
C CYS E 272 -36.95 -0.74 -10.15
N ASP E 273 -36.22 -1.51 -10.94
CA ASP E 273 -36.03 -2.93 -10.68
C ASP E 273 -34.62 -3.25 -10.18
N THR E 274 -34.03 -2.34 -9.39
CA THR E 274 -32.72 -2.60 -8.84
C THR E 274 -32.75 -3.61 -7.69
N ILE E 275 -33.92 -3.83 -7.10
CA ILE E 275 -34.08 -4.79 -6.00
C ILE E 275 -35.23 -5.73 -6.38
N PRO E 276 -35.13 -7.02 -6.08
CA PRO E 276 -36.09 -8.00 -6.64
C PRO E 276 -37.56 -7.74 -6.30
N LEU E 277 -37.90 -6.92 -5.30
CA LEU E 277 -39.29 -6.54 -5.07
C LEU E 277 -40.14 -7.78 -4.74
N SER E 278 -39.95 -8.27 -3.52
CA SER E 278 -40.48 -9.55 -3.06
C SER E 278 -42.00 -9.65 -3.23
N ASP E 279 -42.50 -10.88 -3.03
CA ASP E 279 -43.82 -11.26 -3.52
C ASP E 279 -44.95 -10.46 -2.88
N GLU E 280 -44.86 -10.21 -1.57
CA GLU E 280 -45.94 -9.49 -0.90
C GLU E 280 -46.15 -8.11 -1.51
N ILE E 281 -45.07 -7.45 -1.93
CA ILE E 281 -45.22 -6.18 -2.64
C ILE E 281 -45.84 -6.40 -4.00
N LYS E 282 -45.49 -7.49 -4.67
CA LYS E 282 -46.10 -7.81 -5.96
C LYS E 282 -47.61 -7.97 -5.84
N SER E 283 -48.09 -8.47 -4.70
CA SER E 283 -49.52 -8.66 -4.52
C SER E 283 -50.27 -7.34 -4.47
N LEU E 284 -49.60 -6.25 -4.10
CA LEU E 284 -50.25 -4.95 -4.03
C LEU E 284 -50.63 -4.49 -5.44
N PRO E 285 -51.80 -3.86 -5.60
CA PRO E 285 -52.23 -3.43 -6.93
C PRO E 285 -51.69 -2.07 -7.33
N ASN E 286 -51.39 -1.22 -6.36
CA ASN E 286 -51.00 0.17 -6.63
C ASN E 286 -49.49 0.35 -6.68
N VAL E 287 -48.72 -0.73 -6.87
CA VAL E 287 -47.28 -0.66 -7.00
C VAL E 287 -46.90 -1.19 -8.37
N ARG E 288 -46.23 -0.34 -9.15
CA ARG E 288 -45.81 -0.69 -10.50
C ARG E 288 -44.32 -0.43 -10.63
N THR E 289 -43.61 -1.35 -11.29
CA THR E 289 -42.17 -1.28 -11.40
C THR E 289 -41.74 -1.03 -12.84
N LEU E 290 -40.76 -0.17 -13.01
CA LEU E 290 -40.14 0.09 -14.30
C LEU E 290 -38.93 -0.82 -14.46
N THR E 291 -38.12 -0.57 -15.49
CA THR E 291 -36.92 -1.37 -15.71
C THR E 291 -35.77 -0.48 -16.13
N LEU E 292 -34.59 -0.76 -15.55
CA LEU E 292 -33.36 -0.06 -15.90
C LEU E 292 -32.46 -0.91 -16.79
N SER E 293 -32.98 -2.00 -17.34
CA SER E 293 -32.13 -2.93 -18.08
C SER E 293 -31.57 -2.29 -19.35
N GLY E 294 -32.37 -1.49 -20.04
CA GLY E 294 -31.87 -0.85 -21.24
C GLY E 294 -30.74 0.14 -20.97
N MET E 295 -30.93 0.98 -19.96
CA MET E 295 -29.90 1.96 -19.62
C MET E 295 -28.65 1.27 -19.11
N LEU E 296 -28.80 0.24 -18.28
CA LEU E 296 -27.64 -0.47 -17.77
C LEU E 296 -26.90 -1.21 -18.87
N ALA E 297 -27.64 -1.79 -19.82
CA ALA E 297 -26.98 -2.45 -20.95
C ALA E 297 -26.22 -1.46 -21.80
N GLU E 298 -26.81 -0.30 -22.08
CA GLU E 298 -26.09 0.73 -22.84
C GLU E 298 -24.86 1.20 -22.09
N ALA E 299 -24.98 1.39 -20.78
CA ALA E 299 -23.82 1.82 -19.98
C ALA E 299 -22.72 0.77 -19.99
N ILE E 300 -23.08 -0.51 -19.90
CA ILE E 300 -22.08 -1.57 -19.94
C ILE E 300 -21.38 -1.59 -21.29
N ARG E 301 -22.16 -1.47 -22.38
CA ARG E 301 -21.58 -1.47 -23.71
C ARG E 301 -20.65 -0.29 -23.90
N ARG E 302 -21.02 0.88 -23.37
CA ARG E 302 -20.18 2.07 -23.53
C ARG E 302 -18.94 2.01 -22.65
N ILE E 303 -19.03 1.39 -21.48
CA ILE E 303 -17.84 1.23 -20.63
C ILE E 303 -16.86 0.27 -21.28
N SER E 304 -17.36 -0.80 -21.88
CA SER E 304 -16.48 -1.78 -22.51
C SER E 304 -15.75 -1.17 -23.71
N ASN E 305 -16.43 -0.34 -24.49
CA ASN E 305 -15.86 0.23 -25.71
C ASN E 305 -15.24 1.60 -25.49
N GLU E 306 -15.19 2.08 -24.25
CA GLU E 306 -14.60 3.39 -23.92
C GLU E 306 -15.30 4.53 -24.65
N GLU E 307 -16.63 4.53 -24.60
CA GLU E 307 -17.42 5.62 -25.14
C GLU E 307 -17.97 6.48 -24.02
N SER E 308 -18.48 7.65 -24.39
CA SER E 308 -18.94 8.62 -23.41
C SER E 308 -20.21 8.16 -22.73
N ILE E 309 -20.13 7.92 -21.42
CA ILE E 309 -21.34 7.61 -20.64
C ILE E 309 -22.21 8.84 -20.50
N SER E 310 -21.60 10.00 -20.28
CA SER E 310 -22.37 11.23 -20.07
C SER E 310 -23.14 11.63 -21.32
N ALA E 311 -22.67 11.22 -22.50
CA ALA E 311 -23.38 11.49 -23.74
C ALA E 311 -24.68 10.71 -23.83
N MET E 312 -24.88 9.71 -22.97
CA MET E 312 -26.12 8.95 -22.95
C MET E 312 -27.26 9.74 -22.34
N PHE E 313 -26.96 10.71 -21.48
CA PHE E 313 -27.97 11.41 -20.71
C PHE E 313 -28.22 12.85 -21.15
N GLU E 314 -27.48 13.37 -22.12
CA GLU E 314 -27.64 14.74 -22.55
C GLU E 314 -27.42 14.85 -24.05
N HIS E 315 -27.99 15.91 -24.63
CA HIS E 315 -27.86 16.17 -26.06
C HIS E 315 -26.47 16.71 -26.40
N ASP F 3 6.25 14.71 27.03
CA ASP F 3 6.96 14.58 25.76
C ASP F 3 6.22 15.31 24.65
N MET F 4 5.35 16.23 25.03
CA MET F 4 4.56 17.00 24.06
C MET F 4 5.35 18.21 23.58
N LYS F 5 5.43 18.37 22.26
CA LYS F 5 6.08 19.52 21.66
C LYS F 5 5.13 20.17 20.66
N LEU F 6 5.20 21.49 20.57
CA LEU F 6 4.34 22.27 19.71
C LEU F 6 5.16 22.99 18.66
N PHE F 7 4.75 22.88 17.40
CA PHE F 7 5.38 23.58 16.29
C PHE F 7 4.33 24.35 15.53
N ALA F 8 4.75 25.40 14.85
CA ALA F 8 3.83 26.24 14.09
C ALA F 8 4.47 26.64 12.77
N GLY F 9 3.63 26.93 11.79
CA GLY F 9 4.10 27.41 10.51
C GLY F 9 4.00 28.91 10.40
N ASN F 10 3.46 29.38 9.27
CA ASN F 10 3.32 30.81 9.03
C ASN F 10 1.88 31.23 8.78
N ALA F 11 0.93 30.31 8.80
CA ALA F 11 -0.46 30.66 8.58
C ALA F 11 -1.05 31.35 9.81
N THR F 12 -1.03 30.66 10.94
CA THR F 12 -1.62 31.16 12.18
C THR F 12 -0.55 31.17 13.26
N PRO F 13 0.30 32.18 13.31
CA PRO F 13 1.32 32.25 14.36
C PRO F 13 0.77 32.77 15.68
N GLU F 14 -0.18 33.69 15.62
CA GLU F 14 -0.79 34.24 16.83
C GLU F 14 -1.63 33.21 17.57
N LEU F 15 -2.46 32.45 16.85
CA LEU F 15 -3.25 31.41 17.49
C LEU F 15 -2.34 30.33 18.07
N ALA F 16 -1.28 29.98 17.36
CA ALA F 16 -0.32 29.01 17.89
C ALA F 16 0.33 29.52 19.16
N GLN F 17 0.68 30.81 19.20
CA GLN F 17 1.27 31.36 20.40
C GLN F 17 0.28 31.35 21.56
N ARG F 18 -0.99 31.65 21.28
CA ARG F 18 -2.00 31.62 22.33
C ARG F 18 -2.18 30.22 22.88
N ILE F 19 -2.22 29.21 22.01
CA ILE F 19 -2.34 27.83 22.46
C ILE F 19 -1.13 27.44 23.29
N ALA F 20 0.07 27.84 22.84
CA ALA F 20 1.28 27.52 23.60
C ALA F 20 1.27 28.19 24.96
N ASN F 21 0.75 29.42 25.04
CA ASN F 21 0.66 30.10 26.33
C ASN F 21 -0.31 29.39 27.26
N ARG F 22 -1.45 28.96 26.74
CA ARG F 22 -2.42 28.27 27.59
C ARG F 22 -1.98 26.88 27.99
N LEU F 23 -0.99 26.30 27.32
CA LEU F 23 -0.41 25.02 27.71
C LEU F 23 0.82 25.18 28.59
N TYR F 24 1.17 26.41 28.96
CA TYR F 24 2.33 26.68 29.80
C TYR F 24 3.61 26.12 29.19
N THR F 25 3.72 26.23 27.87
CA THR F 25 4.88 25.75 27.14
C THR F 25 5.27 26.82 26.12
N SER F 26 6.20 26.48 25.25
CA SER F 26 6.64 27.38 24.20
C SER F 26 6.71 26.63 22.87
N LEU F 27 6.55 27.38 21.78
CA LEU F 27 6.63 26.79 20.46
C LEU F 27 8.03 26.24 20.21
N GLY F 28 8.09 25.13 19.48
CA GLY F 28 9.38 24.54 19.18
C GLY F 28 10.23 25.41 18.28
N ASP F 29 11.50 25.07 18.20
CA ASP F 29 12.47 25.86 17.43
C ASP F 29 12.61 25.22 16.05
N ALA F 30 11.79 25.68 15.11
CA ALA F 30 11.85 25.25 13.73
C ALA F 30 11.83 26.48 12.84
N ALA F 31 12.77 26.55 11.90
CA ALA F 31 12.86 27.68 10.98
C ALA F 31 12.08 27.33 9.72
N VAL F 32 10.87 27.85 9.61
CA VAL F 32 10.00 27.61 8.47
C VAL F 32 9.97 28.90 7.65
N GLY F 33 10.54 28.86 6.46
CA GLY F 33 10.63 30.03 5.61
C GLY F 33 10.59 29.71 4.15
N ARG F 34 10.88 30.69 3.30
CA ARG F 34 10.84 30.53 1.87
C ARG F 34 12.24 30.70 1.29
N PHE F 35 12.56 29.91 0.26
CA PHE F 35 13.77 30.15 -0.51
C PHE F 35 13.54 31.32 -1.46
N SER F 36 14.58 31.63 -2.24
CA SER F 36 14.49 32.76 -3.17
C SER F 36 13.45 32.51 -4.24
N ASP F 37 13.33 31.27 -4.71
CA ASP F 37 12.44 30.92 -5.81
C ASP F 37 11.03 30.58 -5.34
N GLY F 38 10.75 30.64 -4.05
CA GLY F 38 9.41 30.43 -3.53
C GLY F 38 9.15 29.07 -2.94
N GLU F 39 10.11 28.14 -2.99
CA GLU F 39 9.93 26.83 -2.40
C GLU F 39 10.00 26.92 -0.88
N VAL F 40 9.22 26.06 -0.21
CA VAL F 40 9.17 26.06 1.24
C VAL F 40 10.47 25.50 1.81
N SER F 41 11.04 26.21 2.76
CA SER F 41 12.24 25.78 3.46
C SER F 41 11.87 25.48 4.91
N VAL F 42 12.20 24.27 5.37
CA VAL F 42 11.87 23.83 6.72
C VAL F 42 13.09 23.14 7.29
N GLN F 43 13.42 23.46 8.54
CA GLN F 43 14.49 22.76 9.25
C GLN F 43 14.17 22.80 10.74
N ILE F 44 14.43 21.69 11.42
CA ILE F 44 14.10 21.53 12.82
C ILE F 44 15.37 21.68 13.62
N ASN F 45 15.38 22.64 14.54
CA ASN F 45 16.54 22.91 15.37
C ASN F 45 16.43 22.29 16.76
N GLU F 46 15.35 21.57 17.05
CA GLU F 46 15.16 20.89 18.31
C GLU F 46 15.35 19.40 18.13
N ASN F 47 15.37 18.68 19.25
CA ASN F 47 15.41 17.22 19.24
C ASN F 47 14.00 16.72 19.49
N VAL F 48 13.41 16.08 18.49
CA VAL F 48 12.03 15.63 18.56
C VAL F 48 11.92 14.11 18.55
N ARG F 49 13.00 13.41 18.89
CA ARG F 49 13.01 11.96 18.82
C ARG F 49 12.10 11.38 19.89
N GLY F 50 11.16 10.53 19.47
CA GLY F 50 10.23 9.92 20.39
C GLY F 50 9.19 10.85 20.97
N GLY F 51 9.19 12.12 20.57
CA GLY F 51 8.27 13.08 21.15
C GLY F 51 6.89 12.99 20.57
N ASP F 52 5.96 13.69 21.21
CA ASP F 52 4.56 13.75 20.79
C ASP F 52 4.34 15.12 20.17
N ILE F 53 4.42 15.19 18.85
CA ILE F 53 4.50 16.46 18.13
C ILE F 53 3.12 16.89 17.67
N PHE F 54 2.83 18.19 17.81
CA PHE F 54 1.62 18.80 17.29
C PHE F 54 2.01 19.95 16.39
N ILE F 55 1.42 20.00 15.20
CA ILE F 55 1.68 21.07 14.24
C ILE F 55 0.41 21.88 14.09
N ILE F 56 0.50 23.16 14.40
CA ILE F 56 -0.64 24.07 14.34
C ILE F 56 -0.49 24.87 13.04
N GLN F 57 -1.29 24.52 12.04
CA GLN F 57 -1.12 25.11 10.71
C GLN F 57 -2.47 25.04 10.01
N SER F 58 -3.17 26.18 9.97
CA SER F 58 -4.40 26.27 9.20
C SER F 58 -4.08 26.39 7.72
N THR F 59 -4.89 25.74 6.89
CA THR F 59 -4.71 25.80 5.44
C THR F 59 -5.59 26.89 4.84
N CYS F 60 -5.37 28.12 5.31
CA CYS F 60 -6.10 29.28 4.86
C CYS F 60 -5.29 29.99 3.77
N ALA F 61 -5.87 31.06 3.23
CA ALA F 61 -5.25 31.76 2.11
C ALA F 61 -3.93 32.40 2.52
N PRO F 62 -2.83 32.20 1.76
CA PRO F 62 -2.71 31.40 0.55
C PRO F 62 -2.70 29.90 0.82
N THR F 63 -3.69 29.19 0.27
CA THR F 63 -3.93 27.80 0.66
C THR F 63 -2.77 26.90 0.28
N ASN F 64 -2.24 27.04 -0.93
CA ASN F 64 -1.24 26.10 -1.43
C ASN F 64 0.07 26.23 -0.67
N ASP F 65 0.50 27.47 -0.39
CA ASP F 65 1.73 27.66 0.36
C ASP F 65 1.60 27.10 1.78
N ASN F 66 0.47 27.34 2.43
CA ASN F 66 0.25 26.82 3.78
C ASN F 66 0.23 25.31 3.81
N LEU F 67 -0.45 24.68 2.85
CA LEU F 67 -0.50 23.23 2.80
C LEU F 67 0.88 22.64 2.52
N MET F 68 1.66 23.29 1.66
CA MET F 68 3.01 22.80 1.38
C MET F 68 3.90 22.93 2.61
N GLU F 69 3.77 24.04 3.34
CA GLU F 69 4.49 24.17 4.61
C GLU F 69 4.12 23.04 5.55
N LEU F 70 2.82 22.74 5.65
CA LEU F 70 2.37 21.69 6.55
C LEU F 70 2.98 20.34 6.19
N VAL F 71 2.91 19.94 4.92
CA VAL F 71 3.38 18.62 4.56
C VAL F 71 4.91 18.54 4.64
N VAL F 72 5.61 19.65 4.36
CA VAL F 72 7.05 19.64 4.46
C VAL F 72 7.50 19.56 5.91
N MET F 73 6.80 20.26 6.81
CA MET F 73 7.10 20.10 8.24
C MET F 73 6.82 18.68 8.70
N VAL F 74 5.73 18.08 8.23
CA VAL F 74 5.43 16.71 8.63
C VAL F 74 6.53 15.77 8.17
N ASP F 75 7.02 15.93 6.95
CA ASP F 75 8.09 15.08 6.45
C ASP F 75 9.39 15.30 7.24
N ALA F 76 9.71 16.55 7.53
CA ALA F 76 10.93 16.85 8.28
C ALA F 76 10.88 16.26 9.69
N LEU F 77 9.70 16.30 10.31
CA LEU F 77 9.56 15.72 11.65
C LEU F 77 9.53 14.20 11.60
N ARG F 78 8.96 13.62 10.56
CA ARG F 78 8.93 12.17 10.45
C ARG F 78 10.31 11.60 10.19
N ARG F 79 11.16 12.30 9.44
CA ARG F 79 12.51 11.82 9.23
C ARG F 79 13.43 12.11 10.41
N ALA F 80 12.96 12.86 11.40
CA ALA F 80 13.71 13.13 12.62
C ALA F 80 13.32 12.21 13.76
N SER F 81 12.61 11.12 13.45
CA SER F 81 12.26 10.08 14.41
C SER F 81 11.25 10.60 15.46
N ALA F 82 10.36 11.47 15.04
CA ALA F 82 9.28 11.90 15.92
C ALA F 82 8.36 10.72 16.23
N GLY F 83 7.88 10.65 17.46
CA GLY F 83 7.04 9.55 17.89
C GLY F 83 5.69 9.54 17.20
N ARG F 84 4.86 10.53 17.50
CA ARG F 84 3.56 10.68 16.87
C ARG F 84 3.41 12.11 16.39
N ILE F 85 2.85 12.29 15.20
CA ILE F 85 2.63 13.61 14.63
C ILE F 85 1.13 13.83 14.51
N THR F 86 0.65 14.86 15.18
CA THR F 86 -0.74 15.29 15.09
C THR F 86 -0.77 16.63 14.37
N ALA F 87 -1.59 16.73 13.33
CA ALA F 87 -1.72 17.96 12.55
C ALA F 87 -2.97 18.68 13.05
N VAL F 88 -2.76 19.74 13.83
CA VAL F 88 -3.86 20.58 14.30
C VAL F 88 -4.17 21.59 13.20
N ILE F 89 -5.27 21.38 12.49
CA ILE F 89 -5.64 22.24 11.37
C ILE F 89 -6.94 22.94 11.74
N PRO F 90 -6.88 24.15 12.30
CA PRO F 90 -8.12 24.83 12.72
C PRO F 90 -9.12 25.02 11.59
N TYR F 91 -8.65 25.25 10.36
CA TYR F 91 -9.53 25.35 9.21
C TYR F 91 -8.97 24.49 8.09
N PHE F 92 -9.74 23.50 7.65
CA PHE F 92 -9.33 22.63 6.56
C PHE F 92 -9.67 23.29 5.23
N GLY F 93 -8.67 23.43 4.37
CA GLY F 93 -8.79 24.28 3.21
C GLY F 93 -9.62 23.75 2.06
N TYR F 94 -9.15 22.69 1.41
CA TYR F 94 -9.80 22.23 0.18
C TYR F 94 -11.00 21.35 0.48
N ALA F 95 -11.92 21.82 1.32
CA ALA F 95 -13.03 20.99 1.76
C ALA F 95 -14.39 21.64 1.62
N ARG F 96 -14.47 22.80 1.00
CA ARG F 96 -15.76 23.48 0.87
C ARG F 96 -16.68 22.73 -0.09
N GLN F 97 -17.95 22.64 0.29
CA GLN F 97 -18.95 21.99 -0.55
C GLN F 97 -19.81 22.97 -1.33
N ASP F 98 -19.93 24.21 -0.86
CA ASP F 98 -20.71 25.23 -1.57
C ASP F 98 -19.88 25.91 -2.64
N ARG F 99 -19.22 25.12 -3.49
CA ARG F 99 -18.60 25.64 -4.70
C ARG F 99 -18.69 24.54 -5.76
N ARG F 100 -19.73 24.61 -6.59
CA ARG F 100 -19.94 23.56 -7.59
C ARG F 100 -20.26 24.27 -8.91
N VAL F 101 -19.28 24.33 -9.80
CA VAL F 101 -19.50 24.72 -11.18
C VAL F 101 -19.79 23.47 -11.98
N ARG F 102 -20.78 23.54 -12.86
CA ARG F 102 -21.36 22.33 -13.45
C ARG F 102 -20.54 21.89 -14.65
N SER F 103 -19.67 20.90 -14.44
CA SER F 103 -19.06 20.14 -15.53
C SER F 103 -19.07 18.65 -15.30
N ALA F 104 -19.22 18.18 -14.06
CA ALA F 104 -19.36 16.78 -13.70
C ALA F 104 -18.05 16.03 -13.87
N ARG F 105 -17.04 16.67 -14.45
CA ARG F 105 -15.68 16.13 -14.50
C ARG F 105 -14.83 17.04 -13.63
N VAL F 106 -14.86 16.77 -12.33
CA VAL F 106 -14.20 17.62 -11.35
C VAL F 106 -13.45 16.73 -10.36
N PRO F 107 -12.42 17.22 -9.70
CA PRO F 107 -11.74 16.43 -8.67
C PRO F 107 -12.46 16.50 -7.34
N ILE F 108 -12.04 15.63 -6.44
CA ILE F 108 -12.41 15.73 -5.04
C ILE F 108 -11.17 16.15 -4.27
N THR F 109 -11.00 17.45 -4.07
CA THR F 109 -9.76 17.97 -3.53
C THR F 109 -9.57 17.63 -2.07
N ALA F 110 -10.65 17.51 -1.29
CA ALA F 110 -10.52 17.09 0.09
C ALA F 110 -9.93 15.70 0.18
N LYS F 111 -10.33 14.81 -0.72
CA LYS F 111 -9.74 13.47 -0.79
C LYS F 111 -8.26 13.54 -1.12
N VAL F 112 -7.88 14.42 -2.04
CA VAL F 112 -6.47 14.56 -2.42
C VAL F 112 -5.65 15.01 -1.23
N VAL F 113 -6.14 16.03 -0.51
CA VAL F 113 -5.41 16.54 0.65
C VAL F 113 -5.31 15.48 1.73
N ALA F 114 -6.41 14.74 1.98
CA ALA F 114 -6.37 13.70 3.00
C ALA F 114 -5.37 12.60 2.65
N ASP F 115 -5.37 12.15 1.39
CA ASP F 115 -4.40 11.13 0.98
C ASP F 115 -2.97 11.64 1.07
N PHE F 116 -2.73 12.90 0.72
CA PHE F 116 -1.36 13.40 0.79
C PHE F 116 -0.90 13.55 2.24
N LEU F 117 -1.81 13.98 3.12
CA LEU F 117 -1.48 14.04 4.54
C LEU F 117 -1.16 12.66 5.09
N SER F 118 -1.96 11.66 4.73
CA SER F 118 -1.68 10.31 5.19
C SER F 118 -0.38 9.76 4.62
N SER F 119 -0.06 10.11 3.37
CA SER F 119 1.16 9.60 2.74
C SER F 119 2.40 10.22 3.35
N VAL F 120 2.38 11.52 3.64
CA VAL F 120 3.58 12.18 4.13
C VAL F 120 3.92 11.76 5.55
N GLY F 121 2.96 11.22 6.30
CA GLY F 121 3.26 10.65 7.60
C GLY F 121 2.50 11.21 8.78
N VAL F 122 1.33 11.77 8.54
CA VAL F 122 0.48 12.29 9.62
C VAL F 122 -0.22 11.13 10.32
N ASP F 123 -0.27 11.20 11.65
CA ASP F 123 -0.88 10.15 12.44
C ASP F 123 -2.30 10.48 12.91
N ARG F 124 -2.59 11.74 13.19
CA ARG F 124 -3.90 12.17 13.64
C ARG F 124 -4.21 13.54 13.07
N VAL F 125 -5.49 13.90 13.07
CA VAL F 125 -5.95 15.20 12.62
C VAL F 125 -6.89 15.77 13.67
N LEU F 126 -6.79 17.07 13.92
CA LEU F 126 -7.67 17.77 14.85
C LEU F 126 -8.11 19.06 14.17
N THR F 127 -9.34 19.11 13.70
CA THR F 127 -9.89 20.26 13.00
C THR F 127 -10.97 20.92 13.84
N VAL F 128 -11.51 22.02 13.33
CA VAL F 128 -12.58 22.76 13.99
C VAL F 128 -13.72 22.93 12.99
N ASP F 129 -14.91 22.45 13.37
CA ASP F 129 -16.13 22.63 12.59
C ASP F 129 -15.96 22.19 11.14
N LEU F 130 -15.48 20.97 10.97
CA LEU F 130 -15.45 20.35 9.65
C LEU F 130 -16.86 19.95 9.24
N HIS F 131 -17.04 19.72 7.95
CA HIS F 131 -18.31 19.19 7.45
C HIS F 131 -18.44 17.73 7.86
N ALA F 132 -18.96 17.48 9.06
CA ALA F 132 -18.80 16.18 9.70
C ALA F 132 -19.79 15.15 9.18
N GLU F 133 -19.87 14.99 7.86
CA GLU F 133 -20.60 13.90 7.26
C GLU F 133 -19.87 13.24 6.10
N GLN F 134 -18.92 13.93 5.46
CA GLN F 134 -18.25 13.44 4.27
C GLN F 134 -16.76 13.29 4.48
N ILE F 135 -16.09 14.34 4.95
CA ILE F 135 -14.63 14.40 4.88
C ILE F 135 -14.00 13.45 5.88
N GLN F 136 -14.69 13.10 6.97
CA GLN F 136 -14.09 12.18 7.93
C GLN F 136 -13.92 10.79 7.35
N GLY F 137 -14.63 10.45 6.29
CA GLY F 137 -14.38 9.19 5.61
C GLY F 137 -13.19 9.21 4.67
N PHE F 138 -12.70 10.40 4.32
CA PHE F 138 -11.54 10.53 3.45
C PHE F 138 -10.22 10.29 4.15
N PHE F 139 -10.23 10.21 5.48
CA PHE F 139 -9.03 10.04 6.26
C PHE F 139 -8.94 8.59 6.75
N ASP F 140 -7.77 7.98 6.56
CA ASP F 140 -7.47 6.69 7.15
C ASP F 140 -6.80 6.83 8.51
N VAL F 141 -6.63 8.05 9.00
CA VAL F 141 -6.11 8.32 10.34
C VAL F 141 -7.27 8.87 11.16
N PRO F 142 -7.26 8.72 12.48
CA PRO F 142 -8.36 9.26 13.28
C PRO F 142 -8.45 10.77 13.18
N VAL F 143 -9.67 11.28 13.13
CA VAL F 143 -9.94 12.70 13.02
C VAL F 143 -10.76 13.12 14.24
N ASP F 144 -10.28 14.13 14.95
CA ASP F 144 -10.98 14.68 16.10
C ASP F 144 -11.57 16.03 15.67
N ASN F 145 -12.88 16.06 15.49
CA ASN F 145 -13.59 17.26 15.08
C ASN F 145 -14.15 17.93 16.32
N VAL F 146 -13.61 19.08 16.68
CA VAL F 146 -14.14 19.88 17.77
C VAL F 146 -14.97 21.00 17.19
N PHE F 147 -15.89 21.52 17.99
CA PHE F 147 -16.92 22.43 17.50
C PHE F 147 -16.74 23.80 18.15
N GLY F 148 -16.84 24.85 17.34
CA GLY F 148 -16.87 26.20 17.84
C GLY F 148 -18.23 26.70 18.26
N SER F 149 -19.25 25.85 18.16
CA SER F 149 -20.60 26.25 18.56
C SER F 149 -20.73 26.60 20.03
N PRO F 150 -20.17 25.85 20.99
CA PRO F 150 -20.33 26.26 22.40
C PRO F 150 -19.84 27.66 22.71
N ILE F 151 -18.70 28.07 22.16
CA ILE F 151 -18.16 29.38 22.47
C ILE F 151 -19.03 30.47 21.85
N LEU F 152 -19.41 30.30 20.58
CA LEU F 152 -20.29 31.28 19.94
C LEU F 152 -21.61 31.39 20.68
N LEU F 153 -22.15 30.26 21.14
CA LEU F 153 -23.45 30.27 21.81
C LEU F 153 -23.35 30.91 23.19
N GLU F 154 -22.27 30.63 23.92
CA GLU F 154 -22.08 31.26 25.22
C GLU F 154 -21.84 32.76 25.07
N ASP F 155 -21.29 33.20 23.94
CA ASP F 155 -21.23 34.64 23.66
C ASP F 155 -22.58 35.19 23.24
N MET F 156 -23.39 34.38 22.55
CA MET F 156 -24.74 34.80 22.18
C MET F 156 -25.58 35.09 23.41
N LEU F 157 -25.52 34.19 24.40
CA LEU F 157 -26.28 34.36 25.63
C LEU F 157 -25.84 35.56 26.45
N GLN F 158 -24.65 36.11 26.19
CA GLN F 158 -24.11 37.18 27.01
C GLN F 158 -24.80 38.51 26.75
N LEU F 159 -25.09 38.83 25.49
CA LEU F 159 -25.50 40.18 25.11
C LEU F 159 -27.00 40.42 25.26
N ASN F 160 -27.75 39.43 25.76
CA ASN F 160 -29.14 39.62 26.17
C ASN F 160 -30.01 40.12 25.01
N LEU F 161 -30.17 39.25 24.03
CA LEU F 161 -31.07 39.54 22.91
C LEU F 161 -32.50 39.69 23.42
N ASP F 162 -33.27 40.54 22.72
CA ASP F 162 -34.65 40.81 23.12
C ASP F 162 -35.50 39.53 23.03
N ASN F 163 -35.66 39.00 21.82
CA ASN F 163 -36.41 37.77 21.59
C ASN F 163 -35.72 37.01 20.48
N PRO F 164 -34.68 36.24 20.81
CA PRO F 164 -33.83 35.66 19.77
C PRO F 164 -34.61 34.68 18.88
N ILE F 165 -34.28 34.72 17.59
CA ILE F 165 -34.77 33.74 16.62
C ILE F 165 -33.60 33.37 15.72
N VAL F 166 -33.39 32.08 15.52
CA VAL F 166 -32.27 31.58 14.73
C VAL F 166 -32.75 31.40 13.30
N VAL F 167 -32.07 32.03 12.35
CA VAL F 167 -32.42 31.98 10.95
C VAL F 167 -31.26 31.39 10.17
N SER F 168 -31.50 30.29 9.48
CA SER F 168 -30.47 29.71 8.63
C SER F 168 -30.32 30.54 7.36
N PRO F 169 -29.10 30.92 6.97
CA PRO F 169 -28.94 31.76 5.78
C PRO F 169 -29.38 31.09 4.49
N ASP F 170 -29.46 29.77 4.46
CA ASP F 170 -29.89 29.05 3.26
C ASP F 170 -30.64 27.80 3.69
N ILE F 171 -30.93 26.93 2.73
CA ILE F 171 -31.70 25.73 3.01
C ILE F 171 -30.80 24.53 3.35
N GLY F 172 -29.56 24.53 2.89
CA GLY F 172 -28.67 23.42 3.21
C GLY F 172 -28.35 23.34 4.69
N GLY F 173 -28.01 24.47 5.29
CA GLY F 173 -27.63 24.49 6.70
C GLY F 173 -28.77 24.78 7.65
N VAL F 174 -29.77 23.91 7.70
CA VAL F 174 -30.91 24.11 8.59
C VAL F 174 -30.75 23.24 9.84
N VAL F 175 -30.01 22.13 9.73
CA VAL F 175 -29.82 21.26 10.88
C VAL F 175 -29.03 21.97 11.96
N ARG F 176 -27.95 22.67 11.59
CA ARG F 176 -27.16 23.41 12.56
C ARG F 176 -27.98 24.53 13.20
N ALA F 177 -28.78 25.22 12.39
CA ALA F 177 -29.63 26.28 12.92
C ALA F 177 -30.65 25.71 13.92
N ARG F 178 -31.23 24.55 13.60
CA ARG F 178 -32.17 23.93 14.51
C ARG F 178 -31.50 23.52 15.82
N ALA F 179 -30.28 22.98 15.73
CA ALA F 179 -29.56 22.59 16.94
C ALA F 179 -29.25 23.80 17.81
N ILE F 180 -28.79 24.90 17.19
CA ILE F 180 -28.45 26.08 17.96
C ILE F 180 -29.70 26.70 18.57
N ALA F 181 -30.81 26.71 17.82
CA ALA F 181 -32.06 27.23 18.35
C ALA F 181 -32.54 26.40 19.54
N LYS F 182 -32.42 25.07 19.46
CA LYS F 182 -32.79 24.23 20.58
C LYS F 182 -31.90 24.50 21.79
N LEU F 183 -30.60 24.66 21.57
CA LEU F 183 -29.69 24.94 22.68
C LEU F 183 -29.94 26.32 23.27
N LEU F 184 -30.22 27.31 22.43
CA LEU F 184 -30.39 28.69 22.87
C LEU F 184 -31.82 28.87 23.38
N ASN F 185 -32.05 28.37 24.59
CA ASN F 185 -33.31 28.53 25.31
C ASN F 185 -34.52 28.02 24.54
N ASP F 186 -34.29 27.13 23.56
CA ASP F 186 -35.35 26.55 22.74
C ASP F 186 -36.19 27.65 22.08
N THR F 187 -35.51 28.58 21.42
CA THR F 187 -36.20 29.71 20.79
C THR F 187 -36.84 29.29 19.47
N ASP F 188 -37.36 30.26 18.73
CA ASP F 188 -38.15 29.99 17.54
C ASP F 188 -37.23 29.59 16.38
N MET F 189 -37.80 29.43 15.19
CA MET F 189 -37.07 28.84 14.07
C MET F 189 -37.49 29.53 12.78
N ALA F 190 -36.54 29.72 11.86
CA ALA F 190 -36.83 30.40 10.61
C ALA F 190 -35.85 29.91 9.54
N ILE F 191 -36.27 30.03 8.28
CA ILE F 191 -35.49 29.57 7.14
C ILE F 191 -35.54 30.62 6.03
N ILE F 192 -34.39 30.90 5.42
CA ILE F 192 -34.33 31.69 4.20
C ILE F 192 -34.24 30.73 3.02
N ASP F 193 -35.14 30.92 2.04
CA ASP F 193 -35.17 30.08 0.86
C ASP F 193 -35.08 30.95 -0.38
N LYS F 194 -34.21 30.56 -1.32
CA LYS F 194 -34.01 31.30 -2.57
C LYS F 194 -34.76 30.56 -3.67
N ARG F 195 -35.96 31.04 -3.97
CA ARG F 195 -36.80 30.43 -5.00
C ARG F 195 -36.14 30.51 -6.37
N VAL F 204 -35.29 35.43 -5.94
CA VAL F 204 -35.76 36.18 -4.80
C VAL F 204 -35.55 35.38 -3.51
N MET F 205 -35.98 35.94 -2.39
CA MET F 205 -35.87 35.29 -1.09
C MET F 205 -37.25 34.92 -0.57
N HIS F 206 -37.36 33.70 -0.07
CA HIS F 206 -38.61 33.19 0.51
C HIS F 206 -38.34 32.86 1.97
N ILE F 207 -38.50 33.86 2.84
CA ILE F 207 -38.28 33.66 4.27
C ILE F 207 -39.48 32.91 4.85
N ILE F 208 -39.21 31.90 5.65
CA ILE F 208 -40.24 31.06 6.25
C ILE F 208 -40.23 31.31 7.75
N GLY F 209 -41.39 31.61 8.32
CA GLY F 209 -41.53 31.86 9.73
C GLY F 209 -41.91 33.29 10.02
N ASP F 210 -42.00 33.59 11.32
CA ASP F 210 -42.39 34.91 11.80
C ASP F 210 -41.15 35.70 12.19
N VAL F 211 -40.95 36.83 11.53
CA VAL F 211 -39.85 37.74 11.86
C VAL F 211 -40.39 39.17 11.89
N ALA F 212 -40.64 39.68 13.09
CA ALA F 212 -41.16 41.03 13.25
C ALA F 212 -40.92 41.48 14.68
N GLY F 213 -40.19 42.58 14.85
CA GLY F 213 -39.91 43.08 16.18
C GLY F 213 -39.04 42.18 17.03
N ARG F 214 -38.24 41.33 16.41
CA ARG F 214 -37.37 40.40 17.10
C ARG F 214 -35.91 40.67 16.75
N ASP F 215 -35.03 39.97 17.46
CA ASP F 215 -33.60 40.01 17.18
C ASP F 215 -33.22 38.69 16.54
N CYS F 216 -32.71 38.74 15.32
CA CYS F 216 -32.37 37.55 14.55
C CYS F 216 -30.89 37.25 14.69
N VAL F 217 -30.55 35.96 14.72
CA VAL F 217 -29.17 35.51 14.89
C VAL F 217 -28.90 34.51 13.77
N LEU F 218 -28.37 34.98 12.65
CA LEU F 218 -27.94 34.10 11.59
C LEU F 218 -26.74 33.29 12.03
N VAL F 219 -26.74 32.00 11.71
CA VAL F 219 -25.67 31.08 12.12
C VAL F 219 -25.12 30.40 10.88
N ASP F 220 -23.80 30.35 10.78
CA ASP F 220 -23.15 29.64 9.69
C ASP F 220 -21.77 29.20 10.14
N ASP F 221 -21.19 28.26 9.40
CA ASP F 221 -19.85 27.78 9.68
C ASP F 221 -18.77 28.56 8.94
N MET F 222 -19.17 29.51 8.10
CA MET F 222 -18.21 30.18 7.22
C MET F 222 -18.83 31.47 6.70
N ILE F 223 -17.97 32.46 6.46
CA ILE F 223 -18.33 33.67 5.73
C ILE F 223 -17.23 33.90 4.70
N ASP F 224 -17.58 33.83 3.42
CA ASP F 224 -16.57 33.98 2.37
C ASP F 224 -16.50 35.42 1.85
N THR F 225 -17.61 35.92 1.32
CA THR F 225 -17.64 37.24 0.69
C THR F 225 -18.86 38.03 1.15
N GLY F 226 -19.31 37.82 2.38
CA GLY F 226 -20.60 38.32 2.76
C GLY F 226 -21.64 37.59 1.93
N GLY F 227 -22.20 38.27 0.94
CA GLY F 227 -22.99 37.57 -0.05
C GLY F 227 -24.30 37.03 0.49
N THR F 228 -24.35 35.72 0.71
CA THR F 228 -25.59 35.08 1.18
C THR F 228 -26.03 35.66 2.51
N LEU F 229 -25.10 35.84 3.45
CA LEU F 229 -25.48 36.37 4.76
C LEU F 229 -25.99 37.81 4.66
N CYS F 230 -25.33 38.65 3.86
CA CYS F 230 -25.79 40.02 3.70
C CYS F 230 -27.16 40.07 3.05
N LYS F 231 -27.38 39.24 2.02
CA LYS F 231 -28.68 39.21 1.36
C LYS F 231 -29.77 38.71 2.30
N ALA F 232 -29.46 37.69 3.10
CA ALA F 232 -30.44 37.18 4.06
C ALA F 232 -30.77 38.23 5.11
N ALA F 233 -29.75 38.94 5.60
CA ALA F 233 -29.99 40.00 6.57
C ALA F 233 -30.87 41.09 5.98
N GLU F 234 -30.60 41.49 4.74
CA GLU F 234 -31.45 42.49 4.08
C GLU F 234 -32.88 41.98 3.93
N ALA F 235 -33.03 40.73 3.52
CA ALA F 235 -34.36 40.18 3.29
C ALA F 235 -35.18 40.12 4.58
N LEU F 236 -34.56 39.69 5.68
CA LEU F 236 -35.30 39.60 6.93
C LEU F 236 -35.33 40.91 7.70
N LYS F 237 -34.59 41.92 7.28
CA LYS F 237 -34.74 43.26 7.85
C LYS F 237 -35.69 44.13 7.05
N GLU F 238 -36.06 43.71 5.83
CA GLU F 238 -37.14 44.37 5.13
C GLU F 238 -38.43 44.35 5.94
N ARG F 239 -38.62 43.30 6.74
CA ARG F 239 -39.85 43.13 7.51
C ARG F 239 -39.65 43.40 9.01
N GLY F 240 -38.94 44.46 9.36
CA GLY F 240 -38.91 44.96 10.73
C GLY F 240 -38.23 44.08 11.76
N ALA F 241 -37.07 43.53 11.42
CA ALA F 241 -36.22 42.89 12.42
C ALA F 241 -35.40 43.96 13.14
N LYS F 242 -35.38 43.88 14.47
CA LYS F 242 -34.73 44.92 15.26
C LYS F 242 -33.23 44.99 14.95
N ARG F 243 -32.51 43.91 15.26
CA ARG F 243 -31.09 43.83 14.97
C ARG F 243 -30.79 42.46 14.36
N VAL F 244 -29.70 42.40 13.60
CA VAL F 244 -29.28 41.19 12.93
C VAL F 244 -27.84 40.91 13.30
N PHE F 245 -27.59 39.75 13.93
CA PHE F 245 -26.26 39.32 14.30
C PHE F 245 -25.92 38.06 13.52
N ALA F 246 -24.76 38.06 12.88
CA ALA F 246 -24.28 36.93 12.10
C ALA F 246 -23.12 36.30 12.84
N TYR F 247 -23.23 35.01 13.14
CA TYR F 247 -22.19 34.27 13.85
C TYR F 247 -21.60 33.20 12.96
N ALA F 248 -20.28 33.18 12.84
CA ALA F 248 -19.59 32.23 11.99
C ALA F 248 -18.37 31.71 12.72
N THR F 249 -17.88 30.56 12.27
CA THR F 249 -16.68 29.97 12.84
C THR F 249 -15.42 30.34 12.05
N HIS F 250 -15.48 30.27 10.73
CA HIS F 250 -14.30 30.47 9.90
C HIS F 250 -14.40 31.80 9.16
N PRO F 251 -13.65 32.82 9.55
CA PRO F 251 -13.69 34.11 8.84
C PRO F 251 -12.78 34.13 7.62
N ILE F 252 -13.22 33.47 6.55
CA ILE F 252 -12.42 33.42 5.33
C ILE F 252 -12.27 34.81 4.74
N PHE F 253 -13.38 35.51 4.56
CA PHE F 253 -13.40 36.92 4.15
C PHE F 253 -12.55 37.15 2.90
N SER F 254 -12.91 36.44 1.83
CA SER F 254 -12.24 36.59 0.56
C SER F 254 -13.06 37.51 -0.35
N GLY F 255 -12.65 37.64 -1.59
CA GLY F 255 -13.36 38.52 -2.50
C GLY F 255 -13.26 39.95 -2.00
N ASN F 256 -14.41 40.61 -1.83
CA ASN F 256 -14.40 41.92 -1.18
C ASN F 256 -14.53 41.78 0.33
N ALA F 257 -15.68 41.27 0.79
CA ALA F 257 -15.92 40.94 2.19
C ALA F 257 -15.61 42.09 3.15
N ALA F 258 -15.38 43.28 2.61
CA ALA F 258 -15.08 44.44 3.44
C ALA F 258 -15.95 45.60 2.98
N ASN F 259 -16.28 45.59 1.70
CA ASN F 259 -17.31 46.49 1.17
C ASN F 259 -18.70 45.87 1.24
N ASN F 260 -18.78 44.54 1.33
CA ASN F 260 -20.06 43.89 1.55
C ASN F 260 -20.52 44.05 2.99
N LEU F 261 -19.60 43.97 3.95
CA LEU F 261 -19.98 44.07 5.35
C LEU F 261 -20.30 45.52 5.73
N ARG F 262 -19.49 46.47 5.26
CA ARG F 262 -19.76 47.87 5.56
C ARG F 262 -21.07 48.34 4.94
N ASN F 263 -21.26 48.03 3.66
CA ASN F 263 -22.50 48.39 2.97
C ASN F 263 -23.57 47.34 3.21
N SER F 264 -23.84 47.05 4.48
CA SER F 264 -24.84 46.06 4.85
C SER F 264 -25.57 46.55 6.09
N VAL F 265 -26.62 45.81 6.46
CA VAL F 265 -27.44 46.16 7.61
C VAL F 265 -27.12 45.27 8.81
N ILE F 266 -26.09 44.44 8.73
CA ILE F 266 -25.70 43.62 9.86
C ILE F 266 -25.05 44.49 10.91
N ASP F 267 -25.51 44.36 12.16
CA ASP F 267 -25.02 45.21 13.24
C ASP F 267 -23.78 44.66 13.92
N GLU F 268 -23.52 43.35 13.84
CA GLU F 268 -22.34 42.77 14.46
C GLU F 268 -22.09 41.40 13.86
N VAL F 269 -20.87 41.18 13.39
CA VAL F 269 -20.44 39.89 12.88
C VAL F 269 -19.42 39.33 13.86
N VAL F 270 -19.72 38.17 14.43
CA VAL F 270 -18.86 37.53 15.42
C VAL F 270 -18.27 36.27 14.79
N VAL F 271 -16.94 36.17 14.81
CA VAL F 271 -16.22 35.08 14.19
C VAL F 271 -15.18 34.54 15.17
N CYS F 272 -14.63 33.38 14.84
CA CYS F 272 -13.55 32.79 15.61
C CYS F 272 -12.22 33.16 14.97
N ASP F 273 -11.12 32.72 15.58
CA ASP F 273 -9.78 33.13 15.17
C ASP F 273 -9.02 32.01 14.46
N THR F 274 -9.73 31.19 13.68
CA THR F 274 -9.06 30.14 12.93
C THR F 274 -8.31 30.68 11.72
N ILE F 275 -8.62 31.89 11.26
CA ILE F 275 -7.96 32.52 10.13
C ILE F 275 -7.49 33.91 10.57
N PRO F 276 -6.31 34.36 10.15
CA PRO F 276 -5.72 35.57 10.75
C PRO F 276 -6.55 36.84 10.65
N LEU F 277 -7.57 36.92 9.78
CA LEU F 277 -8.47 38.06 9.77
C LEU F 277 -7.71 39.36 9.46
N SER F 278 -7.36 39.49 8.18
CA SER F 278 -6.45 40.52 7.69
C SER F 278 -6.91 41.93 8.07
N ASP F 279 -6.00 42.90 7.83
CA ASP F 279 -6.09 44.21 8.46
C ASP F 279 -7.34 44.99 8.05
N GLU F 280 -7.72 44.92 6.77
CA GLU F 280 -8.87 45.68 6.31
C GLU F 280 -10.14 45.28 7.06
N ILE F 281 -10.27 43.99 7.39
CA ILE F 281 -11.39 43.55 8.21
C ILE F 281 -11.26 44.09 9.63
N LYS F 282 -10.02 44.13 10.15
CA LYS F 282 -9.80 44.70 11.47
C LYS F 282 -10.25 46.16 11.55
N SER F 283 -10.12 46.90 10.44
CA SER F 283 -10.52 48.30 10.45
C SER F 283 -12.03 48.46 10.62
N LEU F 284 -12.80 47.45 10.25
CA LEU F 284 -14.25 47.54 10.40
C LEU F 284 -14.64 47.58 11.87
N PRO F 285 -15.64 48.38 12.23
CA PRO F 285 -16.02 48.48 13.65
C PRO F 285 -17.00 47.41 14.09
N ASN F 286 -17.80 46.89 13.17
CA ASN F 286 -18.87 45.97 13.50
C ASN F 286 -18.46 44.51 13.36
N VAL F 287 -17.15 44.22 13.35
CA VAL F 287 -16.65 42.85 13.28
C VAL F 287 -15.84 42.59 14.54
N ARG F 288 -16.25 41.58 15.29
CA ARG F 288 -15.60 41.20 16.53
C ARG F 288 -15.23 39.73 16.47
N THR F 289 -14.04 39.38 16.95
CA THR F 289 -13.54 38.02 16.86
C THR F 289 -13.41 37.40 18.25
N LEU F 290 -13.81 36.14 18.35
CA LEU F 290 -13.63 35.36 19.56
C LEU F 290 -12.31 34.60 19.49
N THR F 291 -12.09 33.66 20.40
CA THR F 291 -10.87 32.87 20.38
C THR F 291 -11.19 31.43 20.73
N LEU F 292 -10.57 30.51 19.98
CA LEU F 292 -10.68 29.08 20.20
C LEU F 292 -9.46 28.51 20.89
N SER F 293 -8.58 29.36 21.41
CA SER F 293 -7.30 28.89 21.95
C SER F 293 -7.50 28.01 23.17
N GLY F 294 -8.46 28.35 24.04
CA GLY F 294 -8.69 27.54 25.21
C GLY F 294 -9.19 26.15 24.86
N MET F 295 -10.18 26.07 23.97
CA MET F 295 -10.72 24.77 23.58
C MET F 295 -9.67 23.94 22.84
N LEU F 296 -8.91 24.57 21.96
CA LEU F 296 -7.88 23.84 21.22
C LEU F 296 -6.78 23.36 22.16
N ALA F 297 -6.40 24.17 23.15
CA ALA F 297 -5.39 23.74 24.12
C ALA F 297 -5.90 22.56 24.93
N GLU F 298 -7.15 22.61 25.39
CA GLU F 298 -7.71 21.49 26.13
C GLU F 298 -7.77 20.24 25.26
N ALA F 299 -8.16 20.39 24.00
CA ALA F 299 -8.22 19.25 23.10
C ALA F 299 -6.83 18.64 22.86
N ILE F 300 -5.81 19.49 22.70
CA ILE F 300 -4.46 19.00 22.52
C ILE F 300 -4.00 18.24 23.76
N ARG F 301 -4.25 18.81 24.94
CA ARG F 301 -3.86 18.15 26.18
C ARG F 301 -4.56 16.81 26.35
N ARG F 302 -5.84 16.74 25.96
CA ARG F 302 -6.57 15.49 26.11
C ARG F 302 -6.17 14.46 25.08
N ILE F 303 -5.79 14.89 23.87
CA ILE F 303 -5.32 13.95 22.87
C ILE F 303 -3.97 13.37 23.29
N SER F 304 -3.10 14.21 23.85
CA SER F 304 -1.79 13.72 24.27
C SER F 304 -1.90 12.70 25.40
N ASN F 305 -2.82 12.92 26.34
CA ASN F 305 -2.96 12.07 27.51
C ASN F 305 -4.00 10.97 27.34
N GLU F 306 -4.59 10.85 26.15
CA GLU F 306 -5.60 9.83 25.85
C GLU F 306 -6.81 9.95 26.76
N GLU F 307 -7.33 11.17 26.89
CA GLU F 307 -8.56 11.41 27.63
C GLU F 307 -9.71 11.68 26.67
N SER F 308 -10.92 11.64 27.22
CA SER F 308 -12.12 11.77 26.39
C SER F 308 -12.26 13.18 25.85
N ILE F 309 -12.20 13.33 24.53
CA ILE F 309 -12.48 14.62 23.91
C ILE F 309 -13.95 14.94 23.99
N SER F 310 -14.81 13.94 23.79
CA SER F 310 -16.26 14.19 23.80
C SER F 310 -16.74 14.62 25.18
N ALA F 311 -16.04 14.23 26.23
CA ALA F 311 -16.40 14.67 27.57
C ALA F 311 -16.16 16.16 27.78
N MET F 312 -15.43 16.81 26.88
CA MET F 312 -15.22 18.25 26.95
C MET F 312 -16.46 19.04 26.56
N PHE F 313 -17.35 18.46 25.76
CA PHE F 313 -18.49 19.18 25.20
C PHE F 313 -19.83 18.79 25.79
N GLU F 314 -19.89 17.81 26.70
CA GLU F 314 -21.15 17.38 27.27
C GLU F 314 -20.97 16.99 28.73
N HIS F 315 -22.07 17.05 29.46
CA HIS F 315 -22.07 16.70 30.88
C HIS F 315 -21.99 15.18 31.08
P PO4 G . 14.43 3.18 -24.46
O1 PO4 G . 15.13 4.30 -23.72
O2 PO4 G . 14.57 1.91 -23.67
O3 PO4 G . 12.97 3.53 -24.61
O4 PO4 G . 15.05 3.01 -25.81
P PO4 H . 14.99 -36.36 0.95
O1 PO4 H . 15.04 -37.04 2.29
O2 PO4 H . 16.40 -36.18 0.43
O3 PO4 H . 14.34 -35.00 1.10
O4 PO4 H . 14.20 -37.19 -0.03
P PO4 I . -7.55 -21.00 -17.96
O1 PO4 I . -6.79 -21.89 -17.02
O2 PO4 I . -8.61 -20.26 -17.21
O3 PO4 I . -6.61 -20.03 -18.61
O4 PO4 I . -8.19 -21.85 -19.02
P PO4 J . -13.84 10.17 22.81
O1 PO4 J . -14.45 10.38 24.17
O2 PO4 J . -14.09 8.76 22.37
O3 PO4 J . -12.36 10.42 22.90
O4 PO4 J . -14.46 11.13 21.83
P PO4 K . -17.96 -34.10 7.60
O1 PO4 K . -17.23 -34.75 8.75
O2 PO4 K . -19.35 -33.69 8.04
O3 PO4 K . -17.20 -32.89 7.13
O4 PO4 K . -18.08 -35.09 6.46
P PO4 L . 5.90 -16.54 22.51
O1 PO4 L . 6.48 -17.16 23.75
O2 PO4 L . 7.02 -16.09 21.61
O3 PO4 L . 5.05 -15.36 22.88
O4 PO4 L . 5.06 -17.56 21.79
P PO4 M . 38.84 0.75 -6.20
O1 PO4 M . 39.43 1.73 -5.22
O2 PO4 M . 39.29 -0.65 -5.86
O3 PO4 M . 37.33 0.82 -6.14
O4 PO4 M . 39.30 1.10 -7.60
P PO4 N . 18.60 13.58 16.90
O1 PO4 N . 19.27 14.41 17.96
O2 PO4 N . 17.41 14.33 16.36
O3 PO4 N . 18.15 12.27 17.49
O4 PO4 N . 19.58 13.33 15.78
P PO4 O . 23.25 30.65 -8.09
O1 PO4 O . 24.25 31.04 -7.03
O2 PO4 O . 22.28 31.78 -8.31
O3 PO4 O . 22.49 29.42 -7.62
O4 PO4 O . 23.96 30.34 -9.38
P PO4 P . -17.63 10.65 -19.83
O1 PO4 P . -18.61 10.75 -18.69
O2 PO4 P . -16.38 11.40 -19.48
O3 PO4 P . -17.31 9.20 -20.09
O4 PO4 P . -18.23 11.25 -21.07
P PO4 Q . -38.48 5.51 5.47
O1 PO4 Q . -38.89 6.23 6.73
O2 PO4 Q . -39.05 4.12 5.47
O3 PO4 Q . -36.98 5.45 5.40
O4 PO4 Q . -39.00 6.26 4.27
P PO4 R . -20.59 33.53 0.31
O1 PO4 R . -21.32 33.59 1.63
O2 PO4 R . -19.53 34.59 0.26
O3 PO4 R . -19.95 32.17 0.16
O4 PO4 R . -21.56 33.73 -0.83
#